data_2ET8
# 
_entry.id   2ET8 
# 
_audit_conform.dict_name       mmcif_pdbx.dic 
_audit_conform.dict_version    5.376 
_audit_conform.dict_location   http://mmcif.pdb.org/dictionaries/ascii/mmcif_pdbx.dic 
# 
loop_
_database_2.database_id 
_database_2.database_code 
_database_2.pdbx_database_accession 
_database_2.pdbx_DOI 
PDB   2ET8         pdb_00002et8 10.2210/pdb2et8/pdb 
NDB   DR0018       ?            ?                   
RCSB  RCSB035063   ?            ?                   
WWPDB D_1000035063 ?            ?                   
# 
_pdbx_database_related.db_name        PDB 
_pdbx_database_related.db_id          1J7T 
_pdbx_database_related.details        'COMPLEX BETWEEN PAROMOMYCIN AND THE 16S-RRNA A-SITE AT 2.5A RESOLUTION' 
_pdbx_database_related.content_type   unspecified 
# 
_pdbx_database_status.status_code                     REL 
_pdbx_database_status.entry_id                        2ET8 
_pdbx_database_status.recvd_initial_deposition_date   2005-10-27 
_pdbx_database_status.deposit_site                    RCSB 
_pdbx_database_status.process_site                    RCSB 
_pdbx_database_status.status_code_sf                  REL 
_pdbx_database_status.status_code_mr                  ? 
_pdbx_database_status.SG_entry                        ? 
_pdbx_database_status.pdb_format_compatible           Y 
_pdbx_database_status.status_code_cs                  ? 
_pdbx_database_status.status_code_nmr_data            ? 
_pdbx_database_status.methods_development_category    ? 
# 
_audit_author.name           'Westhof, E.' 
_audit_author.pdbx_ordinal   1 
# 
_citation.id                        primary 
_citation.title                     
;Crystal structures of complexes between aminoglycosides and decoding A site oligonucleotides: role of the number of rings and positive charges in the specific binding leading to miscoding.
;
_citation.journal_abbrev            'Nucleic Acids Res.' 
_citation.journal_volume            33 
_citation.page_first                5677 
_citation.page_last                 5690 
_citation.year                      2005 
_citation.journal_id_ASTM           NARHAD 
_citation.country                   UK 
_citation.journal_id_ISSN           0305-1048 
_citation.journal_id_CSD            0389 
_citation.book_publisher            ? 
_citation.pdbx_database_id_PubMed   16214802 
_citation.pdbx_database_id_DOI      10.1093/nar/gki862 
# 
loop_
_citation_author.citation_id 
_citation_author.name 
_citation_author.ordinal 
_citation_author.identifier_ORCID 
primary 'Francois, B.'  1 ? 
primary 'Russell, R.J.' 2 ? 
primary 'Murray, J.B.'  3 ? 
primary 'Aboul-ela, F.' 4 ? 
primary 'Masquida, B.'  5 ? 
primary 'Vicens, Q.'    6 ? 
primary 'Westhof, E.'   7 ? 
# 
_cell.entry_id           2ET8 
_cell.length_a           33.055 
_cell.length_b           47.310 
_cell.length_c           85.343 
_cell.angle_alpha        90.00 
_cell.angle_beta         90.00 
_cell.angle_gamma        90.00 
_cell.Z_PDB              8 
_cell.pdbx_unique_axis   ? 
# 
_symmetry.entry_id                         2ET8 
_symmetry.space_group_name_H-M             'P 21 21 21' 
_symmetry.pdbx_full_space_group_name_H-M   ? 
_symmetry.cell_setting                     ? 
_symmetry.Int_Tables_number                19 
_symmetry.space_group_name_Hall            ? 
# 
loop_
_entity.id 
_entity.type 
_entity.src_method 
_entity.pdbx_description 
_entity.formula_weight 
_entity.pdbx_number_of_molecules 
_entity.pdbx_ec 
_entity.pdbx_mutation 
_entity.pdbx_fragment 
_entity.details 
1 polymer     syn "5'-R(*CP*GP*CP*GP*UP*CP*AP*CP*AP*CP*CP*GP*GP*UP*GP*AP*AP*GP*UP*CP*GP*C)-3'"                           7048.259 
2  ? ? ? ? 
2 non-polymer syn '(1R,2R,3S,4R,6S)-4,6-diamino-2,3-dihydroxycyclohexyl 2,6-diamino-2,6-dideoxy-alpha-D-glucopyranoside' 322.358  
1  ? ? ? ? 
3 water       nat water                                                                                                  18.015   
21 ? ? ? ? 
# 
_entity_poly.entity_id                      1 
_entity_poly.type                           polyribonucleotide 
_entity_poly.nstd_linkage                   no 
_entity_poly.nstd_monomer                   no 
_entity_poly.pdbx_seq_one_letter_code       CGCGUCACACCGGUGAAGUCGC 
_entity_poly.pdbx_seq_one_letter_code_can   CGCGUCACACCGGUGAAGUCGC 
_entity_poly.pdbx_strand_id                 A,B 
_entity_poly.pdbx_target_identifier         ? 
# 
loop_
_entity_poly_seq.entity_id 
_entity_poly_seq.num 
_entity_poly_seq.mon_id 
_entity_poly_seq.hetero 
1 1  C n 
1 2  G n 
1 3  C n 
1 4  G n 
1 5  U n 
1 6  C n 
1 7  A n 
1 8  C n 
1 9  A n 
1 10 C n 
1 11 C n 
1 12 G n 
1 13 G n 
1 14 U n 
1 15 G n 
1 16 A n 
1 17 A n 
1 18 G n 
1 19 U n 
1 20 C n 
1 21 G n 
1 22 C n 
# 
_pdbx_entity_src_syn.entity_id              1 
_pdbx_entity_src_syn.pdbx_src_id            1 
_pdbx_entity_src_syn.pdbx_alt_source_flag   sample 
_pdbx_entity_src_syn.pdbx_beg_seq_num       ? 
_pdbx_entity_src_syn.pdbx_end_seq_num       ? 
_pdbx_entity_src_syn.organism_scientific    ? 
_pdbx_entity_src_syn.organism_common_name   ? 
_pdbx_entity_src_syn.ncbi_taxonomy_id       ? 
_pdbx_entity_src_syn.details                'ESCHERICHIA COLI 16S RRNA A SITE' 
# 
_struct_ref.id                         1 
_struct_ref.entity_id                  1 
_struct_ref.db_name                    PDB 
_struct_ref.db_code                    2ET8 
_struct_ref.pdbx_db_accession          2ET8 
_struct_ref.pdbx_db_isoform            ? 
_struct_ref.pdbx_seq_one_letter_code   ? 
_struct_ref.pdbx_align_begin           ? 
# 
loop_
_struct_ref_seq.align_id 
_struct_ref_seq.ref_id 
_struct_ref_seq.pdbx_PDB_id_code 
_struct_ref_seq.pdbx_strand_id 
_struct_ref_seq.seq_align_beg 
_struct_ref_seq.pdbx_seq_align_beg_ins_code 
_struct_ref_seq.seq_align_end 
_struct_ref_seq.pdbx_seq_align_end_ins_code 
_struct_ref_seq.pdbx_db_accession 
_struct_ref_seq.db_align_beg 
_struct_ref_seq.pdbx_db_align_beg_ins_code 
_struct_ref_seq.db_align_end 
_struct_ref_seq.pdbx_db_align_end_ins_code 
_struct_ref_seq.pdbx_auth_seq_align_beg 
_struct_ref_seq.pdbx_auth_seq_align_end 
1 1 2ET8 A 1 ? 22 ? 2ET8 1  ? 22 ? 1  22 
2 1 2ET8 B 1 ? 22 ? 2ET8 24 ? 45 ? 24 45 
# 
loop_
_chem_comp.id 
_chem_comp.type 
_chem_comp.mon_nstd_flag 
_chem_comp.name 
_chem_comp.pdbx_synonyms 
_chem_comp.formula 
_chem_comp.formula_weight 
A   'RNA linking' y "ADENOSINE-5'-MONOPHOSPHATE"                                                                           ? 
'C10 H14 N5 O7 P' 347.221 
C   'RNA linking' y "CYTIDINE-5'-MONOPHOSPHATE"                                                                            ? 
'C9 H14 N3 O8 P'  323.197 
G   'RNA linking' y "GUANOSINE-5'-MONOPHOSPHATE"                                                                           ? 
'C10 H14 N5 O8 P' 363.221 
HOH non-polymer   . WATER                                                                                                  ? 
'H2 O'            18.015  
U   'RNA linking' y "URIDINE-5'-MONOPHOSPHATE"                                                                             ? 
'C9 H13 N2 O9 P'  324.181 
XXX D-saccharide  . '(1R,2R,3S,4R,6S)-4,6-diamino-2,3-dihydroxycyclohexyl 2,6-diamino-2,6-dideoxy-alpha-D-glucopyranoside' 
;(2R,3S,4R,5R,6R)-6-((1R,2R,3S,4R,6S)-4,6-DIAMINO-2,3-DIHYDROXYCYCLOHEXYLOXY)-5-AMINO-2-(AMINOMETHYL)-TETRAHYDRO-2H-PYRA N-3,4-DIOL; NEOMYCIN A; NEAMINE; (1R,2R,3S,4R,6S)-4,6-diamino-2,3-dihydroxycyclohexyl 2,6-diamino-2,6-dideoxy-alpha-D-glucoside; (1R,2R,3S,4R,6S)-4,6-diamino-2,3-dihydroxycyclohexyl 2,6-diamino-2,6-dideoxy-D-glucoside; (1R,2R,3S,4R,6S)-4,6-diamino-2,3-dihydroxycyclohexyl 2,6-diamino-2,6-dideoxy-glucoside
;
'C12 H26 N4 O6'   322.358 
# 
_exptl.entry_id          2ET8 
_exptl.method            'X-RAY DIFFRACTION' 
_exptl.crystals_number   1 
# 
_exptl_crystal.id                    1 
_exptl_crystal.density_meas          ? 
_exptl_crystal.density_Matthews      2.37 
_exptl_crystal.density_percent_sol   48.03 
_exptl_crystal.description           ? 
_exptl_crystal.F_000                 ? 
_exptl_crystal.preparation           ? 
# 
_exptl_crystal_grow.crystal_id      1 
_exptl_crystal_grow.method          'VAPOR DIFFUSION, HANGING DROP' 
_exptl_crystal_grow.temp            310 
_exptl_crystal_grow.temp_details    ? 
_exptl_crystal_grow.pH              6.4 
_exptl_crystal_grow.pdbx_details    
'MPD, NACL, MGSO4, GLYCEROL, NA CACODYLATE, pH 6.4, VAPOR DIFFUSION, HANGING DROP, temperature 310K' 
_exptl_crystal_grow.pdbx_pH_range   . 
# 
loop_
_exptl_crystal_grow_comp.crystal_id 
_exptl_crystal_grow_comp.id 
_exptl_crystal_grow_comp.sol_id 
_exptl_crystal_grow_comp.name 
_exptl_crystal_grow_comp.volume 
_exptl_crystal_grow_comp.conc 
_exptl_crystal_grow_comp.details 
1 1  1 MPD             ? ? ? 
1 2  1 NACL            ? ? ? 
1 3  1 MGSO4           ? ? ? 
1 4  1 GLYCEROL        ? ? ? 
1 5  1 'NA CACODYLATE' ? ? ? 
1 6  1 H2O             ? ? ? 
1 7  2 MPD             ? ? ? 
1 8  2 NACL            ? ? ? 
1 9  2 MGSO4           ? ? ? 
1 10 2 'NA CACODYLATE' ? ? ? 
# 
_diffrn.id                     1 
_diffrn.ambient_temp           110 
_diffrn.ambient_temp_details   ? 
_diffrn.crystal_id             1 
# 
_diffrn_detector.diffrn_id              1 
_diffrn_detector.detector               CCD 
_diffrn_detector.type                   ? 
_diffrn_detector.pdbx_collection_date   ? 
_diffrn_detector.details                ? 
# 
_diffrn_radiation.diffrn_id                        1 
_diffrn_radiation.wavelength_id                    1 
_diffrn_radiation.pdbx_monochromatic_or_laue_m_l   M 
_diffrn_radiation.monochromator                    ? 
_diffrn_radiation.pdbx_diffrn_protocol             'SINGLE WAVELENGTH' 
_diffrn_radiation.pdbx_scattering_type             x-ray 
# 
_diffrn_radiation_wavelength.id           1 
_diffrn_radiation_wavelength.wavelength   0.936 
_diffrn_radiation_wavelength.wt           1.0 
# 
_diffrn_source.diffrn_id                   1 
_diffrn_source.source                      SYNCHROTRON 
_diffrn_source.type                        'ESRF BEAMLINE ID29' 
_diffrn_source.pdbx_synchrotron_site       ESRF 
_diffrn_source.pdbx_synchrotron_beamline   ID29 
_diffrn_source.pdbx_wavelength             ? 
_diffrn_source.pdbx_wavelength_list        0.936 
# 
_reflns.entry_id                     2ET8 
_reflns.observed_criterion_sigma_I   5 
_reflns.observed_criterion_sigma_F   5 
_reflns.d_resolution_low             50 
_reflns.d_resolution_high            2.4 
_reflns.number_obs                   6000 
_reflns.number_all                   6000 
_reflns.percent_possible_obs         ? 
_reflns.pdbx_Rmerge_I_obs            ? 
_reflns.pdbx_Rsym_value              ? 
_reflns.pdbx_netI_over_sigmaI        ? 
_reflns.B_iso_Wilson_estimate        ? 
_reflns.pdbx_redundancy              ? 
_reflns.R_free_details               ? 
_reflns.pdbx_chi_squared             ? 
_reflns.pdbx_scaling_rejects         ? 
_reflns.pdbx_diffrn_id               1 
_reflns.pdbx_ordinal                 1 
# 
_refine.entry_id                                 2ET8 
_refine.ls_number_reflns_obs                     4239 
_refine.ls_number_reflns_all                     4982 
_refine.pdbx_ls_sigma_I                          ? 
_refine.pdbx_ls_sigma_F                          1.0 
_refine.pdbx_data_cutoff_high_absF               ? 
_refine.pdbx_data_cutoff_low_absF                ? 
_refine.pdbx_data_cutoff_high_rms_absF           ? 
_refine.ls_d_res_low                             50.0 
_refine.ls_d_res_high                            2.5 
_refine.ls_percent_reflns_obs                    85.1 
_refine.ls_R_factor_obs                          0.265 
_refine.ls_R_factor_all                          ? 
_refine.ls_R_factor_R_work                       0.265 
_refine.ls_R_factor_R_free                       0.2801 
_refine.ls_R_factor_R_free_error                 ? 
_refine.ls_R_factor_R_free_error_details         ? 
_refine.ls_percent_reflns_R_free                 ? 
_refine.ls_number_reflns_R_free                  408 
_refine.ls_number_parameters                     ? 
_refine.ls_number_restraints                     ? 
_refine.occupancy_min                            ? 
_refine.occupancy_max                            ? 
_refine.correlation_coeff_Fo_to_Fc               ? 
_refine.correlation_coeff_Fo_to_Fc_free          ? 
_refine.B_iso_mean                               ? 
_refine.aniso_B[1][1]                            ? 
_refine.aniso_B[2][2]                            ? 
_refine.aniso_B[3][3]                            ? 
_refine.aniso_B[1][2]                            ? 
_refine.aniso_B[1][3]                            ? 
_refine.aniso_B[2][3]                            ? 
_refine.solvent_model_details                    ? 
_refine.solvent_model_param_ksol                 ? 
_refine.solvent_model_param_bsol                 ? 
_refine.pdbx_solvent_vdw_probe_radii             ? 
_refine.pdbx_solvent_ion_probe_radii             ? 
_refine.pdbx_solvent_shrinkage_radii             ? 
_refine.pdbx_ls_cross_valid_method               ? 
_refine.details                                  ? 
_refine.pdbx_starting_model                      'PDB Entry: 1J7T' 
_refine.pdbx_method_to_determine_struct          'MOLECULAR REPLACEMENT' 
_refine.pdbx_isotropic_thermal_model             ? 
_refine.pdbx_stereochemistry_target_values       
;G. PARKINSON, J. VOJTECHOVSKY, L. CLOWNEY,A.T. BRUNGER, H.M. BERMAN, NEW PARAMETERSFOR THE REFINEMENT OF NUCLEIC ACID CONTAINING STRUCTURES, ACTA CRYST. D, 52,57-64 (1996)
;
_refine.pdbx_stereochem_target_val_spec_case     ? 
_refine.pdbx_R_Free_selection_details            RANDOM 
_refine.pdbx_overall_ESU_R                       ? 
_refine.pdbx_overall_ESU_R_Free                  ? 
_refine.overall_SU_ML                            ? 
_refine.overall_SU_B                             ? 
_refine.ls_redundancy_reflns_obs                 ? 
_refine.overall_SU_R_Cruickshank_DPI             ? 
_refine.overall_SU_R_free                        ? 
_refine.ls_wR_factor_R_free                      ? 
_refine.ls_wR_factor_R_work                      ? 
_refine.overall_FOM_free_R_set                   ? 
_refine.overall_FOM_work_R_set                   ? 
_refine.pdbx_refine_id                           'X-RAY DIFFRACTION' 
_refine.pdbx_diffrn_id                           1 
_refine.pdbx_TLS_residual_ADP_flag               ? 
_refine.pdbx_overall_phase_error                 ? 
_refine.pdbx_overall_SU_R_free_Cruickshank_DPI   ? 
_refine.pdbx_overall_SU_R_Blow_DPI               ? 
_refine.pdbx_overall_SU_R_free_Blow_DPI          ? 
# 
_refine_analyze.entry_id                        2ET8 
_refine_analyze.Luzzati_coordinate_error_obs    0.50 
_refine_analyze.Luzzati_sigma_a_obs             0.70 
_refine_analyze.Luzzati_d_res_low_obs           5.0 
_refine_analyze.Luzzati_coordinate_error_free   0.50 
_refine_analyze.Luzzati_sigma_a_free            0.64 
_refine_analyze.Luzzati_d_res_low_free          ? 
_refine_analyze.number_disordered_residues      ? 
_refine_analyze.occupancy_sum_hydrogen          ? 
_refine_analyze.occupancy_sum_non_hydrogen      ? 
_refine_analyze.pdbx_refine_id                  'X-RAY DIFFRACTION' 
# 
_refine_hist.pdbx_refine_id                   'X-RAY DIFFRACTION' 
_refine_hist.cycle_id                         LAST 
_refine_hist.pdbx_number_atoms_protein        0 
_refine_hist.pdbx_number_atoms_nucleic_acid   898 
_refine_hist.pdbx_number_atoms_ligand         22 
_refine_hist.number_atoms_solvent             21 
_refine_hist.number_atoms_total               941 
_refine_hist.d_res_high                       2.5 
_refine_hist.d_res_low                        50.0 
# 
loop_
_refine_ls_restr.type 
_refine_ls_restr.dev_ideal 
_refine_ls_restr.dev_ideal_target 
_refine_ls_restr.weight 
_refine_ls_restr.number 
_refine_ls_restr.pdbx_refine_id 
_refine_ls_restr.pdbx_restraint_function 
c_bond_d           0.0059 ? ? ? 'X-RAY DIFFRACTION' ? 
c_angle_d          1.1550 ? ? ? 'X-RAY DIFFRACTION' ? 
c_dihedral_angle_d 15.504 ? ? ? 'X-RAY DIFFRACTION' ? 
c_improper_angle_d 1.4856 ? ? ? 'X-RAY DIFFRACTION' ? 
# 
_struct.entry_id                  2ET8 
_struct.title                     'Complex Between Neamine and the 16S-RRNA A-Site' 
_struct.pdbx_model_details        ? 
_struct.pdbx_CASP_flag            ? 
_struct.pdbx_model_type_details   ? 
# 
_struct_keywords.entry_id        2ET8 
_struct_keywords.pdbx_keywords   RNA 
_struct_keywords.text            'RNA-AMINOGLYCOSIDE INTERACTIONS, A SITE, UOU PAIRS, AA BULGES, RNA' 
# 
loop_
_struct_asym.id 
_struct_asym.pdbx_blank_PDB_chainid_flag 
_struct_asym.pdbx_modified 
_struct_asym.entity_id 
_struct_asym.details 
A N N 1 ? 
B N N 1 ? 
C N N 2 ? 
D N N 3 ? 
E N N 3 ? 
# 
loop_
_struct_conn.id 
_struct_conn.conn_type_id 
_struct_conn.pdbx_leaving_atom_flag 
_struct_conn.pdbx_PDB_id 
_struct_conn.ptnr1_label_asym_id 
_struct_conn.ptnr1_label_comp_id 
_struct_conn.ptnr1_label_seq_id 
_struct_conn.ptnr1_label_atom_id 
_struct_conn.pdbx_ptnr1_label_alt_id 
_struct_conn.pdbx_ptnr1_PDB_ins_code 
_struct_conn.pdbx_ptnr1_standard_comp_id 
_struct_conn.ptnr1_symmetry 
_struct_conn.ptnr2_label_asym_id 
_struct_conn.ptnr2_label_comp_id 
_struct_conn.ptnr2_label_seq_id 
_struct_conn.ptnr2_label_atom_id 
_struct_conn.pdbx_ptnr2_label_alt_id 
_struct_conn.pdbx_ptnr2_PDB_ins_code 
_struct_conn.ptnr1_auth_asym_id 
_struct_conn.ptnr1_auth_comp_id 
_struct_conn.ptnr1_auth_seq_id 
_struct_conn.ptnr2_auth_asym_id 
_struct_conn.ptnr2_auth_comp_id 
_struct_conn.ptnr2_auth_seq_id 
_struct_conn.ptnr2_symmetry 
_struct_conn.pdbx_ptnr3_label_atom_id 
_struct_conn.pdbx_ptnr3_label_seq_id 
_struct_conn.pdbx_ptnr3_label_comp_id 
_struct_conn.pdbx_ptnr3_label_asym_id 
_struct_conn.pdbx_ptnr3_label_alt_id 
_struct_conn.pdbx_ptnr3_PDB_ins_code 
_struct_conn.details 
_struct_conn.pdbx_dist_value 
_struct_conn.pdbx_value_order 
_struct_conn.pdbx_role 
hydrog1  hydrog ? ? A G 2  N1 ? ? ? 1_555 B C 22 N3 ? ? A G 2  B C 45 1_555 ? ? ? ? ? ? WATSON-CRICK  ? ? ? 
hydrog2  hydrog ? ? A G 2  N2 ? ? ? 1_555 B C 22 O2 ? ? A G 2  B C 45 1_555 ? ? ? ? ? ? WATSON-CRICK  ? ? ? 
hydrog3  hydrog ? ? A G 2  O6 ? ? ? 1_555 B C 22 N4 ? ? A G 2  B C 45 1_555 ? ? ? ? ? ? WATSON-CRICK  ? ? ? 
hydrog4  hydrog ? ? A C 3  N3 ? ? ? 1_555 B G 21 N1 ? ? A C 3  B G 44 1_555 ? ? ? ? ? ? WATSON-CRICK  ? ? ? 
hydrog5  hydrog ? ? A C 3  N4 ? ? ? 1_555 B G 21 O6 ? ? A C 3  B G 44 1_555 ? ? ? ? ? ? WATSON-CRICK  ? ? ? 
hydrog6  hydrog ? ? A C 3  O2 ? ? ? 1_555 B G 21 N2 ? ? A C 3  B G 44 1_555 ? ? ? ? ? ? WATSON-CRICK  ? ? ? 
hydrog7  hydrog ? ? A G 4  N1 ? ? ? 1_555 B C 20 N3 ? ? A G 4  B C 43 1_555 ? ? ? ? ? ? WATSON-CRICK  ? ? ? 
hydrog8  hydrog ? ? A G 4  N2 ? ? ? 1_555 B C 20 O2 ? ? A G 4  B C 43 1_555 ? ? ? ? ? ? WATSON-CRICK  ? ? ? 
hydrog9  hydrog ? ? A G 4  O6 ? ? ? 1_555 B C 20 N4 ? ? A G 4  B C 43 1_555 ? ? ? ? ? ? WATSON-CRICK  ? ? ? 
hydrog10 hydrog ? ? A C 6  N3 ? ? ? 1_555 B G 18 N1 ? ? A C 6  B G 41 1_555 ? ? ? ? ? ? WATSON-CRICK  ? ? ? 
hydrog11 hydrog ? ? A C 6  N4 ? ? ? 1_555 B G 18 O6 ? ? A C 6  B G 41 1_555 ? ? ? ? ? ? WATSON-CRICK  ? ? ? 
hydrog12 hydrog ? ? A C 6  O2 ? ? ? 1_555 B G 18 N2 ? ? A C 6  B G 41 1_555 ? ? ? ? ? ? WATSON-CRICK  ? ? ? 
hydrog13 hydrog ? ? A C 8  N3 ? ? ? 1_555 B G 15 N1 ? ? A C 8  B G 38 1_555 ? ? ? ? ? ? WATSON-CRICK  ? ? ? 
hydrog14 hydrog ? ? A C 8  N4 ? ? ? 1_555 B G 15 O6 ? ? A C 8  B G 38 1_555 ? ? ? ? ? ? WATSON-CRICK  ? ? ? 
hydrog15 hydrog ? ? A C 8  O2 ? ? ? 1_555 B G 15 N2 ? ? A C 8  B G 38 1_555 ? ? ? ? ? ? WATSON-CRICK  ? ? ? 
hydrog16 hydrog ? ? A A 9  N1 ? ? ? 1_555 B U 14 N3 ? ? A A 9  B U 37 1_555 ? ? ? ? ? ? WATSON-CRICK  ? ? ? 
hydrog17 hydrog ? ? A A 9  N6 ? ? ? 1_555 B U 14 O4 ? ? A A 9  B U 37 1_555 ? ? ? ? ? ? WATSON-CRICK  ? ? ? 
hydrog18 hydrog ? ? A C 10 N3 ? ? ? 1_555 B G 13 N1 ? ? A C 10 B G 36 1_555 ? ? ? ? ? ? WATSON-CRICK  ? ? ? 
hydrog19 hydrog ? ? A C 10 N4 ? ? ? 1_555 B G 13 O6 ? ? A C 10 B G 36 1_555 ? ? ? ? ? ? WATSON-CRICK  ? ? ? 
hydrog20 hydrog ? ? A C 10 O2 ? ? ? 1_555 B G 13 N2 ? ? A C 10 B G 36 1_555 ? ? ? ? ? ? WATSON-CRICK  ? ? ? 
hydrog21 hydrog ? ? A C 11 N3 ? ? ? 1_555 B G 12 N1 ? ? A C 11 B G 35 1_555 ? ? ? ? ? ? WATSON-CRICK  ? ? ? 
hydrog22 hydrog ? ? A C 11 N4 ? ? ? 1_555 B G 12 O6 ? ? A C 11 B G 35 1_555 ? ? ? ? ? ? WATSON-CRICK  ? ? ? 
hydrog23 hydrog ? ? A C 11 O2 ? ? ? 1_555 B G 12 N2 ? ? A C 11 B G 35 1_555 ? ? ? ? ? ? WATSON-CRICK  ? ? ? 
hydrog24 hydrog ? ? A G 12 N1 ? ? ? 1_555 B C 11 N3 ? ? A G 12 B C 34 1_555 ? ? ? ? ? ? WATSON-CRICK  ? ? ? 
hydrog25 hydrog ? ? A G 12 N2 ? ? ? 1_555 B C 11 O2 ? ? A G 12 B C 34 1_555 ? ? ? ? ? ? WATSON-CRICK  ? ? ? 
hydrog26 hydrog ? ? A G 12 O6 ? ? ? 1_555 B C 11 N4 ? ? A G 12 B C 34 1_555 ? ? ? ? ? ? WATSON-CRICK  ? ? ? 
hydrog27 hydrog ? ? A G 13 N1 ? ? ? 1_555 B C 10 N3 ? ? A G 13 B C 33 1_555 ? ? ? ? ? ? WATSON-CRICK  ? ? ? 
hydrog28 hydrog ? ? A G 13 N2 ? ? ? 1_555 B C 10 O2 ? ? A G 13 B C 33 1_555 ? ? ? ? ? ? WATSON-CRICK  ? ? ? 
hydrog29 hydrog ? ? A G 13 O6 ? ? ? 1_555 B C 10 N4 ? ? A G 13 B C 33 1_555 ? ? ? ? ? ? WATSON-CRICK  ? ? ? 
hydrog30 hydrog ? ? A U 14 N3 ? ? ? 1_555 B A 9  N1 ? ? A U 14 B A 32 1_555 ? ? ? ? ? ? WATSON-CRICK  ? ? ? 
hydrog31 hydrog ? ? A U 14 O4 ? ? ? 1_555 B A 9  N6 ? ? A U 14 B A 32 1_555 ? ? ? ? ? ? WATSON-CRICK  ? ? ? 
hydrog32 hydrog ? ? A G 15 N2 ? ? ? 1_555 A A 17 N1 ? ? A G 15 A A 17 1_555 ? ? ? ? ? ? 'G-A MISPAIR' ? ? ? 
hydrog33 hydrog ? ? A G 15 O6 ? ? ? 1_555 B A 7  N6 ? ? A G 15 B A 30 1_555 ? ? ? ? ? ? 'G-A MISPAIR' ? ? ? 
hydrog34 hydrog ? ? A G 15 N1 ? ? ? 1_555 B C 8  N3 ? ? A G 15 B C 31 1_555 ? ? ? ? ? ? WATSON-CRICK  ? ? ? 
hydrog35 hydrog ? ? A G 15 N2 ? ? ? 1_555 B C 8  O2 ? ? A G 15 B C 31 1_555 ? ? ? ? ? ? WATSON-CRICK  ? ? ? 
hydrog36 hydrog ? ? A G 15 O6 ? ? ? 1_555 B C 8  N4 ? ? A G 15 B C 31 1_555 ? ? ? ? ? ? WATSON-CRICK  ? ? ? 
hydrog37 hydrog ? ? A A 17 N6 ? ? ? 1_555 B A 7  N1 ? ? A A 17 B A 30 1_555 ? ? ? ? ? ? 'A-A MISPAIR' ? ? ? 
hydrog38 hydrog ? ? A G 18 N1 ? ? ? 1_555 B C 6  N3 ? ? A G 18 B C 29 1_555 ? ? ? ? ? ? WATSON-CRICK  ? ? ? 
hydrog39 hydrog ? ? A G 18 N2 ? ? ? 1_555 B C 6  O2 ? ? A G 18 B C 29 1_555 ? ? ? ? ? ? WATSON-CRICK  ? ? ? 
hydrog40 hydrog ? ? A G 18 O6 ? ? ? 1_555 B C 6  N4 ? ? A G 18 B C 29 1_555 ? ? ? ? ? ? WATSON-CRICK  ? ? ? 
hydrog41 hydrog ? ? A U 19 N3 ? ? ? 1_555 B U 5  O2 ? ? A U 19 B U 28 1_555 ? ? ? ? ? ? TYPE_16_PAIR  ? ? ? 
hydrog42 hydrog ? ? A U 19 O4 ? ? ? 1_555 B U 5  N3 ? ? A U 19 B U 28 1_555 ? ? ? ? ? ? TYPE_16_PAIR  ? ? ? 
hydrog43 hydrog ? ? A C 20 N3 ? ? ? 1_555 B G 4  N1 ? ? A C 20 B G 27 1_555 ? ? ? ? ? ? WATSON-CRICK  ? ? ? 
hydrog44 hydrog ? ? A C 20 N4 ? ? ? 1_555 B G 4  O6 ? ? A C 20 B G 27 1_555 ? ? ? ? ? ? WATSON-CRICK  ? ? ? 
hydrog45 hydrog ? ? A C 20 O2 ? ? ? 1_555 B G 4  N2 ? ? A C 20 B G 27 1_555 ? ? ? ? ? ? WATSON-CRICK  ? ? ? 
hydrog46 hydrog ? ? A G 21 N1 ? ? ? 1_555 B C 3  N3 ? ? A G 21 B C 26 1_555 ? ? ? ? ? ? WATSON-CRICK  ? ? ? 
hydrog47 hydrog ? ? A G 21 N2 ? ? ? 1_555 B C 3  O2 ? ? A G 21 B C 26 1_555 ? ? ? ? ? ? WATSON-CRICK  ? ? ? 
hydrog48 hydrog ? ? A G 21 O6 ? ? ? 1_555 B C 3  N4 ? ? A G 21 B C 26 1_555 ? ? ? ? ? ? WATSON-CRICK  ? ? ? 
hydrog49 hydrog ? ? A C 22 N3 ? ? ? 1_555 B G 2  N1 ? ? A C 22 B G 25 1_555 ? ? ? ? ? ? WATSON-CRICK  ? ? ? 
hydrog50 hydrog ? ? A C 22 N4 ? ? ? 1_555 B G 2  O6 ? ? A C 22 B G 25 1_555 ? ? ? ? ? ? WATSON-CRICK  ? ? ? 
hydrog51 hydrog ? ? A C 22 O2 ? ? ? 1_555 B G 2  N2 ? ? A C 22 B G 25 1_555 ? ? ? ? ? ? WATSON-CRICK  ? ? ? 
# 
_struct_conn_type.id          hydrog 
_struct_conn_type.criteria    ? 
_struct_conn_type.reference   ? 
# 
_struct_site.id                   1 
_struct_site.pdbx_evidence_code   ? 
_struct_site.pdbx_auth_asym_id    ? 
_struct_site.pdbx_auth_comp_id    ? 
_struct_site.pdbx_auth_seq_id     ? 
_struct_site.pdbx_auth_ins_code   ? 
_struct_site.pdbx_num_residues    ? 
_struct_site.details              ? 
# 
_atom_sites.entry_id                    2ET8 
_atom_sites.fract_transf_matrix[1][1]   -0.00082234 
_atom_sites.fract_transf_matrix[1][2]   -0.01812740 
_atom_sites.fract_transf_matrix[1][3]   -0.02420672 
_atom_sites.fract_transf_matrix[2][1]   -0.01951902 
_atom_sites.fract_transf_matrix[2][2]   0.00679622 
_atom_sites.fract_transf_matrix[2][3]   -0.00442631 
_atom_sites.fract_transf_matrix[3][1]   0.00448467 
_atom_sites.fract_transf_matrix[3][2]   0.00859092 
_atom_sites.fract_transf_matrix[3][3]   -0.00658573 
_atom_sites.fract_transf_vector[1]      0.417697 
_atom_sites.fract_transf_vector[2]      0.052748 
_atom_sites.fract_transf_vector[3]      0.367430 
# 
loop_
_atom_type.symbol 
C 
N 
O 
P 
# 
loop_
_atom_site.group_PDB 
_atom_site.id 
_atom_site.type_symbol 
_atom_site.label_atom_id 
_atom_site.label_alt_id 
_atom_site.label_comp_id 
_atom_site.label_asym_id 
_atom_site.label_entity_id 
_atom_site.label_seq_id 
_atom_site.pdbx_PDB_ins_code 
_atom_site.Cartn_x 
_atom_site.Cartn_y 
_atom_site.Cartn_z 
_atom_site.occupancy 
_atom_site.B_iso_or_equiv 
_atom_site.pdbx_formal_charge 
_atom_site.auth_seq_id 
_atom_site.auth_comp_id 
_atom_site.auth_asym_id 
_atom_site.auth_atom_id 
_atom_site.pdbx_PDB_model_num 
ATOM   1   P P     . G   A 1 2  ? -20.158 8.563   -16.471 1.00 94.80 ? 2   G   A P     1 
ATOM   2   O OP1   . G   A 1 2  ? -21.161 9.330   -17.326 1.00 93.09 ? 2   G   A OP1   1 
ATOM   3   O OP2   . G   A 1 2  ? -19.196 7.722   -17.305 1.00 93.44 ? 2   G   A OP2   1 
ATOM   4   O "O5'" . G   A 1 2  ? -21.026 7.509   -15.576 1.00 92.90 ? 2   G   A "O5'" 1 
ATOM   5   C "C5'" . G   A 1 2  ? -21.980 7.982   -14.609 1.00 90.39 ? 2   G   A "C5'" 1 
ATOM   6   C "C4'" . G   A 1 2  ? -22.625 6.817   -13.888 1.00 88.52 ? 2   G   A "C4'" 1 
ATOM   7   O "O4'" . G   A 1 2  ? -23.174 5.881   -14.847 1.00 87.23 ? 2   G   A "O4'" 1 
ATOM   8   C "C3'" . G   A 1 2  ? -21.711 5.978   -13.011 1.00 87.43 ? 2   G   A "C3'" 1 
ATOM   9   O "O3'" . G   A 1 2  ? -21.598 6.610   -11.734 1.00 88.21 ? 2   G   A "O3'" 1 
ATOM   10  C "C2'" . G   A 1 2  ? -22.451 4.639   -12.940 1.00 86.14 ? 2   G   A "C2'" 1 
ATOM   11  O "O2'" . G   A 1 2  ? -23.429 4.565   -11.920 1.00 85.63 ? 2   G   A "O2'" 1 
ATOM   12  C "C1'" . G   A 1 2  ? -23.116 4.569   -14.318 1.00 84.63 ? 2   G   A "C1'" 1 
ATOM   13  N N9    . G   A 1 2  ? -22.392 3.732   -15.264 1.00 82.24 ? 2   G   A N9    1 
ATOM   14  C C8    . G   A 1 2  ? -21.615 4.149   -16.319 1.00 81.31 ? 2   G   A C8    1 
ATOM   15  N N7    . G   A 1 2  ? -21.064 3.161   -16.968 1.00 80.44 ? 2   G   A N7    1 
ATOM   16  C C5    . G   A 1 2  ? -21.508 2.025   -16.305 1.00 78.94 ? 2   G   A C5    1 
ATOM   17  C C6    . G   A 1 2  ? -21.227 0.667   -16.539 1.00 78.27 ? 2   G   A C6    1 
ATOM   18  O O6    . G   A 1 2  ? -20.482 0.175   -17.387 1.00 77.14 ? 2   G   A O6    1 
ATOM   19  N N1    . G   A 1 2  ? -21.899 -0.157  -15.645 1.00 79.23 ? 2   G   A N1    1 
ATOM   20  C C2    . G   A 1 2  ? -22.722 0.278   -14.635 1.00 80.16 ? 2   G   A C2    1 
ATOM   21  N N2    . G   A 1 2  ? -23.282 -0.673  -13.872 1.00 79.99 ? 2   G   A N2    1 
ATOM   22  N N3    . G   A 1 2  ? -22.975 1.551   -14.391 1.00 79.55 ? 2   G   A N3    1 
ATOM   23  C C4    . G   A 1 2  ? -22.341 2.362   -15.260 1.00 80.03 ? 2   G   A C4    1 
ATOM   24  P P     . C   A 1 3  ? -20.551 6.058   -10.642 1.00 87.92 ? 3   C   A P     1 
ATOM   25  O OP1   . C   A 1 3  ? -20.376 7.122   -9.620  1.00 87.10 ? 3   C   A OP1   1 
ATOM   26  O OP2   . C   A 1 3  ? -19.351 5.486   -11.321 1.00 85.85 ? 3   C   A OP2   1 
ATOM   27  O "O5'" . C   A 1 3  ? -21.330 4.862   -9.946  1.00 85.94 ? 3   C   A "O5'" 1 
ATOM   28  C "C5'" . C   A 1 3  ? -20.594 3.859   -9.288  1.00 85.48 ? 3   C   A "C5'" 1 
ATOM   29  C "C4'" . C   A 1 3  ? -21.401 2.604   -9.158  1.00 83.65 ? 3   C   A "C4'" 1 
ATOM   30  O "O4'" . C   A 1 3  ? -21.977 2.220   -10.435 1.00 84.00 ? 3   C   A "O4'" 1 
ATOM   31  C "C3'" . C   A 1 3  ? -20.511 1.440   -8.793  1.00 83.15 ? 3   C   A "C3'" 1 
ATOM   32  O "O3'" . C   A 1 3  ? -20.227 1.451   -7.411  1.00 82.96 ? 3   C   A "O3'" 1 
ATOM   33  C "C2'" . C   A 1 3  ? -21.307 0.253   -9.303  1.00 82.74 ? 3   C   A "C2'" 1 
ATOM   34  O "O2'" . C   A 1 3  ? -22.389 -0.093  -8.456  1.00 81.35 ? 3   C   A "O2'" 1 
ATOM   35  C "C1'" . C   A 1 3  ? -21.808 0.819   -10.633 1.00 82.78 ? 3   C   A "C1'" 1 
ATOM   36  N N1    . C   A 1 3  ? -20.831 0.645   -11.722 1.00 82.17 ? 3   C   A N1    1 
ATOM   37  C C2    . C   A 1 3  ? -20.632 -0.629  -12.275 1.00 81.96 ? 3   C   A C2    1 
ATOM   38  O O2    . C   A 1 3  ? -21.276 -1.591  -11.831 1.00 83.51 ? 3   C   A O2    1 
ATOM   39  N N3    . C   A 1 3  ? -19.739 -0.780  -13.278 1.00 81.49 ? 3   C   A N3    1 
ATOM   40  C C4    . C   A 1 3  ? -19.059 0.276   -13.732 1.00 81.65 ? 3   C   A C4    1 
ATOM   41  N N4    . C   A 1 3  ? -18.194 0.085   -14.731 1.00 81.55 ? 3   C   A N4    1 
ATOM   42  C C5    . C   A 1 3  ? -19.236 1.578   -13.185 1.00 81.51 ? 3   C   A C5    1 
ATOM   43  C C6    . C   A 1 3  ? -20.124 1.716   -12.192 1.00 82.19 ? 3   C   A C6    1 
ATOM   44  P P     . G   A 1 4  ? -18.714 1.270   -6.938  1.00 82.79 ? 4   G   A P     1 
ATOM   45  O OP1   . G   A 1 4  ? -18.660 1.476   -5.466  1.00 81.74 ? 4   G   A OP1   1 
ATOM   46  O OP2   . G   A 1 4  ? -17.873 2.103   -7.837  1.00 81.26 ? 4   G   A OP2   1 
ATOM   47  O "O5'" . G   A 1 4  ? -18.436 -0.257  -7.277  1.00 81.75 ? 4   G   A "O5'" 1 
ATOM   48  C "C5'" . G   A 1 4  ? -19.454 -1.233  -7.069  1.00 81.79 ? 4   G   A "C5'" 1 
ATOM   49  C "C4'" . G   A 1 4  ? -18.990 -2.581  -7.553  1.00 81.50 ? 4   G   A "C4'" 1 
ATOM   50  O "O4'" . G   A 1 4  ? -19.176 -2.734  -8.987  1.00 81.23 ? 4   G   A "O4'" 1 
ATOM   51  C "C3'" . G   A 1 4  ? -17.515 -2.838  -7.364  1.00 81.43 ? 4   G   A "C3'" 1 
ATOM   52  O "O3'" . G   A 1 4  ? -17.246 -3.153  -6.010  1.00 81.98 ? 4   G   A "O3'" 1 
ATOM   53  C "C2'" . G   A 1 4  ? -17.290 -4.003  -8.318  1.00 81.54 ? 4   G   A "C2'" 1 
ATOM   54  O "O2'" . G   A 1 4  ? -17.773 -5.222  -7.790  1.00 82.74 ? 4   G   A "O2'" 1 
ATOM   55  C "C1'" . G   A 1 4  ? -18.163 -3.586  -9.505  1.00 80.07 ? 4   G   A "C1'" 1 
ATOM   56  N N9    . G   A 1 4  ? -17.418 -2.855  -10.526 1.00 78.40 ? 4   G   A N9    1 
ATOM   57  C C8    . G   A 1 4  ? -17.321 -1.492  -10.668 1.00 78.05 ? 4   G   A C8    1 
ATOM   58  N N7    . G   A 1 4  ? -16.583 -1.134  -11.683 1.00 77.39 ? 4   G   A N7    1 
ATOM   59  C C5    . G   A 1 4  ? -16.167 -2.332  -12.244 1.00 76.76 ? 4   G   A C5    1 
ATOM   60  C C6    . G   A 1 4  ? -15.349 -2.580  -13.374 1.00 76.72 ? 4   G   A C6    1 
ATOM   61  O O6    . G   A 1 4  ? -14.814 -1.766  -14.132 1.00 76.18 ? 4   G   A O6    1 
ATOM   62  N N1    . G   A 1 4  ? -15.178 -3.940  -13.591 1.00 76.63 ? 4   G   A N1    1 
ATOM   63  C C2    . G   A 1 4  ? -15.724 -4.935  -12.822 1.00 76.62 ? 4   G   A C2    1 
ATOM   64  N N2    . G   A 1 4  ? -15.440 -6.185  -13.193 1.00 75.81 ? 4   G   A N2    1 
ATOM   65  N N3    . G   A 1 4  ? -16.491 -4.718  -11.768 1.00 76.44 ? 4   G   A N3    1 
ATOM   66  C C4    . G   A 1 4  ? -16.670 -3.403  -11.539 1.00 77.20 ? 4   G   A C4    1 
ATOM   67  P P     . U   A 1 5  ? -15.734 -3.385  -5.534  1.00 81.71 ? 5   U   A P     1 
ATOM   68  O OP1   . U   A 1 5  ? -15.522 -2.588  -4.302  1.00 81.81 ? 5   U   A OP1   1 
ATOM   69  O OP2   . U   A 1 5  ? -14.840 -3.169  -6.702  1.00 81.29 ? 5   U   A OP2   1 
ATOM   70  O "O5'" . U   A 1 5  ? -15.743 -4.937  -5.168  1.00 81.83 ? 5   U   A "O5'" 1 
ATOM   71  C "C5'" . U   A 1 5  ? -14.566 -5.732  -5.263  1.00 81.93 ? 5   U   A "C5'" 1 
ATOM   72  C "C4'" . U   A 1 5  ? -13.469 -5.110  -4.442  1.00 82.40 ? 5   U   A "C4'" 1 
ATOM   73  O "O4'" . U   A 1 5  ? -14.047 -4.378  -3.327  1.00 84.99 ? 5   U   A "O4'" 1 
ATOM   74  C "C3'" . U   A 1 5  ? -12.470 -6.077  -3.835  1.00 80.33 ? 5   U   A "C3'" 1 
ATOM   75  O "O3'" . U   A 1 5  ? -11.472 -6.440  -4.793  1.00 72.15 ? 5   U   A "O3'" 1 
ATOM   76  C "C2'" . U   A 1 5  ? -12.036 -5.344  -2.562  1.00 83.79 ? 5   U   A "C2'" 1 
ATOM   77  O "O2'" . U   A 1 5  ? -11.066 -4.324  -2.745  1.00 84.12 ? 5   U   A "O2'" 1 
ATOM   78  C "C1'" . U   A 1 5  ? -13.360 -4.701  -2.131  1.00 85.83 ? 5   U   A "C1'" 1 
ATOM   79  N N1    . U   A 1 5  ? -14.236 -5.600  -1.361  1.00 88.76 ? 5   U   A N1    1 
ATOM   80  C C2    . U   A 1 5  ? -14.283 -5.445  0.018   1.00 89.90 ? 5   U   A C2    1 
ATOM   81  O O2    . U   A 1 5  ? -13.655 -4.581  0.617   1.00 90.47 ? 5   U   A O2    1 
ATOM   82  N N3    . U   A 1 5  ? -15.105 -6.340  0.670   1.00 90.84 ? 5   U   A N3    1 
ATOM   83  C C4    . U   A 1 5  ? -15.870 -7.345  0.095   1.00 90.90 ? 5   U   A C4    1 
ATOM   84  O O4    . U   A 1 5  ? -16.506 -8.109  0.821   1.00 90.45 ? 5   U   A O4    1 
ATOM   85  C C5    . U   A 1 5  ? -15.780 -7.425  -1.334  1.00 90.65 ? 5   U   A C5    1 
ATOM   86  C C6    . U   A 1 5  ? -14.987 -6.575  -1.996  1.00 89.33 ? 5   U   A C6    1 
ATOM   87  P P     . C   A 1 6  ? -10.139 -5.556  -4.963  1.00 68.14 ? 6   C   A P     1 
ATOM   88  O OP1   . C   A 1 6  ? -9.153  -5.881  -3.891  1.00 68.09 ? 6   C   A OP1   1 
ATOM   89  O OP2   . C   A 1 6  ? -10.540 -4.141  -5.185  1.00 67.28 ? 6   C   A OP2   1 
ATOM   90  O "O5'" . C   A 1 6  ? -9.534  -6.109  -6.324  1.00 63.10 ? 6   C   A "O5'" 1 
ATOM   91  C "C5'" . C   A 1 6  ? -9.342  -7.499  -6.509  1.00 52.03 ? 6   C   A "C5'" 1 
ATOM   92  C "C4'" . C   A 1 6  ? -8.606  -7.749  -7.790  1.00 45.90 ? 6   C   A "C4'" 1 
ATOM   93  O "O4'" . C   A 1 6  ? -9.444  -7.359  -8.904  1.00 42.64 ? 6   C   A "O4'" 1 
ATOM   94  C "C3'" . C   A 1 6  ? -7.360  -6.909  -7.963  1.00 43.76 ? 6   C   A "C3'" 1 
ATOM   95  O "O3'" . C   A 1 6  ? -6.248  -7.494  -7.321  1.00 43.41 ? 6   C   A "O3'" 1 
ATOM   96  C "C2'" . C   A 1 6  ? -7.184  -6.925  -9.464  1.00 42.46 ? 6   C   A "C2'" 1 
ATOM   97  O "O2'" . C   A 1 6  ? -6.579  -8.121  -9.897  1.00 43.79 ? 6   C   A "O2'" 1 
ATOM   98  C "C1'" . C   A 1 6  ? -8.639  -6.812  -9.927  1.00 40.36 ? 6   C   A "C1'" 1 
ATOM   99  N N1    . C   A 1 6  ? -9.001  -5.399  -10.097 1.00 36.44 ? 6   C   A N1    1 
ATOM   100 C C2    . C   A 1 6  ? -8.527  -4.741  -11.206 1.00 34.21 ? 6   C   A C2    1 
ATOM   101 O O2    . C   A 1 6  ? -7.884  -5.380  -12.039 1.00 35.33 ? 6   C   A O2    1 
ATOM   102 N N3    . C   A 1 6  ? -8.772  -3.426  -11.356 1.00 33.29 ? 6   C   A N3    1 
ATOM   103 C C4    . C   A 1 6  ? -9.475  -2.773  -10.442 1.00 31.96 ? 6   C   A C4    1 
ATOM   104 N N4    . C   A 1 6  ? -9.658  -1.474  -10.623 1.00 31.58 ? 6   C   A N4    1 
ATOM   105 C C5    . C   A 1 6  ? -10.011 -3.428  -9.300  1.00 33.05 ? 6   C   A C5    1 
ATOM   106 C C6    . C   A 1 6  ? -9.756  -4.736  -9.171  1.00 35.35 ? 6   C   A C6    1 
ATOM   107 P P     . A   A 1 7  ? -5.007  -6.572  -6.915  1.00 43.59 ? 7   A   A P     1 
ATOM   108 O OP1   . A   A 1 7  ? -4.012  -7.475  -6.273  1.00 43.66 ? 7   A   A OP1   1 
ATOM   109 O OP2   . A   A 1 7  ? -5.527  -5.387  -6.166  1.00 41.90 ? 7   A   A OP2   1 
ATOM   110 O "O5'" . A   A 1 7  ? -4.430  -6.075  -8.319  1.00 40.07 ? 7   A   A "O5'" 1 
ATOM   111 C "C5'" . A   A 1 7  ? -3.874  -6.998  -9.246  1.00 37.97 ? 7   A   A "C5'" 1 
ATOM   112 C "C4'" . A   A 1 7  ? -3.492  -6.298  -10.532 1.00 37.37 ? 7   A   A "C4'" 1 
ATOM   113 O "O4'" . A   A 1 7  ? -4.659  -5.627  -11.081 1.00 35.94 ? 7   A   A "O4'" 1 
ATOM   114 C "C3'" . A   A 1 7  ? -2.486  -5.170  -10.421 1.00 38.32 ? 7   A   A "C3'" 1 
ATOM   115 O "O3'" . A   A 1 7  ? -1.151  -5.642  -10.323 1.00 39.74 ? 7   A   A "O3'" 1 
ATOM   116 C "C2'" . A   A 1 7  ? -2.734  -4.412  -11.712 1.00 36.31 ? 7   A   A "C2'" 1 
ATOM   117 O "O2'" . A   A 1 7  ? -2.213  -5.101  -12.827 1.00 36.41 ? 7   A   A "O2'" 1 
ATOM   118 C "C1'" . A   A 1 7  ? -4.257  -4.448  -11.768 1.00 34.73 ? 7   A   A "C1'" 1 
ATOM   119 N N9    . A   A 1 7  ? -4.898  -3.300  -11.120 1.00 34.67 ? 7   A   A N9    1 
ATOM   120 C C8    . A   A 1 7  ? -5.611  -3.287  -9.938  1.00 35.74 ? 7   A   A C8    1 
ATOM   121 N N7    . A   A 1 7  ? -6.117  -2.115  -9.638  1.00 33.44 ? 7   A   A N7    1 
ATOM   122 C C5    . A   A 1 7  ? -5.698  -1.297  -10.679 1.00 32.66 ? 7   A   A C5    1 
ATOM   123 C C6    . A   A 1 7  ? -5.914  0.059   -10.957 1.00 31.47 ? 7   A   A C6    1 
ATOM   124 N N6    . A   A 1 7  ? -6.669  0.864   -10.206 1.00 30.21 ? 7   A   A N6    1 
ATOM   125 N N1    . A   A 1 7  ? -5.339  0.564   -12.061 1.00 29.36 ? 7   A   A N1    1 
ATOM   126 C C2    . A   A 1 7  ? -4.626  -0.250  -12.842 1.00 28.79 ? 7   A   A C2    1 
ATOM   127 N N3    . A   A 1 7  ? -4.369  -1.536  -12.704 1.00 29.90 ? 7   A   A N3    1 
ATOM   128 C C4    . A   A 1 7  ? -4.937  -2.009  -11.589 1.00 32.76 ? 7   A   A C4    1 
ATOM   129 P P     . C   A 1 8  ? -0.177  -4.980  -9.238  1.00 42.27 ? 8   C   A P     1 
ATOM   130 O OP1   . C   A 1 8  ? 1.072   -5.791  -9.205  1.00 43.54 ? 8   C   A OP1   1 
ATOM   131 O OP2   . C   A 1 8  ? -0.944  -4.770  -7.974  1.00 39.68 ? 8   C   A OP2   1 
ATOM   132 O "O5'" . C   A 1 8  ? 0.114   -3.555  -9.895  1.00 42.56 ? 8   C   A "O5'" 1 
ATOM   133 C "C5'" . C   A 1 8  ? 0.641   -3.458  -11.214 1.00 37.95 ? 8   C   A "C5'" 1 
ATOM   134 C "C4'" . C   A 1 8  ? 0.673   -2.015  -11.674 1.00 41.00 ? 8   C   A "C4'" 1 
ATOM   135 O "O4'" . C   A 1 8  ? -0.666  -1.562  -12.032 1.00 40.00 ? 8   C   A "O4'" 1 
ATOM   136 C "C3'" . C   A 1 8  ? 1.165   -0.969  -10.681 1.00 41.07 ? 8   C   A "C3'" 1 
ATOM   137 O "O3'" . C   A 1 8  ? 2.582   -0.890  -10.603 1.00 40.40 ? 8   C   A "O3'" 1 
ATOM   138 C "C2'" . C   A 1 8  ? 0.584   0.301   -11.282 1.00 41.99 ? 8   C   A "C2'" 1 
ATOM   139 O "O2'" . C   A 1 8  ? 1.344   0.729   -12.398 1.00 44.54 ? 8   C   A "O2'" 1 
ATOM   140 C "C1'" . C   A 1 8  ? -0.803  -0.187  -11.713 1.00 39.97 ? 8   C   A "C1'" 1 
ATOM   141 N N1    . C   A 1 8  ? -1.756  -0.081  -10.600 1.00 37.95 ? 8   C   A N1    1 
ATOM   142 C C2    . C   A 1 8  ? -2.488  1.095   -10.444 1.00 37.27 ? 8   C   A C2    1 
ATOM   143 O O2    . C   A 1 8  ? -2.297  2.024   -11.244 1.00 35.47 ? 8   C   A O2    1 
ATOM   144 N N3    . C   A 1 8  ? -3.376  1.194   -9.416  1.00 38.05 ? 8   C   A N3    1 
ATOM   145 C C4    . C   A 1 8  ? -3.524  0.171   -8.561  1.00 37.11 ? 8   C   A C4    1 
ATOM   146 N N4    . C   A 1 8  ? -4.407  0.297   -7.557  1.00 33.68 ? 8   C   A N4    1 
ATOM   147 C C5    . C   A 1 8  ? -2.776  -1.027  -8.694  1.00 36.67 ? 8   C   A C5    1 
ATOM   148 C C6    . C   A 1 8  ? -1.916  -1.112  -9.720  1.00 37.71 ? 8   C   A C6    1 
ATOM   149 P P     . A   A 1 9  ? 3.276   -0.652  -9.175  1.00 42.57 ? 9   A   A P     1 
ATOM   150 O OP1   . A   A 1 9  ? 4.700   -1.044  -9.269  1.00 41.36 ? 9   A   A OP1   1 
ATOM   151 O OP2   . A   A 1 9  ? 2.422   -1.264  -8.138  1.00 42.95 ? 9   A   A OP2   1 
ATOM   152 O "O5'" . A   A 1 9  ? 3.202   0.926   -8.968  1.00 43.28 ? 9   A   A "O5'" 1 
ATOM   153 C "C5'" . A   A 1 9  ? 3.848   1.807   -9.875  1.00 41.98 ? 9   A   A "C5'" 1 
ATOM   154 C "C4'" . A   A 1 9  ? 3.381   3.220   -9.645  1.00 42.64 ? 9   A   A "C4'" 1 
ATOM   155 O "O4'" . A   A 1 9  ? 1.965   3.317   -9.958  1.00 42.24 ? 9   A   A "O4'" 1 
ATOM   156 C "C3'" . A   A 1 9  ? 3.446   3.714   -8.211  1.00 43.63 ? 9   A   A "C3'" 1 
ATOM   157 O "O3'" . A   A 1 9  ? 4.759   4.101   -7.839  1.00 44.71 ? 9   A   A "O3'" 1 
ATOM   158 C "C2'" . A   A 1 9  ? 2.459   4.873   -8.255  1.00 43.14 ? 9   A   A "C2'" 1 
ATOM   159 O "O2'" . A   A 1 9  ? 2.954   6.002   -8.941  1.00 41.76 ? 9   A   A "O2'" 1 
ATOM   160 C "C1'" . A   A 1 9  ? 1.342   4.260   -9.095  1.00 41.34 ? 9   A   A "C1'" 1 
ATOM   161 N N9    . A   A 1 9  ? 0.382   3.546   -8.253  1.00 41.06 ? 9   A   A N9    1 
ATOM   162 C C8    . A   A 1 9  ? 0.347   2.208   -7.983  1.00 39.60 ? 9   A   A C8    1 
ATOM   163 N N7    . A   A 1 9  ? -0.618  1.862   -7.157  1.00 41.57 ? 9   A   A N7    1 
ATOM   164 C C5    . A   A 1 9  ? -1.265  3.059   -6.874  1.00 40.13 ? 9   A   A C5    1 
ATOM   165 C C6    . A   A 1 9  ? -2.374  3.379   -6.057  1.00 38.06 ? 9   A   A C6    1 
ATOM   166 N N6    . A   A 1 9  ? -3.058  2.494   -5.334  1.00 37.07 ? 9   A   A N6    1 
ATOM   167 N N1    . A   A 1 9  ? -2.760  4.663   -6.006  1.00 38.38 ? 9   A   A N1    1 
ATOM   168 C C2    . A   A 1 9  ? -2.078  5.560   -6.711  1.00 38.76 ? 9   A   A C2    1 
ATOM   169 N N3    . A   A 1 9  ? -1.027  5.390   -7.503  1.00 39.25 ? 9   A   A N3    1 
ATOM   170 C C4    . A   A 1 9  ? -0.664  4.102   -7.546  1.00 40.25 ? 9   A   A C4    1 
ATOM   171 P P     . C   A 1 10 ? 5.295   3.744   -6.365  1.00 47.82 ? 10  C   A P     1 
ATOM   172 O OP1   . C   A 1 10 ? 6.747   4.073   -6.290  1.00 48.47 ? 10  C   A OP1   1 
ATOM   173 O OP2   . C   A 1 10 ? 4.828   2.385   -5.988  1.00 48.80 ? 10  C   A OP2   1 
ATOM   174 O "O5'" . C   A 1 10 ? 4.544   4.789   -5.437  1.00 44.93 ? 10  C   A "O5'" 1 
ATOM   175 C "C5'" . C   A 1 10 ? 4.503   6.137   -5.824  1.00 42.24 ? 10  C   A "C5'" 1 
ATOM   176 C "C4'" . C   A 1 10 ? 3.381   6.839   -5.138  1.00 39.95 ? 10  C   A "C4'" 1 
ATOM   177 O "O4'" . C   A 1 10 ? 2.110   6.267   -5.536  1.00 37.90 ? 10  C   A "O4'" 1 
ATOM   178 C "C3'" . C   A 1 10 ? 3.322   6.715   -3.633  1.00 39.22 ? 10  C   A "C3'" 1 
ATOM   179 O "O3'" . C   A 1 10 ? 4.304   7.533   -3.024  1.00 38.36 ? 10  C   A "O3'" 1 
ATOM   180 C "C2'" . C   A 1 10 ? 1.908   7.222   -3.387  1.00 39.13 ? 10  C   A "C2'" 1 
ATOM   181 O "O2'" . C   A 1 10 ? 1.826   8.615   -3.628  1.00 39.15 ? 10  C   A "O2'" 1 
ATOM   182 C "C1'" . C   A 1 10 ? 1.156   6.521   -4.517  1.00 36.68 ? 10  C   A "C1'" 1 
ATOM   183 N N1    . C   A 1 10 ? 0.554   5.251   -4.101  1.00 34.31 ? 10  C   A N1    1 
ATOM   184 C C2    . C   A 1 10 ? -0.689  5.293   -3.484  1.00 35.16 ? 10  C   A C2    1 
ATOM   185 O O2    . C   A 1 10 ? -1.219  6.388   -3.304  1.00 39.23 ? 10  C   A O2    1 
ATOM   186 N N3    . C   A 1 10 ? -1.287  4.144   -3.100  1.00 33.68 ? 10  C   A N3    1 
ATOM   187 C C4    . C   A 1 10 ? -0.678  2.971   -3.317  1.00 33.06 ? 10  C   A C4    1 
ATOM   188 N N4    . C   A 1 10 ? -1.308  1.855   -2.911  1.00 33.14 ? 10  C   A N4    1 
ATOM   189 C C5    . C   A 1 10 ? 0.602   2.893   -3.949  1.00 32.07 ? 10  C   A C5    1 
ATOM   190 C C6    . C   A 1 10 ? 1.179   4.053   -4.317  1.00 33.98 ? 10  C   A C6    1 
ATOM   191 P P     . C   A 1 11 ? 4.512   7.470   -1.436  1.00 41.79 ? 11  C   A P     1 
ATOM   192 O OP1   . C   A 1 11 ? 5.439   8.570   -1.074  1.00 41.57 ? 11  C   A OP1   1 
ATOM   193 O OP2   . C   A 1 11 ? 4.810   6.075   -0.991  1.00 39.08 ? 11  C   A OP2   1 
ATOM   194 O "O5'" . C   A 1 11 ? 3.092   7.882   -0.862  1.00 39.40 ? 11  C   A "O5'" 1 
ATOM   195 C "C5'" . C   A 1 11 ? 2.776   9.240   -0.676  1.00 39.29 ? 11  C   A "C5'" 1 
ATOM   196 C "C4'" . C   A 1 11 ? 1.629   9.370   0.281   1.00 40.86 ? 11  C   A "C4'" 1 
ATOM   197 O "O4'" . C   A 1 11 ? 0.531   8.560   -0.209  1.00 41.43 ? 11  C   A "O4'" 1 
ATOM   198 C "C3'" . C   A 1 11 ? 1.828   8.804   1.672   1.00 41.01 ? 11  C   A "C3'" 1 
ATOM   199 O "O3'" . C   A 1 11 ? 2.617   9.649   2.496   1.00 42.13 ? 11  C   A "O3'" 1 
ATOM   200 C "C2'" . C   A 1 11 ? 0.382   8.709   2.136   1.00 40.46 ? 11  C   A "C2'" 1 
ATOM   201 O "O2'" . C   A 1 11 ? -0.214  9.975   2.364   1.00 36.41 ? 11  C   A "O2'" 1 
ATOM   202 C "C1'" . C   A 1 11 ? -0.269  8.135   0.885   1.00 39.68 ? 11  C   A "C1'" 1 
ATOM   203 N N1    . C   A 1 11 ? -0.365  6.659   0.869   1.00 39.11 ? 11  C   A N1    1 
ATOM   204 C C2    . C   A 1 11 ? -1.513  6.061   1.411   1.00 40.96 ? 11  C   A C2    1 
ATOM   205 O O2    . C   A 1 11 ? -2.372  6.784   1.952   1.00 42.49 ? 11  C   A O2    1 
ATOM   206 N N3    . C   A 1 11 ? -1.663  4.714   1.332   1.00 40.62 ? 11  C   A N3    1 
ATOM   207 C C4    . C   A 1 11 ? -0.723  3.974   0.743   1.00 39.63 ? 11  C   A C4    1 
ATOM   208 N N4    . C   A 1 11 ? -0.947  2.662   0.631   1.00 37.46 ? 11  C   A N4    1 
ATOM   209 C C5    . C   A 1 11 ? 0.478   4.549   0.228   1.00 39.40 ? 11  C   A C5    1 
ATOM   210 C C6    . C   A 1 11 ? 0.616   5.885   0.316   1.00 38.56 ? 11  C   A C6    1 
ATOM   211 P P     . G   A 1 12 ? 3.265   9.061   3.850   1.00 43.68 ? 12  G   A P     1 
ATOM   212 O OP1   . G   A 1 12 ? 3.874   10.241  4.511   1.00 44.62 ? 12  G   A OP1   1 
ATOM   213 O OP2   . G   A 1 12 ? 4.109   7.872   3.572   1.00 41.89 ? 12  G   A OP2   1 
ATOM   214 O "O5'" . G   A 1 12 ? 1.993   8.615   4.709   1.00 40.62 ? 12  G   A "O5'" 1 
ATOM   215 C "C5'" . G   A 1 12 ? 1.144   9.601   5.275   1.00 43.63 ? 12  G   A "C5'" 1 
ATOM   216 C "C4'" . G   A 1 12 ? 0.056   8.976   6.112   1.00 46.61 ? 12  G   A "C4'" 1 
ATOM   217 O "O4'" . G   A 1 12 ? -0.838  8.210   5.265   1.00 48.56 ? 12  G   A "O4'" 1 
ATOM   218 C "C3'" . G   A 1 12 ? 0.447   7.980   7.190   1.00 46.99 ? 12  G   A "C3'" 1 
ATOM   219 O "O3'" . G   A 1 12 ? 0.882   8.632   8.369   1.00 51.27 ? 12  G   A "O3'" 1 
ATOM   220 C "C2'" . G   A 1 12 ? -0.887  7.313   7.450   1.00 46.23 ? 12  G   A "C2'" 1 
ATOM   221 O "O2'" . G   A 1 12 ? -1.733  8.185   8.168   1.00 47.30 ? 12  G   A "O2'" 1 
ATOM   222 C "C1'" . G   A 1 12 ? -1.420  7.163   6.025   1.00 45.51 ? 12  G   A "C1'" 1 
ATOM   223 N N9    . G   A 1 12 ? -1.049  5.891   5.415   1.00 44.80 ? 12  G   A N9    1 
ATOM   224 C C8    . G   A 1 12 ? 0.026   5.631   4.596   1.00 43.75 ? 12  G   A C8    1 
ATOM   225 N N7    . G   A 1 12 ? 0.077   4.388   4.199   1.00 44.18 ? 12  G   A N7    1 
ATOM   226 C C5    . G   A 1 12 ? -1.033  3.795   4.791   1.00 44.51 ? 12  G   A C5    1 
ATOM   227 C C6    . G   A 1 12 ? -1.515  2.455   4.720   1.00 45.62 ? 12  G   A C6    1 
ATOM   228 O O6    . G   A 1 12 ? -1.052  1.489   4.079   1.00 45.18 ? 12  G   A O6    1 
ATOM   229 N N1    . G   A 1 12 ? -2.663  2.290   5.490   1.00 45.81 ? 12  G   A N1    1 
ATOM   230 C C2    . G   A 1 12 ? -3.271  3.281   6.228   1.00 46.31 ? 12  G   A C2    1 
ATOM   231 N N2    . G   A 1 12 ? -4.376  2.926   6.925   1.00 46.70 ? 12  G   A N2    1 
ATOM   232 N N3    . G   A 1 12 ? -2.837  4.528   6.287   1.00 45.52 ? 12  G   A N3    1 
ATOM   233 C C4    . G   A 1 12 ? -1.726  4.711   5.551   1.00 44.94 ? 12  G   A C4    1 
ATOM   234 P P     . G   A 1 13 ? 1.786   7.831   9.433   1.00 56.05 ? 13  G   A P     1 
ATOM   235 O OP1   . G   A 1 13 ? 2.125   8.828   10.493  1.00 53.68 ? 13  G   A OP1   1 
ATOM   236 O OP2   . G   A 1 13 ? 2.885   7.124   8.713   1.00 50.53 ? 13  G   A OP2   1 
ATOM   237 O "O5'" . G   A 1 13 ? 0.773   6.764   10.049  1.00 52.17 ? 13  G   A "O5'" 1 
ATOM   238 C "C5'" . G   A 1 13 ? -0.409  7.208   10.705  1.00 54.48 ? 13  G   A "C5'" 1 
ATOM   239 C "C4'" . G   A 1 13 ? -1.247  6.033   11.159  1.00 56.89 ? 13  G   A "C4'" 1 
ATOM   240 O "O4'" . G   A 1 13 ? -1.864  5.375   10.018  1.00 57.15 ? 13  G   A "O4'" 1 
ATOM   241 C "C3'" . G   A 1 13 ? -0.513  4.904   11.861  1.00 57.15 ? 13  G   A "C3'" 1 
ATOM   242 O "O3'" . G   A 1 13 ? -0.268  5.189   13.224  1.00 57.96 ? 13  G   A "O3'" 1 
ATOM   243 C "C2'" . G   A 1 13 ? -1.509  3.769   11.712  1.00 56.36 ? 13  G   A "C2'" 1 
ATOM   244 O "O2'" . G   A 1 13 ? -2.599  3.926   12.599  1.00 55.94 ? 13  G   A "O2'" 1 
ATOM   245 C "C1'" . G   A 1 13 ? -1.967  3.982   10.270  1.00 55.50 ? 13  G   A "C1'" 1 
ATOM   246 N N9    . G   A 1 13 ? -1.105  3.284   9.322   1.00 53.33 ? 13  G   A N9    1 
ATOM   247 C C8    . G   A 1 13 ? -0.035  3.803   8.639   1.00 53.03 ? 13  G   A C8    1 
ATOM   248 N N7    . G   A 1 13 ? 0.556   2.928   7.870   1.00 53.55 ? 13  G   A N7    1 
ATOM   249 C C5    . G   A 1 13 ? -0.173  1.761   8.054   1.00 53.01 ? 13  G   A C5    1 
ATOM   250 C C6    . G   A 1 13 ? -0.001  0.474   7.487   1.00 53.53 ? 13  G   A C6    1 
ATOM   251 O O6    . G   A 1 13 ? 0.848   0.101   6.663   1.00 54.89 ? 13  G   A O6    1 
ATOM   252 N N1    . G   A 1 13 ? -0.945  -0.431  7.969   1.00 53.40 ? 13  G   A N1    1 
ATOM   253 C C2    . G   A 1 13 ? -1.932  -0.130  8.876   1.00 53.22 ? 13  G   A C2    1 
ATOM   254 N N2    . G   A 1 13 ? -2.734  -1.145  9.236   1.00 52.15 ? 13  G   A N2    1 
ATOM   255 N N3    . G   A 1 13 ? -2.115  1.074   9.398   1.00 53.10 ? 13  G   A N3    1 
ATOM   256 C C4    . G   A 1 13 ? -1.201  1.963   8.948   1.00 53.55 ? 13  G   A C4    1 
ATOM   257 P P     . U   A 1 14 ? 1.003   4.532   13.944  1.00 59.46 ? 14  U   A P     1 
ATOM   258 O OP1   . U   A 1 14 ? 1.055   5.087   15.326  1.00 58.27 ? 14  U   A OP1   1 
ATOM   259 O OP2   . U   A 1 14 ? 2.184   4.670   13.043  1.00 57.15 ? 14  U   A OP2   1 
ATOM   260 O "O5'" . U   A 1 14 ? 0.635   2.980   14.028  1.00 60.70 ? 14  U   A "O5'" 1 
ATOM   261 C "C5'" . U   A 1 14 ? -0.566  2.537   14.661  1.00 60.59 ? 14  U   A "C5'" 1 
ATOM   262 C "C4'" . U   A 1 14 ? -0.772  1.059   14.418  1.00 61.69 ? 14  U   A "C4'" 1 
ATOM   263 O "O4'" . U   A 1 14 ? -1.036  0.823   13.006  1.00 61.18 ? 14  U   A "O4'" 1 
ATOM   264 C "C3'" . U   A 1 14 ? 0.422   0.161   14.712  1.00 63.49 ? 14  U   A "C3'" 1 
ATOM   265 O "O3'" . U   A 1 14 ? 0.542   -0.150  16.097  1.00 65.41 ? 14  U   A "O3'" 1 
ATOM   266 C "C2'" . U   A 1 14 ? 0.095   -1.078  13.887  1.00 62.67 ? 14  U   A "C2'" 1 
ATOM   267 O "O2'" . U   A 1 14 ? -0.841  -1.944  14.517  1.00 62.83 ? 14  U   A "O2'" 1 
ATOM   268 C "C1'" . U   A 1 14 ? -0.507  -0.444  12.629  1.00 60.79 ? 14  U   A "C1'" 1 
ATOM   269 N N1    . U   A 1 14 ? 0.494   -0.251  11.568  1.00 58.83 ? 14  U   A N1    1 
ATOM   270 C C2    . U   A 1 14 ? 0.825   -1.353  10.806  1.00 57.86 ? 14  U   A C2    1 
ATOM   271 O O2    . U   A 1 14 ? 0.326   -2.448  10.984  1.00 58.62 ? 14  U   A O2    1 
ATOM   272 N N3    . U   A 1 14 ? 1.765   -1.128  9.832   1.00 56.19 ? 14  U   A N3    1 
ATOM   273 C C4    . U   A 1 14 ? 2.403   0.057   9.551   1.00 55.34 ? 14  U   A C4    1 
ATOM   274 O O4    . U   A 1 14 ? 3.275   0.081   8.684   1.00 54.70 ? 14  U   A O4    1 
ATOM   275 C C5    . U   A 1 14 ? 2.010   1.157   10.380  1.00 56.17 ? 14  U   A C5    1 
ATOM   276 C C6    . U   A 1 14 ? 1.091   0.971   11.335  1.00 57.85 ? 14  U   A C6    1 
ATOM   277 P P     . G   A 1 15 ? 1.983   -0.517  16.703  1.00 65.36 ? 15  G   A P     1 
ATOM   278 O OP1   . G   A 1 15 ? 1.800   -0.579  18.176  1.00 66.46 ? 15  G   A OP1   1 
ATOM   279 O OP2   . G   A 1 15 ? 3.007   0.393   16.124  1.00 64.51 ? 15  G   A OP2   1 
ATOM   280 O "O5'" . G   A 1 15 ? 2.279   -1.979  16.144  1.00 66.00 ? 15  G   A "O5'" 1 
ATOM   281 C "C5'" . G   A 1 15 ? 1.301   -3.011  16.217  1.00 66.38 ? 15  G   A "C5'" 1 
ATOM   282 C "C4'" . G   A 1 15 ? 1.775   -4.215  15.441  1.00 67.14 ? 15  G   A "C4'" 1 
ATOM   283 O "O4'" . G   A 1 15 ? 1.797   -3.913  14.029  1.00 67.42 ? 15  G   A "O4'" 1 
ATOM   284 C "C3'" . G   A 1 15 ? 3.198   -4.632  15.753  1.00 68.38 ? 15  G   A "C3'" 1 
ATOM   285 O "O3'" . G   A 1 15 ? 3.178   -5.506  16.865  1.00 70.95 ? 15  G   A "O3'" 1 
ATOM   286 C "C2'" . G   A 1 15 ? 3.636   -5.371  14.495  1.00 68.17 ? 15  G   A "C2'" 1 
ATOM   287 O "O2'" . G   A 1 15 ? 3.298   -6.750  14.525  1.00 69.40 ? 15  G   A "O2'" 1 
ATOM   288 C "C1'" . G   A 1 15 ? 2.835   -4.646  13.410  1.00 67.41 ? 15  G   A "C1'" 1 
ATOM   289 N N9    . G   A 1 15 ? 3.602   -3.747  12.554  1.00 66.40 ? 15  G   A N9    1 
ATOM   290 C C8    . G   A 1 15 ? 3.839   -2.406  12.738  1.00 66.19 ? 15  G   A C8    1 
ATOM   291 N N7    . G   A 1 15 ? 4.552   -1.877  11.776  1.00 65.95 ? 15  G   A N7    1 
ATOM   292 C C5    . G   A 1 15 ? 4.799   -2.937  10.912  1.00 65.48 ? 15  G   A C5    1 
ATOM   293 C C6    . G   A 1 15 ? 5.523   -2.982  9.695   1.00 65.04 ? 15  G   A C6    1 
ATOM   294 O O6    . G   A 1 15 ? 6.116   -2.069  9.114   1.00 65.50 ? 15  G   A O6    1 
ATOM   295 N N1    . G   A 1 15 ? 5.520   -4.258  9.147   1.00 66.17 ? 15  G   A N1    1 
ATOM   296 C C2    . G   A 1 15 ? 4.902   -5.354  9.697   1.00 65.75 ? 15  G   A C2    1 
ATOM   297 N N2    . G   A 1 15 ? 5.009   -6.504  9.012   1.00 65.63 ? 15  G   A N2    1 
ATOM   298 N N3    . G   A 1 15 ? 4.229   -5.325  10.831  1.00 65.36 ? 15  G   A N3    1 
ATOM   299 C C4    . G   A 1 15 ? 4.219   -4.095  11.380  1.00 65.67 ? 15  G   A C4    1 
ATOM   300 P P     . A   A 1 16 ? 4.020   -5.130  18.169  1.00 73.00 ? 16  A   A P     1 
ATOM   301 O OP1   . A   A 1 16 ? 3.067   -5.014  19.305  1.00 73.20 ? 16  A   A OP1   1 
ATOM   302 O OP2   . A   A 1 16 ? 4.900   -3.975  17.819  1.00 72.53 ? 16  A   A OP2   1 
ATOM   303 O "O5'" . A   A 1 16 ? 4.912   -6.422  18.402  1.00 71.83 ? 16  A   A "O5'" 1 
ATOM   304 C "C5'" . A   A 1 16 ? 5.296   -7.237  17.309  1.00 71.77 ? 16  A   A "C5'" 1 
ATOM   305 C "C4'" . A   A 1 16 ? 6.416   -8.138  17.729  1.00 71.76 ? 16  A   A "C4'" 1 
ATOM   306 O "O4'" . A   A 1 16 ? 5.961   -8.956  18.838  1.00 70.46 ? 16  A   A "O4'" 1 
ATOM   307 C "C3'" . A   A 1 16 ? 6.894   -9.125  16.682  1.00 72.53 ? 16  A   A "C3'" 1 
ATOM   308 O "O3'" . A   A 1 16 ? 7.724   -8.494  15.679  1.00 76.66 ? 16  A   A "O3'" 1 
ATOM   309 C "C2'" . A   A 1 16 ? 7.460   -10.263 17.535  1.00 70.86 ? 16  A   A "C2'" 1 
ATOM   310 O "O2'" . A   A 1 16 ? 8.743   -10.022 18.077  1.00 70.93 ? 16  A   A "O2'" 1 
ATOM   311 C "C1'" . A   A 1 16 ? 6.491   -10.261 18.720  1.00 68.70 ? 16  A   A "C1'" 1 
ATOM   312 N N9    . A   A 1 16 ? 5.381   -11.227 18.723  1.00 65.92 ? 16  A   A N9    1 
ATOM   313 C C8    . A   A 1 16 ? 4.876   -11.844 19.843  1.00 63.89 ? 16  A   A C8    1 
ATOM   314 N N7    . A   A 1 16 ? 3.901   -12.683 19.595  1.00 61.83 ? 16  A   A N7    1 
ATOM   315 C C5    . A   A 1 16 ? 3.744   -12.617 18.222  1.00 61.18 ? 16  A   A C5    1 
ATOM   316 C C6    . A   A 1 16 ? 2.867   -13.276 17.344  1.00 60.15 ? 16  A   A C6    1 
ATOM   317 N N6    . A   A 1 16 ? 1.963   -14.173 17.734  1.00 57.83 ? 16  A   A N6    1 
ATOM   318 N N1    . A   A 1 16 ? 2.953   -12.978 16.032  1.00 60.43 ? 16  A   A N1    1 
ATOM   319 C C2    . A   A 1 16 ? 3.865   -12.083 15.641  1.00 62.52 ? 16  A   A C2    1 
ATOM   320 N N3    . A   A 1 16 ? 4.755   -11.401 16.370  1.00 63.14 ? 16  A   A N3    1 
ATOM   321 C C4    . A   A 1 16 ? 4.643   -11.717 17.668  1.00 63.08 ? 16  A   A C4    1 
ATOM   322 P P     . A   A 1 17 ? 9.086   -7.690  16.080  1.00 80.67 ? 17  A   A P     1 
ATOM   323 O OP1   . A   A 1 17 ? 9.244   -7.560  17.552  1.00 80.73 ? 17  A   A OP1   1 
ATOM   324 O OP2   . A   A 1 17 ? 9.150   -6.472  15.234  1.00 80.45 ? 17  A   A OP2   1 
ATOM   325 O "O5'" . A   A 1 17 ? 10.243  -8.646  15.573  1.00 82.60 ? 17  A   A "O5'" 1 
ATOM   326 C "C5'" . A   A 1 17 ? 10.180  -10.029 15.841  1.00 88.28 ? 17  A   A "C5'" 1 
ATOM   327 C "C4'" . A   A 1 17 ? 10.439  -10.810 14.584  1.00 92.01 ? 17  A   A "C4'" 1 
ATOM   328 O "O4'" . A   A 1 17 ? 9.314   -10.753 13.658  1.00 93.70 ? 17  A   A "O4'" 1 
ATOM   329 C "C3'" . A   A 1 17 ? 11.582  -10.291 13.749  1.00 93.97 ? 17  A   A "C3'" 1 
ATOM   330 O "O3'" . A   A 1 17 ? 12.822  -10.542 14.416  1.00 95.02 ? 17  A   A "O3'" 1 
ATOM   331 C "C2'" . A   A 1 17 ? 11.324  -11.037 12.437  1.00 94.40 ? 17  A   A "C2'" 1 
ATOM   332 O "O2'" . A   A 1 17 ? 11.703  -12.403 12.474  1.00 93.77 ? 17  A   A "O2'" 1 
ATOM   333 C "C1'" . A   A 1 17 ? 9.793   -10.922 12.326  1.00 93.91 ? 17  A   A "C1'" 1 
ATOM   334 N N9    . A   A 1 17 ? 9.389   -9.759  11.525  1.00 94.54 ? 17  A   A N9    1 
ATOM   335 C C8    . A   A 1 17 ? 9.934   -9.371  10.321  1.00 95.08 ? 17  A   A C8    1 
ATOM   336 N N7    . A   A 1 17 ? 9.442   -8.250  9.849   1.00 94.70 ? 17  A   A N7    1 
ATOM   337 C C5    . A   A 1 17 ? 8.499   -7.877  10.795  1.00 94.42 ? 17  A   A C5    1 
ATOM   338 C C6    . A   A 1 17 ? 7.655   -6.758  10.893  1.00 93.71 ? 17  A   A C6    1 
ATOM   339 N N6    . A   A 1 17 ? 7.650   -5.760  10.013  1.00 92.80 ? 17  A   A N6    1 
ATOM   340 N N1    . A   A 1 17 ? 6.819   -6.692  11.951  1.00 93.91 ? 17  A   A N1    1 
ATOM   341 C C2    . A   A 1 17 ? 6.852   -7.680  12.855  1.00 94.53 ? 17  A   A C2    1 
ATOM   342 N N3    . A   A 1 17 ? 7.616   -8.774  12.886  1.00 94.74 ? 17  A   A N3    1 
ATOM   343 C C4    . A   A 1 17 ? 8.430   -8.814  11.819  1.00 94.61 ? 17  A   A C4    1 
ATOM   344 P P     . G   A 1 18 ? 13.840  -9.314  14.701  1.00 95.84 ? 18  G   A P     1 
ATOM   345 O OP1   . G   A 1 18 ? 14.754  -9.737  15.797  1.00 96.08 ? 18  G   A OP1   1 
ATOM   346 O OP2   . G   A 1 18 ? 13.089  -8.030  14.819  1.00 94.75 ? 18  G   A OP2   1 
ATOM   347 O "O5'" . G   A 1 18 ? 14.678  -9.257  13.355  1.00 92.82 ? 18  G   A "O5'" 1 
ATOM   348 C "C5'" . G   A 1 18 ? 14.775  -10.418 12.545  1.00 89.66 ? 18  G   A "C5'" 1 
ATOM   349 C "C4'" . G   A 1 18 ? 14.526  -10.061 11.114  1.00 86.19 ? 18  G   A "C4'" 1 
ATOM   350 O "O4'" . G   A 1 18 ? 13.144  -9.674  10.904  1.00 84.29 ? 18  G   A "O4'" 1 
ATOM   351 C "C3'" . G   A 1 18 ? 15.263  -8.818  10.702  1.00 86.02 ? 18  G   A "C3'" 1 
ATOM   352 O "O3'" . G   A 1 18 ? 16.639  -9.071  10.557  1.00 85.77 ? 18  G   A "O3'" 1 
ATOM   353 C "C2'" . G   A 1 18 ? 14.527  -8.432  9.434   1.00 85.02 ? 18  G   A "C2'" 1 
ATOM   354 O "O2'" . G   A 1 18 ? 14.888  -9.217  8.317   1.00 85.67 ? 18  G   A "O2'" 1 
ATOM   355 C "C1'" . G   A 1 18 ? 13.083  -8.723  9.852   1.00 83.80 ? 18  G   A "C1'" 1 
ATOM   356 N N9    . G   A 1 18 ? 12.426  -7.513  10.337  1.00 81.81 ? 18  G   A N9    1 
ATOM   357 C C8    . G   A 1 18 ? 11.739  -7.331  11.514  1.00 80.51 ? 18  G   A C8    1 
ATOM   358 N N7    . G   A 1 18 ? 11.265  -6.119  11.646  1.00 79.77 ? 18  G   A N7    1 
ATOM   359 C C5    . G   A 1 18 ? 11.670  -5.460  10.490  1.00 79.49 ? 18  G   A C5    1 
ATOM   360 C C6    . G   A 1 18 ? 11.468  -4.117  10.069  1.00 78.40 ? 18  G   A C6    1 
ATOM   361 O O6    . G   A 1 18 ? 10.869  -3.204  10.656  1.00 76.85 ? 18  G   A O6    1 
ATOM   362 N N1    . G   A 1 18 ? 12.058  -3.876  8.832   1.00 77.67 ? 18  G   A N1    1 
ATOM   363 C C2    . G   A 1 18 ? 12.760  -4.802  8.094   1.00 77.78 ? 18  G   A C2    1 
ATOM   364 N N2    . G   A 1 18 ? 13.270  -4.378  6.927   1.00 77.48 ? 18  G   A N2    1 
ATOM   365 N N3    . G   A 1 18 ? 12.954  -6.047  8.472   1.00 78.16 ? 18  G   A N3    1 
ATOM   366 C C4    . G   A 1 18 ? 12.387  -6.308  9.672   1.00 80.34 ? 18  G   A C4    1 
ATOM   367 P P     . U   A 1 19 ? 17.680  -7.991  11.102  1.00 86.63 ? 19  U   A P     1 
ATOM   368 O OP1   . U   A 1 19 ? 18.861  -8.725  11.627  1.00 86.53 ? 19  U   A OP1   1 
ATOM   369 O OP2   . U   A 1 19 ? 16.942  -7.060  11.996  1.00 84.81 ? 19  U   A OP2   1 
ATOM   370 O "O5'" . U   A 1 19 ? 18.079  -7.209  9.774   1.00 86.07 ? 19  U   A "O5'" 1 
ATOM   371 C "C5'" . U   A 1 19 ? 18.118  -7.893  8.521   1.00 86.13 ? 19  U   A "C5'" 1 
ATOM   372 C "C4'" . U   A 1 19 ? 18.144  -6.903  7.386   1.00 85.49 ? 19  U   A "C4'" 1 
ATOM   373 O "O4'" . U   A 1 19 ? 16.868  -6.224  7.292   1.00 85.10 ? 19  U   A "O4'" 1 
ATOM   374 C "C3'" . U   A 1 19 ? 19.153  -5.789  7.570   1.00 86.22 ? 19  U   A "C3'" 1 
ATOM   375 O "O3'" . U   A 1 19 ? 20.446  -6.228  7.171   1.00 87.23 ? 19  U   A "O3'" 1 
ATOM   376 C "C2'" . U   A 1 19 ? 18.579  -4.661  6.717   1.00 85.32 ? 19  U   A "C2'" 1 
ATOM   377 O "O2'" . U   A 1 19 ? 18.919  -4.734  5.352   1.00 85.46 ? 19  U   A "O2'" 1 
ATOM   378 C "C1'" . U   A 1 19 ? 17.074  -4.884  6.878   1.00 84.30 ? 19  U   A "C1'" 1 
ATOM   379 N N1    . U   A 1 19 ? 16.432  -3.993  7.853   1.00 83.04 ? 19  U   A N1    1 
ATOM   380 C C2    . U   A 1 19 ? 16.278  -2.670  7.506   1.00 82.43 ? 19  U   A C2    1 
ATOM   381 O O2    . U   A 1 19 ? 16.679  -2.215  6.445   1.00 83.12 ? 19  U   A O2    1 
ATOM   382 N N3    . U   A 1 19 ? 15.642  -1.896  8.445   1.00 81.48 ? 19  U   A N3    1 
ATOM   383 C C4    . U   A 1 19 ? 15.160  -2.306  9.672   1.00 81.14 ? 19  U   A C4    1 
ATOM   384 O O4    . U   A 1 19 ? 14.566  -1.504  10.394  1.00 80.71 ? 19  U   A O4    1 
ATOM   385 C C5    . U   A 1 19 ? 15.377  -3.686  9.960   1.00 81.49 ? 19  U   A C5    1 
ATOM   386 C C6    . U   A 1 19 ? 15.989  -4.463  9.065   1.00 82.40 ? 19  U   A C6    1 
ATOM   387 P P     . C   A 1 20 ? 21.712  -5.888  8.100   1.00 88.45 ? 20  C   A P     1 
ATOM   388 O OP1   . C   A 1 20 ? 22.914  -6.578  7.554   1.00 87.32 ? 20  C   A OP1   1 
ATOM   389 O OP2   . C   A 1 20 ? 21.304  -6.128  9.513   1.00 87.49 ? 20  C   A OP2   1 
ATOM   390 O "O5'" . C   A 1 20 ? 21.901  -4.325  7.870   1.00 86.23 ? 20  C   A "O5'" 1 
ATOM   391 C "C5'" . C   A 1 20 ? 22.045  -3.811  6.550   1.00 84.13 ? 20  C   A "C5'" 1 
ATOM   392 C "C4'" . C   A 1 20 ? 21.718  -2.343  6.522   1.00 82.38 ? 20  C   A "C4'" 1 
ATOM   393 O "O4'" . C   A 1 20 ? 20.285  -2.128  6.641   1.00 79.93 ? 20  C   A "O4'" 1 
ATOM   394 C "C3'" . C   A 1 20 ? 22.289  -1.545  7.674   1.00 82.46 ? 20  C   A "C3'" 1 
ATOM   395 O "O3'" . C   A 1 20 ? 23.671  -1.280  7.504   1.00 84.39 ? 20  C   A "O3'" 1 
ATOM   396 C "C2'" . C   A 1 20 ? 21.421  -0.299  7.636   1.00 81.04 ? 20  C   A "C2'" 1 
ATOM   397 O "O2'" . C   A 1 20 ? 21.797  0.599   6.604   1.00 80.77 ? 20  C   A "O2'" 1 
ATOM   398 C "C1'" . C   A 1 20 ? 20.051  -0.921  7.355   1.00 79.70 ? 20  C   A "C1'" 1 
ATOM   399 N N1    . C   A 1 20 ? 19.370  -1.257  8.611   1.00 78.59 ? 20  C   A N1    1 
ATOM   400 C C2    . C   A 1 20 ? 18.576  -0.288  9.228   1.00 78.08 ? 20  C   A C2    1 
ATOM   401 O O2    . C   A 1 20 ? 18.454  0.818   8.689   1.00 77.27 ? 20  C   A O2    1 
ATOM   402 N N3    . C   A 1 20 ? 17.962  -0.581  10.397  1.00 78.26 ? 20  C   A N3    1 
ATOM   403 C C4    . C   A 1 20 ? 18.124  -1.787  10.950  1.00 77.96 ? 20  C   A C4    1 
ATOM   404 N N4    . C   A 1 20 ? 17.508  -2.032  12.109  1.00 77.73 ? 20  C   A N4    1 
ATOM   405 C C5    . C   A 1 20 ? 18.925  -2.795  10.338  1.00 77.54 ? 20  C   A C5    1 
ATOM   406 C C6    . C   A 1 20 ? 19.520  -2.492  9.179   1.00 78.30 ? 20  C   A C6    1 
ATOM   407 P P     . G   A 1 21 ? 24.621  -1.212  8.798   1.00 85.22 ? 21  G   A P     1 
ATOM   408 O OP1   . G   A 1 21 ? 26.027  -1.298  8.321   1.00 84.61 ? 21  G   A OP1   1 
ATOM   409 O OP2   . G   A 1 21 ? 24.116  -2.209  9.790   1.00 83.43 ? 21  G   A OP2   1 
ATOM   410 O "O5'" . G   A 1 21 ? 24.378  0.264   9.354   1.00 83.09 ? 21  G   A "O5'" 1 
ATOM   411 C "C5'" . G   A 1 21 ? 24.698  1.399   8.556   1.00 80.50 ? 21  G   A "C5'" 1 
ATOM   412 C "C4'" . G   A 1 21 ? 24.214  2.665   9.217   1.00 79.89 ? 21  G   A "C4'" 1 
ATOM   413 O "O4'" . G   A 1 21 ? 22.764  2.639   9.322   1.00 78.14 ? 21  G   A "O4'" 1 
ATOM   414 C "C3'" . G   A 1 21 ? 24.661  2.898   10.651  1.00 80.43 ? 21  G   A "C3'" 1 
ATOM   415 O "O3'" . G   A 1 21 ? 25.997  3.397   10.728  1.00 82.96 ? 21  G   A "O3'" 1 
ATOM   416 C "C2'" . G   A 1 21 ? 23.633  3.919   11.132  1.00 78.44 ? 21  G   A "C2'" 1 
ATOM   417 O "O2'" . G   A 1 21 ? 23.918  5.245   10.726  1.00 78.45 ? 21  G   A "O2'" 1 
ATOM   418 C "C1'" . G   A 1 21 ? 22.360  3.422   10.438  1.00 76.73 ? 21  G   A "C1'" 1 
ATOM   419 N N9    . G   A 1 21 ? 21.530  2.609   11.325  1.00 74.35 ? 21  G   A N9    1 
ATOM   420 C C8    . G   A 1 21 ? 21.460  1.237   11.388  1.00 72.95 ? 21  G   A C8    1 
ATOM   421 N N7    . G   A 1 21 ? 20.651  0.807   12.319  1.00 71.26 ? 21  G   A N7    1 
ATOM   422 C C5    . G   A 1 21 ? 20.147  1.964   12.903  1.00 71.56 ? 21  G   A C5    1 
ATOM   423 C C6    . G   A 1 21 ? 19.221  2.134   13.974  1.00 70.67 ? 21  G   A C6    1 
ATOM   424 O O6    . G   A 1 21 ? 18.659  1.266   14.653  1.00 69.85 ? 21  G   A O6    1 
ATOM   425 N N1    . G   A 1 21 ? 18.974  3.482   14.232  1.00 69.63 ? 21  G   A N1    1 
ATOM   426 C C2    . G   A 1 21 ? 19.549  4.533   13.556  1.00 70.40 ? 21  G   A C2    1 
ATOM   427 N N2    . G   A 1 21 ? 19.179  5.763   13.944  1.00 69.81 ? 21  G   A N2    1 
ATOM   428 N N3    . G   A 1 21 ? 20.419  4.390   12.567  1.00 70.53 ? 21  G   A N3    1 
ATOM   429 C C4    . G   A 1 21 ? 20.670  3.087   12.294  1.00 72.50 ? 21  G   A C4    1 
ATOM   430 P P     . C   A 1 22 ? 26.859  3.182   12.078  1.00 84.25 ? 22  C   A P     1 
ATOM   431 O OP1   . C   A 1 22 ? 28.257  3.575   11.752  1.00 84.02 ? 22  C   A OP1   1 
ATOM   432 O OP2   . C   A 1 22 ? 26.590  1.822   12.624  1.00 83.07 ? 22  C   A OP2   1 
ATOM   433 O "O5'" . C   A 1 22 ? 26.262  4.257   13.098  1.00 83.43 ? 22  C   A "O5'" 1 
ATOM   434 C "C5'" . C   A 1 22 ? 26.199  5.640   12.745  1.00 83.28 ? 22  C   A "C5'" 1 
ATOM   435 C "C4'" . C   A 1 22 ? 25.180  6.361   13.599  1.00 82.39 ? 22  C   A "C4'" 1 
ATOM   436 O "O4'" . C   A 1 22 ? 23.902  5.683   13.488  1.00 82.09 ? 22  C   A "O4'" 1 
ATOM   437 C "C3'" . C   A 1 22 ? 25.441  6.381   15.094  1.00 82.03 ? 22  C   A "C3'" 1 
ATOM   438 O "O3'" . C   A 1 22 ? 26.436  7.330   15.504  1.00 82.95 ? 22  C   A "O3'" 1 
ATOM   439 C "C2'" . C   A 1 22 ? 24.049  6.650   15.653  1.00 82.03 ? 22  C   A "C2'" 1 
ATOM   440 O "O2'" . C   A 1 22 ? 23.651  8.004   15.530  1.00 82.19 ? 22  C   A "O2'" 1 
ATOM   441 C "C1'" . C   A 1 22 ? 23.189  5.806   14.712  1.00 81.78 ? 22  C   A "C1'" 1 
ATOM   442 N N1    . C   A 1 22 ? 22.862  4.451   15.209  1.00 80.93 ? 22  C   A N1    1 
ATOM   443 C C2    . C   A 1 22 ? 21.938  4.311   16.265  1.00 79.21 ? 22  C   A C2    1 
ATOM   444 O O2    . C   A 1 22 ? 21.456  5.329   16.790  1.00 77.70 ? 22  C   A O2    1 
ATOM   445 N N3    . C   A 1 22 ? 21.598  3.069   16.680  1.00 78.84 ? 22  C   A N3    1 
ATOM   446 C C4    . C   A 1 22 ? 22.138  1.997   16.095  1.00 79.32 ? 22  C   A C4    1 
ATOM   447 N N4    . C   A 1 22 ? 21.752  0.793   16.517  1.00 79.42 ? 22  C   A N4    1 
ATOM   448 C C5    . C   A 1 22 ? 23.095  2.112   15.046  1.00 80.14 ? 22  C   A C5    1 
ATOM   449 C C6    . C   A 1 22 ? 23.428  3.343   14.640  1.00 80.96 ? 22  C   A C6    1 
ATOM   450 P P     . G   B 1 2  ? 13.912  0.469   22.679  1.00 97.75 ? 25  G   B P     1 
ATOM   451 O OP1   . G   B 1 2  ? 14.539  -0.906  22.891  1.00 97.13 ? 25  G   B OP1   1 
ATOM   452 O OP2   . G   B 1 2  ? 14.489  1.203   21.476  1.00 97.12 ? 25  G   B OP2   1 
ATOM   453 O "O5'" . G   B 1 2  ? 14.325  1.365   23.980  1.00 96.02 ? 25  G   B "O5'" 1 
ATOM   454 C "C5'" . G   B 1 2  ? 13.621  2.581   24.308  1.00 94.16 ? 25  G   B "C5'" 1 
ATOM   455 C "C4'" . G   B 1 2  ? 14.296  3.782   23.678  1.00 93.00 ? 25  G   B "C4'" 1 
ATOM   456 O "O4'" . G   B 1 2  ? 15.735  3.585   23.647  1.00 92.46 ? 25  G   B "O4'" 1 
ATOM   457 C "C3'" . G   B 1 2  ? 13.950  4.075   22.228  1.00 92.95 ? 25  G   B "C3'" 1 
ATOM   458 O "O3'" . G   B 1 2  ? 12.723  4.794   22.138  1.00 92.99 ? 25  G   B "O3'" 1 
ATOM   459 C "C2'" . G   B 1 2  ? 15.130  4.932   21.774  1.00 92.43 ? 25  G   B "C2'" 1 
ATOM   460 O "O2'" . G   B 1 2  ? 15.006  6.299   22.121  1.00 93.53 ? 25  G   B "O2'" 1 
ATOM   461 C "C1'" . G   B 1 2  ? 16.286  4.306   22.556  1.00 91.46 ? 25  G   B "C1'" 1 
ATOM   462 N N9    . G   B 1 2  ? 17.108  3.403   21.755  1.00 89.91 ? 25  G   B N9    1 
ATOM   463 C C8    . G   B 1 2  ? 17.143  2.031   21.816  1.00 89.01 ? 25  G   B C8    1 
ATOM   464 N N7    . G   B 1 2  ? 17.996  1.503   20.980  1.00 88.66 ? 25  G   B N7    1 
ATOM   465 C C5    . G   B 1 2  ? 18.555  2.592   20.325  1.00 88.12 ? 25  G   B C5    1 
ATOM   466 C C6    . G   B 1 2  ? 19.540  2.645   19.313  1.00 87.30 ? 25  G   B C6    1 
ATOM   467 O O6    . G   B 1 2  ? 20.142  1.711   18.775  1.00 86.94 ? 25  G   B O6    1 
ATOM   468 N N1    . G   B 1 2  ? 19.811  3.952   18.930  1.00 86.98 ? 25  G   B N1    1 
ATOM   469 C C2    . G   B 1 2  ? 19.210  5.068   19.452  1.00 87.13 ? 25  G   B C2    1 
ATOM   470 N N2    . G   B 1 2  ? 19.604  6.241   18.942  1.00 87.93 ? 25  G   B N2    1 
ATOM   471 N N3    . G   B 1 2  ? 18.291  5.036   20.399  1.00 87.64 ? 25  G   B N3    1 
ATOM   472 C C4    . G   B 1 2  ? 18.013  3.772   20.787  1.00 88.59 ? 25  G   B C4    1 
ATOM   473 P P     . C   B 1 3  ? 11.993  4.948   20.711  1.00 93.25 ? 26  C   B P     1 
ATOM   474 O OP1   . C   B 1 3  ? 10.798  5.801   20.946  1.00 92.41 ? 26  C   B OP1   1 
ATOM   475 O OP2   . C   B 1 3  ? 11.829  3.599   20.097  1.00 91.71 ? 26  C   B OP2   1 
ATOM   476 O "O5'" . C   B 1 3  ? 13.031  5.786   19.836  1.00 91.17 ? 26  C   B "O5'" 1 
ATOM   477 C "C5'" . C   B 1 3  ? 13.296  7.154   20.133  1.00 89.03 ? 26  C   B "C5'" 1 
ATOM   478 C "C4'" . C   B 1 3  ? 14.203  7.747   19.085  1.00 87.58 ? 26  C   B "C4'" 1 
ATOM   479 O "O4'" . C   B 1 3  ? 15.519  7.132   19.172  1.00 86.43 ? 26  C   B "O4'" 1 
ATOM   480 C "C3'" . C   B 1 3  ? 13.781  7.488   17.649  1.00 87.68 ? 26  C   B "C3'" 1 
ATOM   481 O "O3'" . C   B 1 3  ? 12.763  8.380   17.214  1.00 88.50 ? 26  C   B "O3'" 1 
ATOM   482 C "C2'" . C   B 1 3  ? 15.095  7.664   16.899  1.00 86.28 ? 26  C   B "C2'" 1 
ATOM   483 O "O2'" . C   B 1 3  ? 15.461  9.020   16.714  1.00 84.45 ? 26  C   B "O2'" 1 
ATOM   484 C "C1'" . C   B 1 3  ? 16.067  6.984   17.865  1.00 85.43 ? 26  C   B "C1'" 1 
ATOM   485 N N1    . C   B 1 3  ? 16.205  5.546   17.589  1.00 84.25 ? 26  C   B N1    1 
ATOM   486 C C2    . C   B 1 3  ? 17.148  5.117   16.642  1.00 83.43 ? 26  C   B C2    1 
ATOM   487 O O2    . C   B 1 3  ? 17.838  5.960   16.052  1.00 82.65 ? 26  C   B O2    1 
ATOM   488 N N3    . C   B 1 3  ? 17.281  3.795   16.397  1.00 83.44 ? 26  C   B N3    1 
ATOM   489 C C4    . C   B 1 3  ? 16.515  2.915   17.053  1.00 83.94 ? 26  C   B C4    1 
ATOM   490 N N4    . C   B 1 3  ? 16.682  1.617   16.788  1.00 83.95 ? 26  C   B N4    1 
ATOM   491 C C5    . C   B 1 3  ? 15.543  3.326   18.011  1.00 83.46 ? 26  C   B C5    1 
ATOM   492 C C6    . C   B 1 3  ? 15.424  4.635   18.246  1.00 83.90 ? 26  C   B C6    1 
ATOM   493 P P     . G   B 1 4  ? 11.688  7.879   16.126  1.00 89.59 ? 27  G   B P     1 
ATOM   494 O OP1   . G   B 1 4  ? 10.755  9.015   15.884  1.00 89.37 ? 27  G   B OP1   1 
ATOM   495 O OP2   . G   B 1 4  ? 11.144  6.553   16.557  1.00 88.99 ? 27  G   B OP2   1 
ATOM   496 O "O5'" . G   B 1 4  ? 12.561  7.677   14.809  1.00 86.79 ? 27  G   B "O5'" 1 
ATOM   497 C "C5'" . G   B 1 4  ? 13.279  8.776   14.267  1.00 85.28 ? 27  G   B "C5'" 1 
ATOM   498 C "C4'" . G   B 1 4  ? 14.255  8.318   13.209  1.00 83.53 ? 27  G   B "C4'" 1 
ATOM   499 O "O4'" . G   B 1 4  ? 15.196  7.360   13.767  1.00 83.24 ? 27  G   B "O4'" 1 
ATOM   500 C "C3'" . G   B 1 4  ? 13.708  7.549   12.025  1.00 83.26 ? 27  G   B "C3'" 1 
ATOM   501 O "O3'" . G   B 1 4  ? 13.033  8.374   11.090  1.00 83.08 ? 27  G   B "O3'" 1 
ATOM   502 C "C2'" . G   B 1 4  ? 14.989  6.974   11.436  1.00 83.00 ? 27  G   B "C2'" 1 
ATOM   503 O "O2'" . G   B 1 4  ? 15.736  7.920   10.690  1.00 83.36 ? 27  G   B "O2'" 1 
ATOM   504 C "C1'" . G   B 1 4  ? 15.747  6.586   12.708  1.00 81.76 ? 27  G   B "C1'" 1 
ATOM   505 N N9    . G   B 1 4  ? 15.572  5.167   13.001  1.00 80.03 ? 27  G   B N9    1 
ATOM   506 C C8    . G   B 1 4  ? 14.760  4.592   13.948  1.00 79.23 ? 27  G   B C8    1 
ATOM   507 N N7    . G   B 1 4  ? 14.792  3.286   13.922  1.00 77.95 ? 27  G   B N7    1 
ATOM   508 C C5    . G   B 1 4  ? 15.687  2.983   12.905  1.00 77.66 ? 27  G   B C5    1 
ATOM   509 C C6    . G   B 1 4  ? 16.122  1.731   12.406  1.00 76.94 ? 27  G   B C6    1 
ATOM   510 O O6    . G   B 1 4  ? 15.777  0.599   12.765  1.00 76.72 ? 27  G   B O6    1 
ATOM   511 N N1    . G   B 1 4  ? 17.047  1.883   11.374  1.00 76.05 ? 27  G   B N1    1 
ATOM   512 C C2    . G   B 1 4  ? 17.484  3.086   10.876  1.00 76.28 ? 27  G   B C2    1 
ATOM   513 N N2    . G   B 1 4  ? 18.371  3.031   9.876   1.00 75.26 ? 27  G   B N2    1 
ATOM   514 N N3    . G   B 1 4  ? 17.079  4.259   11.326  1.00 77.51 ? 27  G   B N3    1 
ATOM   515 C C4    . G   B 1 4  ? 16.187  4.133   12.336  1.00 78.68 ? 27  G   B C4    1 
ATOM   516 P P     . U   B 1 5  ? 12.275  7.694   9.846   1.00 83.00 ? 28  U   B P     1 
ATOM   517 O OP1   . U   B 1 5  ? 11.393  8.717   9.231   1.00 83.64 ? 28  U   B OP1   1 
ATOM   518 O OP2   . U   B 1 5  ? 11.687  6.404   10.306  1.00 82.82 ? 28  U   B OP2   1 
ATOM   519 O "O5'" . U   B 1 5  ? 13.450  7.365   8.824   1.00 79.82 ? 28  U   B "O5'" 1 
ATOM   520 C "C5'" . U   B 1 5  ? 13.220  6.493   7.737   1.00 77.52 ? 28  U   B "C5'" 1 
ATOM   521 C "C4'" . U   B 1 5  ? 14.457  5.696   7.423   1.00 75.53 ? 28  U   B "C4'" 1 
ATOM   522 O "O4'" . U   B 1 5  ? 15.055  5.180   8.643   1.00 75.44 ? 28  U   B "O4'" 1 
ATOM   523 C "C3'" . U   B 1 5  ? 14.125  4.461   6.613   1.00 75.12 ? 28  U   B "C3'" 1 
ATOM   524 O "O3'" . U   B 1 5  ? 14.019  4.789   5.247   1.00 75.05 ? 28  U   B "O3'" 1 
ATOM   525 C "C2'" . U   B 1 5  ? 15.263  3.515   6.961   1.00 74.37 ? 28  U   B "C2'" 1 
ATOM   526 O "O2'" . U   B 1 5  ? 16.455  3.745   6.242   1.00 72.59 ? 28  U   B "O2'" 1 
ATOM   527 C "C1'" . U   B 1 5  ? 15.441  3.824   8.450   1.00 73.99 ? 28  U   B "C1'" 1 
ATOM   528 N N1    . U   B 1 5  ? 14.582  2.981   9.295   1.00 72.26 ? 28  U   B N1    1 
ATOM   529 C C2    . U   B 1 5  ? 14.786  1.619   9.251   1.00 71.80 ? 28  U   B C2    1 
ATOM   530 O O2    . U   B 1 5  ? 15.633  1.102   8.548   1.00 73.17 ? 28  U   B O2    1 
ATOM   531 N N3    . U   B 1 5  ? 13.963  0.879   10.062  1.00 72.19 ? 28  U   B N3    1 
ATOM   532 C C4    . U   B 1 5  ? 12.979  1.352   10.900  1.00 72.44 ? 28  U   B C4    1 
ATOM   533 O O4    . U   B 1 5  ? 12.348  0.556   11.601  1.00 72.51 ? 28  U   B O4    1 
ATOM   534 C C5    . U   B 1 5  ? 12.823  2.777   10.888  1.00 72.45 ? 28  U   B C5    1 
ATOM   535 C C6    . U   B 1 5  ? 13.610  3.523   10.104  1.00 71.92 ? 28  U   B C6    1 
ATOM   536 P P     . C   B 1 6  ? 12.603  5.273   4.669   1.00 75.42 ? 29  C   B P     1 
ATOM   537 O OP1   . C   B 1 6  ? 12.693  6.740   4.449   1.00 76.78 ? 29  C   B OP1   1 
ATOM   538 O OP2   . C   B 1 6  ? 11.519  4.734   5.523   1.00 76.47 ? 29  C   B OP2   1 
ATOM   539 O "O5'" . C   B 1 6  ? 12.549  4.561   3.250   1.00 75.99 ? 29  C   B "O5'" 1 
ATOM   540 C "C5'" . C   B 1 6  ? 12.027  3.250   3.120   1.00 76.25 ? 29  C   B "C5'" 1 
ATOM   541 C "C4'" . C   B 1 6  ? 13.124  2.272   2.779   1.00 76.35 ? 29  C   B "C4'" 1 
ATOM   542 O "O4'" . C   B 1 6  ? 14.003  2.079   3.925   1.00 76.81 ? 29  C   B "O4'" 1 
ATOM   543 C "C3'" . C   B 1 6  ? 12.577  0.892   2.479   1.00 76.92 ? 29  C   B "C3'" 1 
ATOM   544 O "O3'" . C   B 1 6  ? 12.220  0.805   1.114   1.00 75.48 ? 29  C   B "O3'" 1 
ATOM   545 C "C2'" . C   B 1 6  ? 13.729  -0.016  2.870   1.00 77.05 ? 29  C   B "C2'" 1 
ATOM   546 O "O2'" . C   B 1 6  ? 14.758  -0.051  1.902   1.00 78.99 ? 29  C   B "O2'" 1 
ATOM   547 C "C1'" . C   B 1 6  ? 14.226  0.689   4.131   1.00 76.84 ? 29  C   B "C1'" 1 
ATOM   548 N N1    . C   B 1 6  ? 13.478  0.285   5.339   1.00 76.86 ? 29  C   B N1    1 
ATOM   549 C C2    . C   B 1 6  ? 13.325  -1.086  5.636   1.00 77.39 ? 29  C   B C2    1 
ATOM   550 O O2    . C   B 1 6  ? 13.813  -1.937  4.865   1.00 79.28 ? 29  C   B O2    1 
ATOM   551 N N3    . C   B 1 6  ? 12.644  -1.443  6.755   1.00 76.40 ? 29  C   B N3    1 
ATOM   552 C C4    . C   B 1 6  ? 12.127  -0.502  7.553   1.00 75.66 ? 29  C   B C4    1 
ATOM   553 N N4    . C   B 1 6  ? 11.471  -0.894  8.647   1.00 75.20 ? 29  C   B N4    1 
ATOM   554 C C5    . C   B 1 6  ? 12.262  0.886   7.268   1.00 75.88 ? 29  C   B C5    1 
ATOM   555 C C6    . C   B 1 6  ? 12.937  1.232   6.165   1.00 76.10 ? 29  C   B C6    1 
ATOM   556 P P     . A   B 1 7  ? 10.752  0.302   0.721   1.00 77.15 ? 30  A   B P     1 
ATOM   557 O OP1   . A   B 1 7  ? 10.653  0.360   -0.763  1.00 76.58 ? 30  A   B OP1   1 
ATOM   558 O OP2   . A   B 1 7  ? 9.766   1.034   1.557   1.00 74.41 ? 30  A   B OP2   1 
ATOM   559 O "O5'" . A   B 1 7  ? 10.760  -1.228  1.163   1.00 75.50 ? 30  A   B "O5'" 1 
ATOM   560 C "C5'" . A   B 1 7  ? 11.707  -2.130  0.602   1.00 73.78 ? 30  A   B "C5'" 1 
ATOM   561 C "C4'" . A   B 1 7  ? 11.587  -3.488  1.248   1.00 72.35 ? 30  A   B "C4'" 1 
ATOM   562 O "O4'" . A   B 1 7  ? 12.057  -3.433  2.621   1.00 71.15 ? 30  A   B "O4'" 1 
ATOM   563 C "C3'" . A   B 1 7  ? 10.176  -4.036  1.364   1.00 71.27 ? 30  A   B "C3'" 1 
ATOM   564 O "O3'" . A   B 1 7  ? 9.762   -4.635  0.146   1.00 70.79 ? 30  A   B "O3'" 1 
ATOM   565 C "C2'" . A   B 1 7  ? 10.340  -5.068  2.468   1.00 70.47 ? 30  A   B "C2'" 1 
ATOM   566 O "O2'" . A   B 1 7  ? 10.893  -6.278  1.990   1.00 71.84 ? 30  A   B "O2'" 1 
ATOM   567 C "C1'" . A   B 1 7  ? 11.327  -4.363  3.401   1.00 69.59 ? 30  A   B "C1'" 1 
ATOM   568 N N9    . A   B 1 7  ? 10.663  -3.632  4.476   1.00 68.22 ? 30  A   B N9    1 
ATOM   569 C C8    . A   B 1 7  ? 10.429  -2.284  4.577   1.00 67.22 ? 30  A   B C8    1 
ATOM   570 N N7    . A   B 1 7  ? 9.827   -1.935  5.688   1.00 65.91 ? 30  A   B N7    1 
ATOM   571 C C5    . A   B 1 7  ? 9.648   -3.136  6.361   1.00 66.45 ? 30  A   B C5    1 
ATOM   572 C C6    . A   B 1 7  ? 9.078   -3.450  7.609   1.00 65.61 ? 30  A   B C6    1 
ATOM   573 N N6    . A   B 1 7  ? 8.554   -2.543  8.436   1.00 64.93 ? 30  A   B N6    1 
ATOM   574 N N1    . A   B 1 7  ? 9.062   -4.747  7.982   1.00 65.68 ? 30  A   B N1    1 
ATOM   575 C C2    . A   B 1 7  ? 9.578   -5.659  7.151   1.00 67.10 ? 30  A   B C2    1 
ATOM   576 N N3    . A   B 1 7  ? 10.136  -5.490  5.955   1.00 67.46 ? 30  A   B N3    1 
ATOM   577 C C4    . A   B 1 7  ? 10.145  -4.190  5.618   1.00 67.48 ? 30  A   B C4    1 
ATOM   578 P P     . C   B 1 8  ? 8.199   -4.675  -0.238  1.00 71.63 ? 31  C   B P     1 
ATOM   579 O OP1   . C   B 1 8  ? 8.142   -5.218  -1.618  1.00 72.72 ? 31  C   B OP1   1 
ATOM   580 O OP2   . C   B 1 8  ? 7.551   -3.366  0.063   1.00 70.02 ? 31  C   B OP2   1 
ATOM   581 O "O5'" . C   B 1 8  ? 7.585   -5.771  0.737   1.00 68.59 ? 31  C   B "O5'" 1 
ATOM   582 C "C5'" . C   B 1 8  ? 8.046   -7.112  0.701   1.00 67.23 ? 31  C   B "C5'" 1 
ATOM   583 C "C4'" . C   B 1 8  ? 7.526   -7.859  1.898   1.00 66.16 ? 31  C   B "C4'" 1 
ATOM   584 O "O4'" . C   B 1 8  ? 8.147   -7.330  3.100   1.00 65.81 ? 31  C   B "O4'" 1 
ATOM   585 C "C3'" . C   B 1 8  ? 6.043   -7.668  2.153   1.00 66.26 ? 31  C   B "C3'" 1 
ATOM   586 O "O3'" . C   B 1 8  ? 5.245   -8.529  1.358   1.00 66.12 ? 31  C   B "O3'" 1 
ATOM   587 C "C2'" . C   B 1 8  ? 5.935   -7.994  3.631   1.00 65.02 ? 31  C   B "C2'" 1 
ATOM   588 O "O2'" . C   B 1 8  ? 5.983   -9.382  3.868   1.00 65.13 ? 31  C   B "O2'" 1 
ATOM   589 C "C1'" . C   B 1 8  ? 7.205   -7.333  4.163   1.00 65.06 ? 31  C   B "C1'" 1 
ATOM   590 N N1    . C   B 1 8  ? 6.961   -5.947  4.590   1.00 63.32 ? 31  C   B N1    1 
ATOM   591 C C2    . C   B 1 8  ? 6.294   -5.731  5.801   1.00 63.45 ? 31  C   B C2    1 
ATOM   592 O O2    . C   B 1 8  ? 5.966   -6.712  6.490   1.00 63.25 ? 31  C   B O2    1 
ATOM   593 N N3    . C   B 1 8  ? 6.026   -4.463  6.193   1.00 62.56 ? 31  C   B N3    1 
ATOM   594 C C4    . C   B 1 8  ? 6.415   -3.436  5.434   1.00 61.09 ? 31  C   B C4    1 
ATOM   595 N N4    . C   B 1 8  ? 6.137   -2.201  5.864   1.00 59.89 ? 31  C   B N4    1 
ATOM   596 C C5    . C   B 1 8  ? 7.110   -3.629  4.206   1.00 60.75 ? 31  C   B C5    1 
ATOM   597 C C6    . C   B 1 8  ? 7.359   -4.889  3.826   1.00 61.48 ? 31  C   B C6    1 
ATOM   598 P P     . A   B 1 9  ? 3.680   -8.214  1.186   1.00 65.83 ? 32  A   B P     1 
ATOM   599 O OP1   . A   B 1 9  ? 3.121   -9.297  0.328   1.00 65.87 ? 32  A   B OP1   1 
ATOM   600 O OP2   . A   B 1 9  ? 3.523   -6.791  0.772   1.00 65.00 ? 32  A   B OP2   1 
ATOM   601 O "O5'" . A   B 1 9  ? 3.098   -8.363  2.661   1.00 63.48 ? 32  A   B "O5'" 1 
ATOM   602 C "C5'" . A   B 1 9  ? 3.126   -9.617  3.329   1.00 61.47 ? 32  A   B "C5'" 1 
ATOM   603 C "C4'" . A   B 1 9  ? 2.359   -9.535  4.627   1.00 60.30 ? 32  A   B "C4'" 1 
ATOM   604 O "O4'" . A   B 1 9  ? 3.071   -8.706  5.578   1.00 59.33 ? 32  A   B "O4'" 1 
ATOM   605 C "C3'" . A   B 1 9  ? 0.991   -8.889  4.525   1.00 60.16 ? 32  A   B "C3'" 1 
ATOM   606 O "O3'" . A   B 1 9  ? 0.039   -9.846  4.086   1.00 60.36 ? 32  A   B "O3'" 1 
ATOM   607 C "C2'" . A   B 1 9  ? 0.741   -8.446  5.961   1.00 59.54 ? 32  A   B "C2'" 1 
ATOM   608 O "O2'" . A   B 1 9  ? 0.303   -9.502  6.798   1.00 59.13 ? 32  A   B "O2'" 1 
ATOM   609 C "C1'" . A   B 1 9  ? 2.142   -8.010  6.385   1.00 58.93 ? 32  A   B "C1'" 1 
ATOM   610 N N9    . A   B 1 9  ? 2.384   -6.585  6.207   1.00 59.62 ? 32  A   B N9    1 
ATOM   611 C C8    . A   B 1 9  ? 2.913   -5.946  5.117   1.00 59.58 ? 32  A   B C8    1 
ATOM   612 N N7    . A   B 1 9  ? 3.057   -4.653  5.284   1.00 60.19 ? 32  A   B N7    1 
ATOM   613 C C5    . A   B 1 9  ? 2.579   -4.430  6.565   1.00 59.61 ? 32  A   B C5    1 
ATOM   614 C C6    . A   B 1 9  ? 2.473   -3.268  7.343   1.00 60.63 ? 32  A   B C6    1 
ATOM   615 N N6    . A   B 1 9  ? 2.858   -2.055  6.930   1.00 60.98 ? 32  A   B N6    1 
ATOM   616 N N1    . A   B 1 9  ? 1.952   -3.391  8.583   1.00 62.05 ? 32  A   B N1    1 
ATOM   617 C C2    . A   B 1 9  ? 1.562   -4.607  8.999   1.00 61.96 ? 32  A   B C2    1 
ATOM   618 N N3    . A   B 1 9  ? 1.614   -5.772  8.358   1.00 61.40 ? 32  A   B N3    1 
ATOM   619 C C4    . A   B 1 9  ? 2.143   -5.610  7.136   1.00 60.16 ? 32  A   B C4    1 
ATOM   620 P P     . C   B 1 10 ? -1.200  -9.378  3.182   1.00 61.55 ? 33  C   B P     1 
ATOM   621 O OP1   . C   B 1 10 ? -1.885  -10.640 2.779   1.00 61.46 ? 33  C   B OP1   1 
ATOM   622 O OP2   . C   B 1 10 ? -0.686  -8.444  2.138   1.00 60.61 ? 33  C   B OP2   1 
ATOM   623 O "O5'" . C   B 1 10 ? -2.146  -8.597  4.201   1.00 59.26 ? 33  C   B "O5'" 1 
ATOM   624 C "C5'" . C   B 1 10 ? -2.751  -9.314  5.266   1.00 61.24 ? 33  C   B "C5'" 1 
ATOM   625 C "C4'" . C   B 1 10 ? -3.187  -8.388  6.368   1.00 61.13 ? 33  C   B "C4'" 1 
ATOM   626 O "O4'" . C   B 1 10 ? -2.050  -7.708  6.947   1.00 61.69 ? 33  C   B "O4'" 1 
ATOM   627 C "C3'" . C   B 1 10 ? -4.128  -7.272  5.974   1.00 62.46 ? 33  C   B "C3'" 1 
ATOM   628 O "O3'" . C   B 1 10 ? -5.449  -7.788  5.893   1.00 63.86 ? 33  C   B "O3'" 1 
ATOM   629 C "C2'" . C   B 1 10 ? -3.955  -6.290  7.134   1.00 62.49 ? 33  C   B "C2'" 1 
ATOM   630 O "O2'" . C   B 1 10 ? -4.726  -6.589  8.283   1.00 61.76 ? 33  C   B "O2'" 1 
ATOM   631 C "C1'" . C   B 1 10 ? -2.469  -6.456  7.463   1.00 61.91 ? 33  C   B "C1'" 1 
ATOM   632 N N1    . C   B 1 10 ? -1.637  -5.400  6.870   1.00 62.51 ? 33  C   B N1    1 
ATOM   633 C C2    . C   B 1 10 ? -1.664  -4.129  7.443   1.00 62.75 ? 33  C   B C2    1 
ATOM   634 O O2    . C   B 1 10 ? -2.386  -3.935  8.438   1.00 62.79 ? 33  C   B O2    1 
ATOM   635 N N3    . C   B 1 10 ? -0.907  -3.145  6.903   1.00 62.77 ? 33  C   B N3    1 
ATOM   636 C C4    . C   B 1 10 ? -0.145  -3.402  5.834   1.00 62.60 ? 33  C   B C4    1 
ATOM   637 N N4    . C   B 1 10 ? 0.581   -2.403  5.323   1.00 61.77 ? 33  C   B N4    1 
ATOM   638 C C5    . C   B 1 10 ? -0.096  -4.692  5.237   1.00 61.93 ? 33  C   B C5    1 
ATOM   639 C C6    . C   B 1 10 ? -0.850  -5.651  5.780   1.00 62.64 ? 33  C   B C6    1 
ATOM   640 P P     . C   B 1 11 ? -6.578  -6.966  5.106   1.00 66.22 ? 34  C   B P     1 
ATOM   641 O OP1   . C   B 1 11 ? -7.836  -7.741  5.264   1.00 65.45 ? 34  C   B OP1   1 
ATOM   642 O OP2   . C   B 1 11 ? -6.078  -6.647  3.732   1.00 63.92 ? 34  C   B OP2   1 
ATOM   643 O "O5'" . C   B 1 11 ? -6.703  -5.608  5.942   1.00 63.26 ? 34  C   B "O5'" 1 
ATOM   644 C "C5'" . C   B 1 11 ? -7.429  -5.562  7.169   1.00 63.26 ? 34  C   B "C5'" 1 
ATOM   645 C "C4'" . C   B 1 11 ? -7.595  -4.129  7.634   1.00 63.22 ? 34  C   B "C4'" 1 
ATOM   646 O "O4'" . C   B 1 11 ? -6.310  -3.596  8.070   1.00 63.58 ? 34  C   B "O4'" 1 
ATOM   647 C "C3'" . C   B 1 11 ? -8.030  -3.134  6.573   1.00 63.69 ? 34  C   B "C3'" 1 
ATOM   648 O "O3'" . C   B 1 11 ? -9.416  -3.141  6.270   1.00 63.69 ? 34  C   B "O3'" 1 
ATOM   649 C "C2'" . C   B 1 11 ? -7.580  -1.817  7.177   1.00 62.41 ? 34  C   B "C2'" 1 
ATOM   650 O "O2'" . C   B 1 11 ? -8.418  -1.393  8.234   1.00 62.51 ? 34  C   B "O2'" 1 
ATOM   651 C "C1'" . C   B 1 11 ? -6.208  -2.219  7.709   1.00 60.96 ? 34  C   B "C1'" 1 
ATOM   652 N N1    . C   B 1 11 ? -5.187  -2.079  6.653   1.00 58.52 ? 34  C   B N1    1 
ATOM   653 C C2    . C   B 1 11 ? -4.560  -0.834  6.481   1.00 58.24 ? 34  C   B C2    1 
ATOM   654 O O2    . C   B 1 11 ? -4.878  0.105   7.234   1.00 61.20 ? 34  C   B O2    1 
ATOM   655 N N3    . C   B 1 11 ? -3.630  -0.685  5.503   1.00 54.42 ? 34  C   B N3    1 
ATOM   656 C C4    . C   B 1 11 ? -3.322  -1.720  4.715   1.00 54.38 ? 34  C   B C4    1 
ATOM   657 N N4    . C   B 1 11 ? -2.411  -1.530  3.751   1.00 51.01 ? 34  C   B N4    1 
ATOM   658 C C5    . C   B 1 11 ? -3.939  -2.999  4.875   1.00 55.20 ? 34  C   B C5    1 
ATOM   659 C C6    . C   B 1 11 ? -4.858  -3.131  5.845   1.00 56.17 ? 34  C   B C6    1 
ATOM   660 P P     . G   B 1 12 ? -9.879  -2.736  4.785   1.00 63.35 ? 35  G   B P     1 
ATOM   661 O OP1   . G   B 1 12 ? -11.329 -3.044  4.650   1.00 63.99 ? 35  G   B OP1   1 
ATOM   662 O OP2   . G   B 1 12 ? -8.903  -3.355  3.841   1.00 62.93 ? 35  G   B OP2   1 
ATOM   663 O "O5'" . G   B 1 12 ? -9.683  -1.152  4.748   1.00 60.88 ? 35  G   B "O5'" 1 
ATOM   664 C "C5'" . G   B 1 12 ? -10.372 -0.319  5.680   1.00 57.05 ? 35  G   B "C5'" 1 
ATOM   665 C "C4'" . G   B 1 12 ? -9.775  1.076   5.703   1.00 55.93 ? 35  G   B "C4'" 1 
ATOM   666 O "O4'" . G   B 1 12 ? -8.347  0.991   5.994   1.00 54.48 ? 35  G   B "O4'" 1 
ATOM   667 C "C3'" . G   B 1 12 ? -9.797  1.883   4.413   1.00 54.39 ? 35  G   B "C3'" 1 
ATOM   668 O "O3'" . G   B 1 12 ? -11.066 2.470   4.130   1.00 54.77 ? 35  G   B "O3'" 1 
ATOM   669 C "C2'" . G   B 1 12 ? -8.751  2.940   4.723   1.00 52.51 ? 35  G   B "C2'" 1 
ATOM   670 O "O2'" . G   B 1 12 ? -9.229  3.877   5.660   1.00 51.46 ? 35  G   B "O2'" 1 
ATOM   671 C "C1'" . G   B 1 12 ? -7.676  2.090   5.395   1.00 50.50 ? 35  G   B "C1'" 1 
ATOM   672 N N9    . G   B 1 12 ? -6.717  1.584   4.420   1.00 46.17 ? 35  G   B N9    1 
ATOM   673 C C8    . G   B 1 12 ? -6.586  0.303   3.941   1.00 46.53 ? 35  G   B C8    1 
ATOM   674 N N7    . G   B 1 12 ? -5.625  0.180   3.062   1.00 43.95 ? 35  G   B N7    1 
ATOM   675 C C5    . G   B 1 12 ? -5.094  1.458   2.960   1.00 42.40 ? 35  G   B C5    1 
ATOM   676 C C6    . G   B 1 12 ? -4.028  1.956   2.165   1.00 41.40 ? 35  G   B C6    1 
ATOM   677 O O6    . G   B 1 12 ? -3.312  1.350   1.359   1.00 40.31 ? 35  G   B O6    1 
ATOM   678 N N1    . G   B 1 12 ? -3.830  3.316   2.379   1.00 42.98 ? 35  G   B N1    1 
ATOM   679 C C2    . G   B 1 12 ? -4.562  4.096   3.240   1.00 40.62 ? 35  G   B C2    1 
ATOM   680 N N2    . G   B 1 12 ? -4.224  5.383   3.311   1.00 39.26 ? 35  G   B N2    1 
ATOM   681 N N3    . G   B 1 12 ? -5.551  3.648   3.976   1.00 40.81 ? 35  G   B N3    1 
ATOM   682 C C4    . G   B 1 12 ? -5.759  2.331   3.793   1.00 43.00 ? 35  G   B C4    1 
ATOM   683 P P     . G   B 1 13 ? -11.563 2.570   2.593   1.00 55.43 ? 36  G   B P     1 
ATOM   684 O OP1   . G   B 1 13 ? -13.004 2.929   2.608   1.00 53.54 ? 36  G   B OP1   1 
ATOM   685 O OP2   . G   B 1 13 ? -11.127 1.339   1.896   1.00 54.72 ? 36  G   B OP2   1 
ATOM   686 O "O5'" . G   B 1 13 ? -10.722 3.786   1.982   1.00 50.59 ? 36  G   B "O5'" 1 
ATOM   687 C "C5'" . G   B 1 13 ? -10.819 5.086   2.559   1.00 46.90 ? 36  G   B "C5'" 1 
ATOM   688 C "C4'" . G   B 1 13 ? -9.633  5.955   2.179   1.00 43.71 ? 36  G   B "C4'" 1 
ATOM   689 O "O4'" . G   B 1 13 ? -8.381  5.287   2.499   1.00 41.71 ? 36  G   B "O4'" 1 
ATOM   690 C "C3'" . G   B 1 13 ? -9.446  6.324   0.722   1.00 41.49 ? 36  G   B "C3'" 1 
ATOM   691 O "O3'" . G   B 1 13 ? -10.329 7.371   0.340   1.00 40.07 ? 36  G   B "O3'" 1 
ATOM   692 C "C2'" . G   B 1 13 ? -8.013  6.817   0.746   1.00 40.65 ? 36  G   B "C2'" 1 
ATOM   693 O "O2'" . G   B 1 13 ? -7.932  8.057   1.403   1.00 41.16 ? 36  G   B "O2'" 1 
ATOM   694 C "C1'" . G   B 1 13 ? -7.361  5.769   1.642   1.00 40.65 ? 36  G   B "C1'" 1 
ATOM   695 N N9    . G   B 1 13 ? -6.822  4.655   0.865   1.00 40.32 ? 36  G   B N9    1 
ATOM   696 C C8    . G   B 1 13 ? -7.292  3.369   0.788   1.00 38.39 ? 36  G   B C8    1 
ATOM   697 N N7    . G   B 1 13 ? -6.569  2.605   0.010   1.00 37.29 ? 36  G   B N7    1 
ATOM   698 C C5    . G   B 1 13 ? -5.573  3.439   -0.463  1.00 38.95 ? 36  G   B C5    1 
ATOM   699 C C6    . G   B 1 13 ? -4.496  3.177   -1.348  1.00 42.01 ? 36  G   B C6    1 
ATOM   700 O O6    . G   B 1 13 ? -4.193  2.114   -1.917  1.00 42.16 ? 36  G   B O6    1 
ATOM   701 N N1    . G   B 1 13 ? -3.717  4.318   -1.554  1.00 45.21 ? 36  G   B N1    1 
ATOM   702 C C2    . G   B 1 13 ? -3.944  5.550   -0.976  1.00 42.82 ? 36  G   B C2    1 
ATOM   703 N N2    . G   B 1 13 ? -3.072  6.521   -1.277  1.00 41.46 ? 36  G   B N2    1 
ATOM   704 N N3    . G   B 1 13 ? -4.948  5.803   -0.159  1.00 41.19 ? 36  G   B N3    1 
ATOM   705 C C4    . G   B 1 13 ? -5.716  4.710   0.055   1.00 40.23 ? 36  G   B C4    1 
ATOM   706 P P     . U   B 1 14 ? -10.734 7.537   -1.208  1.00 38.57 ? 37  U   B P     1 
ATOM   707 O OP1   . U   B 1 14 ? -11.903 8.438   -1.342  1.00 36.39 ? 37  U   B OP1   1 
ATOM   708 O OP2   . U   B 1 14 ? -10.791 6.169   -1.773  1.00 36.37 ? 37  U   B OP2   1 
ATOM   709 O "O5'" . U   B 1 14 ? -9.475  8.285   -1.826  1.00 38.11 ? 37  U   B "O5'" 1 
ATOM   710 C "C5'" . U   B 1 14 ? -9.083  9.554   -1.337  1.00 34.28 ? 37  U   B "C5'" 1 
ATOM   711 C "C4'" . U   B 1 14 ? -7.833  9.996   -2.030  1.00 34.39 ? 37  U   B "C4'" 1 
ATOM   712 O "O4'" . U   B 1 14 ? -6.762  9.097   -1.676  1.00 33.92 ? 37  U   B "O4'" 1 
ATOM   713 C "C3'" . U   B 1 14 ? -7.867  9.912   -3.547  1.00 34.85 ? 37  U   B "C3'" 1 
ATOM   714 O "O3'" . U   B 1 14 ? -8.518  11.033  -4.106  1.00 35.32 ? 37  U   B "O3'" 1 
ATOM   715 C "C2'" . U   B 1 14 ? -6.386  9.879   -3.878  1.00 32.84 ? 37  U   B "C2'" 1 
ATOM   716 O "O2'" . U   B 1 14 ? -5.743  11.121  -3.687  1.00 30.95 ? 37  U   B "O2'" 1 
ATOM   717 C "C1'" . U   B 1 14 ? -5.881  8.946   -2.790  1.00 33.03 ? 37  U   B "C1'" 1 
ATOM   718 N N1    . U   B 1 14 ? -5.903  7.545   -3.235  1.00 31.82 ? 37  U   B N1    1 
ATOM   719 C C2    . U   B 1 14 ? -4.864  7.114   -4.028  1.00 32.21 ? 37  U   B C2    1 
ATOM   720 O O2    . U   B 1 14 ? -3.959  7.841   -4.376  1.00 30.35 ? 37  U   B O2    1 
ATOM   721 N N3    . U   B 1 14 ? -4.921  5.793   -4.400  1.00 35.26 ? 37  U   B N3    1 
ATOM   722 C C4    . U   B 1 14 ? -5.900  4.881   -4.065  1.00 35.84 ? 37  U   B C4    1 
ATOM   723 O O4    . U   B 1 14 ? -5.779  3.704   -4.413  1.00 40.34 ? 37  U   B O4    1 
ATOM   724 C C5    . U   B 1 14 ? -6.946  5.411   -3.257  1.00 35.31 ? 37  U   B C5    1 
ATOM   725 C C6    . U   B 1 14 ? -6.913  6.696   -2.877  1.00 34.18 ? 37  U   B C6    1 
ATOM   726 P P     . G   B 1 15 ? -9.291  10.897  -5.518  1.00 42.66 ? 38  G   B P     1 
ATOM   727 O OP1   . G   B 1 15 ? -9.663  12.341  -5.684  1.00 41.91 ? 38  G   B OP1   1 
ATOM   728 O OP2   . G   B 1 15 ? -10.350 9.834   -5.609  1.00 37.66 ? 38  G   B OP2   1 
ATOM   729 O "O5'" . G   B 1 15 ? -8.158  10.477  -6.564  1.00 38.31 ? 38  G   B "O5'" 1 
ATOM   730 C "C5'" . G   B 1 15 ? -7.202  11.428  -6.999  1.00 34.53 ? 38  G   B "C5'" 1 
ATOM   731 C "C4'" . G   B 1 15 ? -6.216  10.793  -7.937  1.00 31.17 ? 38  G   B "C4'" 1 
ATOM   732 O "O4'" . G   B 1 15 ? -5.531  9.706   -7.272  1.00 29.87 ? 38  G   B "O4'" 1 
ATOM   733 C "C3'" . G   B 1 15 ? -6.767  10.111  -9.172  1.00 30.51 ? 38  G   B "C3'" 1 
ATOM   734 O "O3'" . G   B 1 15 ? -7.102  11.072  -10.153 1.00 31.23 ? 38  G   B "O3'" 1 
ATOM   735 C "C2'" . G   B 1 15 ? -5.559  9.285   -9.597  1.00 30.98 ? 38  G   B "C2'" 1 
ATOM   736 O "O2'" . G   B 1 15 ? -4.542  10.073  -10.180 1.00 32.13 ? 38  G   B "O2'" 1 
ATOM   737 C "C1'" . G   B 1 15 ? -5.038  8.803   -8.246  1.00 28.37 ? 38  G   B "C1'" 1 
ATOM   738 N N9    . G   B 1 15 ? -5.486  7.460   -7.915  1.00 27.44 ? 38  G   B N9    1 
ATOM   739 C C8    . G   B 1 15 ? -6.515  7.085   -7.084  1.00 26.61 ? 38  G   B C8    1 
ATOM   740 N N7    . G   B 1 15 ? -6.630  5.784   -6.965  1.00 26.42 ? 38  G   B N7    1 
ATOM   741 C C5    . G   B 1 15 ? -5.623  5.280   -7.776  1.00 28.75 ? 38  G   B C5    1 
ATOM   742 C C6    . G   B 1 15 ? -5.237  3.934   -8.058  1.00 28.36 ? 38  G   B C6    1 
ATOM   743 O O6    . G   B 1 15 ? -5.716  2.885   -7.618  1.00 31.60 ? 38  G   B O6    1 
ATOM   744 N N1    . G   B 1 15 ? -4.169  3.889   -8.951  1.00 25.09 ? 38  G   B N1    1 
ATOM   745 C C2    . G   B 1 15 ? -3.557  4.985   -9.494  1.00 23.33 ? 38  G   B C2    1 
ATOM   746 N N2    . G   B 1 15 ? -2.550  4.759   -10.320 1.00 24.44 ? 38  G   B N2    1 
ATOM   747 N N3    . G   B 1 15 ? -3.901  6.226   -9.242  1.00 27.81 ? 38  G   B N3    1 
ATOM   748 C C4    . G   B 1 15 ? -4.926  6.303   -8.380  1.00 28.52 ? 38  G   B C4    1 
ATOM   749 P P     . A   B 1 16 ? -8.550  11.028  -10.851 1.00 34.41 ? 39  A   B P     1 
ATOM   750 O OP1   . A   B 1 16 ? -9.406  12.143  -10.375 1.00 36.43 ? 39  A   B OP1   1 
ATOM   751 O OP2   . A   B 1 16 ? -9.068  9.641   -10.796 1.00 33.13 ? 39  A   B OP2   1 
ATOM   752 O "O5'" . A   B 1 16 ? -8.198  11.378  -12.349 1.00 36.21 ? 39  A   B "O5'" 1 
ATOM   753 C "C5'" . A   B 1 16 ? -7.644  10.403  -13.192 1.00 34.92 ? 39  A   B "C5'" 1 
ATOM   754 C "C4'" . A   B 1 16 ? -8.103  10.659  -14.585 1.00 35.83 ? 39  A   B "C4'" 1 
ATOM   755 O "O4'" . A   B 1 16 ? -7.519  11.895  -15.054 1.00 34.00 ? 39  A   B "O4'" 1 
ATOM   756 C "C3'" . A   B 1 16 ? -7.654  9.633   -15.597 1.00 37.52 ? 39  A   B "C3'" 1 
ATOM   757 O "O3'" . A   B 1 16 ? -8.543  8.532   -15.515 1.00 36.54 ? 39  A   B "O3'" 1 
ATOM   758 C "C2'" . A   B 1 16 ? -7.767  10.417  -16.897 1.00 36.55 ? 39  A   B "C2'" 1 
ATOM   759 O "O2'" . A   B 1 16 ? -9.116  10.521  -17.335 1.00 39.37 ? 39  A   B "O2'" 1 
ATOM   760 C "C1'" . A   B 1 16 ? -7.291  11.800  -16.445 1.00 34.80 ? 39  A   B "C1'" 1 
ATOM   761 N N9    . A   B 1 16 ? -5.883  12.081  -16.685 1.00 34.25 ? 39  A   B N9    1 
ATOM   762 C C8    . A   B 1 16 ? -4.791  11.888  -15.864 1.00 33.44 ? 39  A   B C8    1 
ATOM   763 N N7    . A   B 1 16 ? -3.662  12.326  -16.379 1.00 32.30 ? 39  A   B N7    1 
ATOM   764 C C5    . A   B 1 16 ? -4.036  12.828  -17.620 1.00 33.52 ? 39  A   B C5    1 
ATOM   765 C C6    . A   B 1 16 ? -3.310  13.447  -18.651 1.00 34.28 ? 39  A   B C6    1 
ATOM   766 N N6    . A   B 1 16 ? -1.995  13.672  -18.598 1.00 36.70 ? 39  A   B N6    1 
ATOM   767 N N1    . A   B 1 16 ? -3.989  13.828  -19.756 1.00 34.49 ? 39  A   B N1    1 
ATOM   768 C C2    . A   B 1 16 ? -5.309  13.586  -19.815 1.00 33.93 ? 39  A   B C2    1 
ATOM   769 N N3    . A   B 1 16 ? -6.104  13.007  -18.910 1.00 33.31 ? 39  A   B N3    1 
ATOM   770 C C4    . A   B 1 16 ? -5.397  12.657  -17.827 1.00 33.84 ? 39  A   B C4    1 
ATOM   771 P P     . A   B 1 17 ? -7.940  7.070   -15.341 1.00 36.13 ? 40  A   B P     1 
ATOM   772 O OP1   . A   B 1 17 ? -8.941  6.208   -14.687 1.00 36.83 ? 40  A   B OP1   1 
ATOM   773 O OP2   . A   B 1 17 ? -6.582  7.216   -14.742 1.00 34.92 ? 40  A   B OP2   1 
ATOM   774 O "O5'" . A   B 1 17 ? -7.807  6.583   -16.849 1.00 36.71 ? 40  A   B "O5'" 1 
ATOM   775 C "C5'" . A   B 1 17 ? -8.968  6.510   -17.667 1.00 39.08 ? 40  A   B "C5'" 1 
ATOM   776 C "C4'" . A   B 1 17 ? -8.596  6.669   -19.117 1.00 40.91 ? 40  A   B "C4'" 1 
ATOM   777 O "O4'" . A   B 1 17 ? -8.045  7.996   -19.328 1.00 41.15 ? 40  A   B "O4'" 1 
ATOM   778 C "C3'" . A   B 1 17 ? -7.511  5.730   -19.618 1.00 41.34 ? 40  A   B "C3'" 1 
ATOM   779 O "O3'" . A   B 1 17 ? -8.061  4.450   -19.942 1.00 43.72 ? 40  A   B "O3'" 1 
ATOM   780 C "C2'" . A   B 1 17 ? -7.005  6.503   -20.831 1.00 40.90 ? 40  A   B "C2'" 1 
ATOM   781 O "O2'" . A   B 1 17 ? -7.913  6.482   -21.918 1.00 41.87 ? 40  A   B "O2'" 1 
ATOM   782 C "C1'" . A   B 1 17 ? -7.008  7.932   -20.291 1.00 39.73 ? 40  A   B "C1'" 1 
ATOM   783 N N9    . A   B 1 17 ? -5.767  8.301   -19.623 1.00 37.69 ? 40  A   B N9    1 
ATOM   784 C C8    . A   B 1 17 ? -5.332  7.850   -18.413 1.00 36.55 ? 40  A   B C8    1 
ATOM   785 N N7    . A   B 1 17 ? -4.182  8.365   -18.042 1.00 38.47 ? 40  A   B N7    1 
ATOM   786 C C5    . A   B 1 17 ? -3.843  9.211   -19.080 1.00 37.09 ? 40  A   B C5    1 
ATOM   787 C C6    . A   B 1 17 ? -2.754  10.062  -19.275 1.00 38.41 ? 40  A   B C6    1 
ATOM   788 N N6    . A   B 1 17 ? -1.752  10.189  -18.403 1.00 42.07 ? 40  A   B N6    1 
ATOM   789 N N1    . A   B 1 17 ? -2.719  10.788  -20.409 1.00 38.40 ? 40  A   B N1    1 
ATOM   790 C C2    . A   B 1 17 ? -3.725  10.656  -21.281 1.00 37.40 ? 40  A   B C2    1 
ATOM   791 N N3    . A   B 1 17 ? -4.806  9.883   -21.210 1.00 36.74 ? 40  A   B N3    1 
ATOM   792 C C4    . A   B 1 17 ? -4.805  9.178   -20.068 1.00 37.20 ? 40  A   B C4    1 
ATOM   793 P P     . G   B 1 18 ? -7.988  3.246   -18.865 1.00 46.14 ? 41  G   B P     1 
ATOM   794 O OP1   . G   B 1 18 ? -9.080  2.308   -19.205 1.00 50.61 ? 41  G   B OP1   1 
ATOM   795 O OP2   . G   B 1 18 ? -7.896  3.780   -17.493 1.00 46.43 ? 41  G   B OP2   1 
ATOM   796 O "O5'" . G   B 1 18 ? -6.608  2.516   -19.145 1.00 43.59 ? 41  G   B "O5'" 1 
ATOM   797 C "C5'" . G   B 1 18 ? -6.422  1.724   -20.307 1.00 40.41 ? 41  G   B "C5'" 1 
ATOM   798 C "C4'" . G   B 1 18 ? -5.829  0.410   -19.917 1.00 39.43 ? 41  G   B "C4'" 1 
ATOM   799 O "O4'" . G   B 1 18 ? -5.189  0.580   -18.626 1.00 40.25 ? 41  G   B "O4'" 1 
ATOM   800 C "C3'" . G   B 1 18 ? -6.859  -0.677  -19.670 1.00 39.46 ? 41  G   B "C3'" 1 
ATOM   801 O "O3'" . G   B 1 18 ? -7.157  -1.316  -20.893 1.00 41.49 ? 41  G   B "O3'" 1 
ATOM   802 C "C2'" . G   B 1 18 ? -6.143  -1.585  -18.682 1.00 38.41 ? 41  G   B "C2'" 1 
ATOM   803 O "O2'" . G   B 1 18 ? -5.139  -2.400  -19.250 1.00 38.21 ? 41  G   B "O2'" 1 
ATOM   804 C "C1'" . G   B 1 18 ? -5.469  -0.544  -17.800 1.00 39.08 ? 41  G   B "C1'" 1 
ATOM   805 N N9    . G   B 1 18 ? -6.322  -0.123  -16.692 1.00 38.62 ? 41  G   B N9    1 
ATOM   806 C C8    . G   B 1 18 ? -6.827  1.128   -16.436 1.00 37.75 ? 41  G   B C8    1 
ATOM   807 N N7    . G   B 1 18 ? -7.495  1.190   -15.316 1.00 37.31 ? 41  G   B N7    1 
ATOM   808 C C5    . G   B 1 18 ? -7.434  -0.102  -14.815 1.00 38.58 ? 41  G   B C5    1 
ATOM   809 C C6    . G   B 1 18 ? -7.936  -0.639  -13.617 1.00 39.63 ? 41  G   B C6    1 
ATOM   810 O O6    . G   B 1 18 ? -8.547  -0.060  -12.708 1.00 43.15 ? 41  G   B O6    1 
ATOM   811 N N1    . G   B 1 18 ? -7.658  -1.996  -13.509 1.00 40.31 ? 41  G   B N1    1 
ATOM   812 C C2    . G   B 1 18 ? -6.980  -2.740  -14.436 1.00 40.31 ? 41  G   B C2    1 
ATOM   813 N N2    . G   B 1 18 ? -6.825  -4.050  -14.164 1.00 37.32 ? 41  G   B N2    1 
ATOM   814 N N3    . G   B 1 18 ? -6.489  -2.241  -15.552 1.00 39.76 ? 41  G   B N3    1 
ATOM   815 C C4    . G   B 1 18 ? -6.746  -0.927  -15.670 1.00 38.91 ? 41  G   B C4    1 
ATOM   816 P P     . U   B 1 19 ? -8.635  -1.851  -21.158 1.00 42.62 ? 42  U   B P     1 
ATOM   817 O OP1   . U   B 1 19 ? -8.708  -2.063  -22.622 1.00 44.21 ? 42  U   B OP1   1 
ATOM   818 O OP2   . U   B 1 19 ? -9.624  -0.956  -20.497 1.00 40.45 ? 42  U   B OP2   1 
ATOM   819 O "O5'" . U   B 1 19 ? -8.600  -3.276  -20.442 1.00 41.47 ? 42  U   B "O5'" 1 
ATOM   820 C "C5'" . U   B 1 19 ? -7.480  -4.137  -20.640 1.00 39.74 ? 42  U   B "C5'" 1 
ATOM   821 C "C4'" . U   B 1 19 ? -7.539  -5.320  -19.706 1.00 39.21 ? 42  U   B "C4'" 1 
ATOM   822 O "O4'" . U   B 1 19 ? -7.229  -4.912  -18.353 1.00 37.01 ? 42  U   B "O4'" 1 
ATOM   823 C "C3'" . U   B 1 19 ? -8.891  -6.001  -19.595 1.00 40.45 ? 42  U   B "C3'" 1 
ATOM   824 O "O3'" . U   B 1 19 ? -9.085  -6.886  -20.689 1.00 43.29 ? 42  U   B "O3'" 1 
ATOM   825 C "C2'" . U   B 1 19 ? -8.762  -6.709  -18.252 1.00 38.34 ? 42  U   B "C2'" 1 
ATOM   826 O "O2'" . U   B 1 19 ? -7.931  -7.847  -18.317 1.00 40.71 ? 42  U   B "O2'" 1 
ATOM   827 C "C1'" . U   B 1 19 ? -8.019  -5.650  -17.446 1.00 37.08 ? 42  U   B "C1'" 1 
ATOM   828 N N1    . U   B 1 19 ? -8.934  -4.716  -16.791 1.00 36.59 ? 42  U   B N1    1 
ATOM   829 C C2    . U   B 1 19 ? -9.525  -5.134  -15.628 1.00 35.39 ? 42  U   B C2    1 
ATOM   830 O O2    . U   B 1 19 ? -9.304  -6.232  -15.140 1.00 38.04 ? 42  U   B O2    1 
ATOM   831 N N3    . U   B 1 19 ? -10.366 -4.224  -15.046 1.00 33.54 ? 42  U   B N3    1 
ATOM   832 C C4    . U   B 1 19 ? -10.654 -2.952  -15.487 1.00 34.59 ? 42  U   B C4    1 
ATOM   833 O O4    . U   B 1 19 ? -11.311 -2.203  -14.767 1.00 35.28 ? 42  U   B O4    1 
ATOM   834 C C5    . U   B 1 19 ? -10.013 -2.587  -16.709 1.00 35.41 ? 42  U   B C5    1 
ATOM   835 C C6    . U   B 1 19 ? -9.192  -3.464  -17.310 1.00 37.18 ? 42  U   B C6    1 
ATOM   836 P P     . C   B 1 20 ? -10.513 -6.942  -21.418 1.00 45.09 ? 43  C   B P     1 
ATOM   837 O OP1   . C   B 1 20 ? -10.304 -7.825  -22.594 1.00 44.88 ? 43  C   B OP1   1 
ATOM   838 O OP2   . C   B 1 20 ? -11.064 -5.579  -21.623 1.00 44.20 ? 43  C   B OP2   1 
ATOM   839 O "O5'" . C   B 1 20 ? -11.437 -7.675  -20.347 1.00 48.23 ? 43  C   B "O5'" 1 
ATOM   840 C "C5'" . C   B 1 20 ? -11.158 -9.019  -19.981 1.00 49.98 ? 43  C   B "C5'" 1 
ATOM   841 C "C4'" . C   B 1 20 ? -11.941 -9.410  -18.753 1.00 50.46 ? 43  C   B "C4'" 1 
ATOM   842 O "O4'" . C   B 1 20 ? -11.489 -8.638  -17.607 1.00 50.39 ? 43  C   B "O4'" 1 
ATOM   843 C "C3'" . C   B 1 20 ? -13.437 -9.146  -18.786 1.00 51.24 ? 43  C   B "C3'" 1 
ATOM   844 O "O3'" . C   B 1 20 ? -14.148 -10.133 -19.518 1.00 51.51 ? 43  C   B "O3'" 1 
ATOM   845 C "C2'" . C   B 1 20 ? -13.781 -9.185  -17.307 1.00 50.91 ? 43  C   B "C2'" 1 
ATOM   846 O "O2'" . C   B 1 20 ? -13.854 -10.504 -16.798 1.00 49.26 ? 43  C   B "O2'" 1 
ATOM   847 C "C1'" . C   B 1 20 ? -12.576 -8.452  -16.712 1.00 49.84 ? 43  C   B "C1'" 1 
ATOM   848 N N1    . C   B 1 20 ? -12.850 -7.018  -16.605 1.00 48.43 ? 43  C   B N1    1 
ATOM   849 C C2    . C   B 1 20 ? -13.603 -6.567  -15.525 1.00 49.28 ? 43  C   B C2    1 
ATOM   850 O O2    . C   B 1 20 ? -13.988 -7.386  -14.679 1.00 51.06 ? 43  C   B O2    1 
ATOM   851 N N3    . C   B 1 20 ? -13.893 -5.259  -15.423 1.00 50.43 ? 43  C   B N3    1 
ATOM   852 C C4    . C   B 1 20 ? -13.452 -4.405  -16.347 1.00 51.42 ? 43  C   B C4    1 
ATOM   853 N N4    . C   B 1 20 ? -13.771 -3.118  -16.204 1.00 52.15 ? 43  C   B N4    1 
ATOM   854 C C5    . C   B 1 20 ? -12.670 -4.834  -17.456 1.00 49.36 ? 43  C   B C5    1 
ATOM   855 C C6    . C   B 1 20 ? -12.396 -6.139  -17.546 1.00 49.51 ? 43  C   B C6    1 
ATOM   856 P P     . G   B 1 21 ? -15.565 -9.759  -20.163 1.00 52.37 ? 44  G   B P     1 
ATOM   857 O OP1   . G   B 1 21 ? -16.050 -10.970 -20.866 1.00 53.05 ? 44  G   B OP1   1 
ATOM   858 O OP2   . G   B 1 21 ? -15.458 -8.476  -20.902 1.00 49.34 ? 44  G   B OP2   1 
ATOM   859 O "O5'" . G   B 1 21 ? -16.487 -9.520  -18.890 1.00 51.52 ? 44  G   B "O5'" 1 
ATOM   860 C "C5'" . G   B 1 21 ? -16.785 -10.585 -18.010 1.00 53.34 ? 44  G   B "C5'" 1 
ATOM   861 C "C4'" . G   B 1 21 ? -17.701 -10.112 -16.906 1.00 55.22 ? 44  G   B "C4'" 1 
ATOM   862 O "O4'" . G   B 1 21 ? -17.010 -9.143  -16.072 1.00 55.06 ? 44  G   B "O4'" 1 
ATOM   863 C "C3'" . G   B 1 21 ? -18.945 -9.358  -17.337 1.00 55.25 ? 44  G   B "C3'" 1 
ATOM   864 O "O3'" . G   B 1 21 ? -19.972 -10.223 -17.793 1.00 56.21 ? 44  G   B "O3'" 1 
ATOM   865 C "C2'" . G   B 1 21 ? -19.330 -8.633  -16.054 1.00 55.39 ? 44  G   B "C2'" 1 
ATOM   866 O "O2'" . G   B 1 21 ? -20.000 -9.433  -15.106 1.00 54.35 ? 44  G   B "O2'" 1 
ATOM   867 C "C1'" . G   B 1 21 ? -17.956 -8.244  -15.512 1.00 55.12 ? 44  G   B "C1'" 1 
ATOM   868 N N9    . G   B 1 21 ? -17.605 -6.883  -15.899 1.00 55.17 ? 44  G   B N9    1 
ATOM   869 C C8    . G   B 1 21 ? -16.750 -6.487  -16.898 1.00 55.15 ? 44  G   B C8    1 
ATOM   870 N N7    . G   B 1 21 ? -16.657 -5.189  -17.004 1.00 54.61 ? 44  G   B N7    1 
ATOM   871 C C5    . G   B 1 21 ? -17.499 -4.702  -16.013 1.00 55.29 ? 44  G   B C5    1 
ATOM   872 C C6    . G   B 1 21 ? -17.812 -3.370  -15.647 1.00 56.11 ? 44  G   B C6    1 
ATOM   873 O O6    . G   B 1 21 ? -17.392 -2.319  -16.130 1.00 59.16 ? 44  G   B O6    1 
ATOM   874 N N1    . G   B 1 21 ? -18.716 -3.329  -14.599 1.00 56.63 ? 44  G   B N1    1 
ATOM   875 C C2    . G   B 1 21 ? -19.255 -4.426  -13.974 1.00 56.02 ? 44  G   B C2    1 
ATOM   876 N N2    . G   B 1 21 ? -20.129 -4.172  -12.965 1.00 55.43 ? 44  G   B N2    1 
ATOM   877 N N3    . G   B 1 21 ? -18.968 -5.673  -14.305 1.00 54.77 ? 44  G   B N3    1 
ATOM   878 C C4    . G   B 1 21 ? -18.090 -5.734  -15.324 1.00 54.65 ? 44  G   B C4    1 
ATOM   879 P P     . C   B 1 22 ? -21.160 -9.628  -18.701 1.00 57.75 ? 45  C   B P     1 
ATOM   880 O OP1   . C   B 1 22 ? -22.028 -10.775 -19.073 1.00 58.34 ? 45  C   B OP1   1 
ATOM   881 O OP2   . C   B 1 22 ? -20.586 -8.772  -19.777 1.00 57.67 ? 45  C   B OP2   1 
ATOM   882 O "O5'" . C   B 1 22 ? -21.938 -8.657  -17.702 1.00 57.22 ? 45  C   B "O5'" 1 
ATOM   883 C "C5'" . C   B 1 22 ? -22.449 -9.140  -16.466 1.00 58.01 ? 45  C   B "C5'" 1 
ATOM   884 C "C4'" . C   B 1 22 ? -23.166 -8.033  -15.740 1.00 60.10 ? 45  C   B "C4'" 1 
ATOM   885 O "O4'" . C   B 1 22 ? -22.211 -7.046  -15.275 1.00 61.44 ? 45  C   B "O4'" 1 
ATOM   886 C "C3'" . C   B 1 22 ? -24.120 -7.232  -16.602 1.00 61.60 ? 45  C   B "C3'" 1 
ATOM   887 O "O3'" . C   B 1 22 ? -25.331 -7.952  -16.877 1.00 63.80 ? 45  C   B "O3'" 1 
ATOM   888 C "C2'" . C   B 1 22 ? -24.234 -5.917  -15.835 1.00 61.18 ? 45  C   B "C2'" 1 
ATOM   889 O "O2'" . C   B 1 22 ? -25.142 -5.971  -14.751 1.00 60.81 ? 45  C   B "O2'" 1 
ATOM   890 C "C1'" . C   B 1 22 ? -22.810 -5.756  -15.297 1.00 60.97 ? 45  C   B "C1'" 1 
ATOM   891 N N1    . C   B 1 22 ? -21.978 -4.871  -16.125 1.00 61.10 ? 45  C   B N1    1 
ATOM   892 C C2    . C   B 1 22 ? -21.896 -3.517  -15.791 1.00 61.79 ? 45  C   B C2    1 
ATOM   893 O O2    . C   B 1 22 ? -22.540 -3.096  -14.810 1.00 63.94 ? 45  C   B O2    1 
ATOM   894 N N3    . C   B 1 22 ? -21.119 -2.700  -16.540 1.00 60.56 ? 45  C   B N3    1 
ATOM   895 C C4    . C   B 1 22 ? -20.446 -3.193  -17.583 1.00 60.79 ? 45  C   B C4    1 
ATOM   896 N N4    . C   B 1 22 ? -19.678 -2.357  -18.290 1.00 60.94 ? 45  C   B N4    1 
ATOM   897 C C5    . C   B 1 22 ? -20.525 -4.565  -17.951 1.00 61.01 ? 45  C   B C5    1 
ATOM   898 C C6    . C   B 1 22 ? -21.296 -5.360  -17.201 1.00 61.31 ? 45  C   B C6    1 
HETATM 899 O O3A   . XXX C 2 .  ? -10.886 1.920   -10.979 1.00 35.48 ? 51  XXX B O3A   1 
HETATM 900 C C4A   . XXX C 2 .  ? -11.230 2.250   -12.348 1.00 34.85 ? 51  XXX B C4A   1 
HETATM 901 C C5A   . XXX C 2 .  ? -11.900 0.998   -13.034 1.00 34.85 ? 51  XXX B C5A   1 
HETATM 902 O O4A   . XXX C 2 .  ? -13.086 0.588   -12.341 1.00 37.75 ? 51  XXX B O4A   1 
HETATM 903 C C6A   . XXX C 2 .  ? -12.283 1.316   -14.458 1.00 31.43 ? 51  XXX B C6A   1 
HETATM 904 N N1    . XXX C 2 .  ? -12.914 0.109   -15.094 1.00 32.61 ? 51  XXX B N1    1 
HETATM 905 C C7    . XXX C 2 .  ? -11.020 1.746   -15.240 1.00 32.79 ? 51  XXX B C7    1 
HETATM 906 C C8    . XXX C 2 .  ? -10.413 2.993   -14.532 1.00 33.69 ? 51  XXX B C8    1 
HETATM 907 N N2    . XXX C 2 .  ? -9.186  3.371   -15.353 1.00 34.64 ? 51  XXX B N2    1 
HETATM 908 C C9    . XXX C 2 .  ? -9.929  2.637   -13.157 1.00 33.89 ? 51  XXX B C9    1 
HETATM 909 O O1    . XXX C 2 .  ? -9.380  3.730   -12.533 1.00 33.28 ? 51  XXX B O1    1 
HETATM 910 C C1    . XXX C 2 .  ? -8.811  3.622   -11.269 1.00 33.37 ? 51  XXX B C1    1 
HETATM 911 O O5    . XXX C 2 .  ? -7.323  3.416   -11.546 1.00 30.10 ? 51  XXX B O5    1 
HETATM 912 C C5    . XXX C 2 .  ? -6.686  4.582   -12.231 1.00 32.27 ? 51  XXX B C5    1 
HETATM 913 C C6    . XXX C 2 .  ? -5.181  4.324   -12.457 1.00 30.93 ? 51  XXX B C6    1 
HETATM 914 N N3    . XXX C 2 .  ? -4.978  3.120   -13.308 1.00 34.71 ? 51  XXX B N3    1 
HETATM 915 C C4    . XXX C 2 .  ? -6.846  5.795   -11.365 1.00 32.38 ? 51  XXX B C4    1 
HETATM 916 O O4    . XXX C 2 .  ? -6.267  6.879   -12.008 1.00 32.72 ? 51  XXX B O4    1 
HETATM 917 C C3    . XXX C 2 .  ? -8.293  6.092   -11.098 1.00 33.07 ? 51  XXX B C3    1 
HETATM 918 O O3    . XXX C 2 .  ? -8.416  7.245   -10.253 1.00 36.03 ? 51  XXX B O3    1 
HETATM 919 C C2    . XXX C 2 .  ? -8.910  4.919   -10.417 1.00 33.16 ? 51  XXX B C2    1 
HETATM 920 N N4    . XXX C 2 .  ? -10.361 5.209   -10.135 1.00 36.30 ? 51  XXX B N4    1 
HETATM 921 O O     . HOH D 3 .  ? -1.745  -4.363  11.515  1.00 53.42 ? 102 HOH A O     1 
HETATM 922 O O     . HOH D 3 .  ? 21.103  -2.452  13.472  1.00 59.87 ? 103 HOH A O     1 
HETATM 923 O O     . HOH D 3 .  ? -7.172  -7.949  -12.854 1.00 45.84 ? 104 HOH A O     1 
HETATM 924 O O     . HOH D 3 .  ? 18.600  -1.645  3.553   1.00 60.84 ? 105 HOH A O     1 
HETATM 925 O O     . HOH D 3 .  ? 4.600   2.206   -2.727  1.00 61.82 ? 106 HOH A O     1 
HETATM 926 O O     . HOH D 3 .  ? 29.845  -0.636  14.859  1.00 61.88 ? 108 HOH A O     1 
HETATM 927 O O     . HOH D 3 .  ? 2.902   3.026   2.325   1.00 52.23 ? 110 HOH A O     1 
HETATM 928 O O     . HOH D 3 .  ? 22.677  8.807   12.345  1.00 53.73 ? 112 HOH A O     1 
HETATM 929 O O     . HOH D 3 .  ? 9.344   -5.759  20.177  1.00 52.51 ? 113 HOH A O     1 
HETATM 930 O O     . HOH D 3 .  ? 12.129  -9.565  18.062  1.00 61.90 ? 114 HOH A O     1 
HETATM 931 O O     . HOH D 3 .  ? -3.980  6.681   7.184   1.00 36.46 ? 116 HOH A O     1 
HETATM 932 O O     . HOH D 3 .  ? 1.065   1.168   -0.370  1.00 62.04 ? 118 HOH A O     1 
HETATM 933 O O     . HOH E 3 .  ? -2.527  -0.796  -0.086  1.00 42.02 ? 100 HOH B O     1 
HETATM 934 O O     . HOH E 3 .  ? -2.956  7.308   -12.318 1.00 61.43 ? 101 HOH B O     1 
HETATM 935 O O     . HOH E 3 .  ? 16.117  -2.303  25.150  1.00 59.30 ? 107 HOH B O     1 
HETATM 936 O O     . HOH E 3 .  ? -1.419  8.914   -15.610 1.00 57.00 ? 109 HOH B O     1 
HETATM 937 O O     . HOH E 3 .  ? -4.893  -8.124  -17.839 1.00 54.13 ? 111 HOH B O     1 
HETATM 938 O O     . HOH E 3 .  ? -6.358  4.487   -15.203 1.00 75.54 ? 115 HOH B O     1 
HETATM 939 O O     . HOH E 3 .  ? -7.350  1.982   -5.560  1.00 41.06 ? 117 HOH B O     1 
HETATM 940 O O     . HOH E 3 .  ? -5.799  7.378   5.142   1.00 36.60 ? 119 HOH B O     1 
HETATM 941 O O     . HOH E 3 .  ? 8.156   0.024   6.366   1.00 41.20 ? 120 HOH B O     1 
# 
loop_
_pdbx_poly_seq_scheme.asym_id 
_pdbx_poly_seq_scheme.entity_id 
_pdbx_poly_seq_scheme.seq_id 
_pdbx_poly_seq_scheme.mon_id 
_pdbx_poly_seq_scheme.ndb_seq_num 
_pdbx_poly_seq_scheme.pdb_seq_num 
_pdbx_poly_seq_scheme.auth_seq_num 
_pdbx_poly_seq_scheme.pdb_mon_id 
_pdbx_poly_seq_scheme.auth_mon_id 
_pdbx_poly_seq_scheme.pdb_strand_id 
_pdbx_poly_seq_scheme.pdb_ins_code 
_pdbx_poly_seq_scheme.hetero 
A 1 1  C 1  1  ?  ? ? A . n 
A 1 2  G 2  2  2  G G A . n 
A 1 3  C 3  3  3  C C A . n 
A 1 4  G 4  4  4  G G A . n 
A 1 5  U 5  5  5  U U A . n 
A 1 6  C 6  6  6  C C A . n 
A 1 7  A 7  7  7  A A A . n 
A 1 8  C 8  8  8  C C A . n 
A 1 9  A 9  9  9  A A A . n 
A 1 10 C 10 10 10 C C A . n 
A 1 11 C 11 11 11 C C A . n 
A 1 12 G 12 12 12 G G A . n 
A 1 13 G 13 13 13 G G A . n 
A 1 14 U 14 14 14 U U A . n 
A 1 15 G 15 15 15 G G A . n 
A 1 16 A 16 16 16 A A A . n 
A 1 17 A 17 17 17 A A A . n 
A 1 18 G 18 18 18 G G A . n 
A 1 19 U 19 19 19 U U A . n 
A 1 20 C 20 20 20 C C A . n 
A 1 21 G 21 21 21 G G A . n 
A 1 22 C 22 22 22 C C A . n 
B 1 1  C 1  24 ?  ? ? B . n 
B 1 2  G 2  25 25 G G B . n 
B 1 3  C 3  26 26 C C B . n 
B 1 4  G 4  27 27 G G B . n 
B 1 5  U 5  28 28 U U B . n 
B 1 6  C 6  29 29 C C B . n 
B 1 7  A 7  30 30 A A B . n 
B 1 8  C 8  31 31 C C B . n 
B 1 9  A 9  32 32 A A B . n 
B 1 10 C 10 33 33 C C B . n 
B 1 11 C 11 34 34 C C B . n 
B 1 12 G 12 35 35 G G B . n 
B 1 13 G 13 36 36 G G B . n 
B 1 14 U 14 37 37 U U B . n 
B 1 15 G 15 38 38 G G B . n 
B 1 16 A 16 39 39 A A B . n 
B 1 17 A 17 40 40 A A B . n 
B 1 18 G 18 41 41 G G B . n 
B 1 19 U 19 42 42 U U B . n 
B 1 20 C 20 43 43 C C B . n 
B 1 21 G 21 44 44 G G B . n 
B 1 22 C 22 45 45 C C B . n 
# 
loop_
_pdbx_nonpoly_scheme.asym_id 
_pdbx_nonpoly_scheme.entity_id 
_pdbx_nonpoly_scheme.mon_id 
_pdbx_nonpoly_scheme.ndb_seq_num 
_pdbx_nonpoly_scheme.pdb_seq_num 
_pdbx_nonpoly_scheme.auth_seq_num 
_pdbx_nonpoly_scheme.pdb_mon_id 
_pdbx_nonpoly_scheme.auth_mon_id 
_pdbx_nonpoly_scheme.pdb_strand_id 
_pdbx_nonpoly_scheme.pdb_ins_code 
C 2 XXX 1  51  51  XXX XXX B . 
D 3 HOH 1  102 102 HOH WAT A . 
D 3 HOH 2  103 103 HOH WAT A . 
D 3 HOH 3  104 104 HOH WAT A . 
D 3 HOH 4  105 105 HOH WAT A . 
D 3 HOH 5  106 106 HOH WAT A . 
D 3 HOH 6  108 108 HOH WAT A . 
D 3 HOH 7  110 110 HOH WAT A . 
D 3 HOH 8  112 112 HOH WAT A . 
D 3 HOH 9  113 113 HOH WAT A . 
D 3 HOH 10 114 114 HOH WAT A . 
D 3 HOH 11 116 116 HOH WAT A . 
D 3 HOH 12 118 118 HOH WAT A . 
E 3 HOH 1  100 100 HOH WAT B . 
E 3 HOH 2  101 101 HOH WAT B . 
E 3 HOH 3  107 107 HOH WAT B . 
E 3 HOH 4  109 109 HOH WAT B . 
E 3 HOH 5  111 111 HOH WAT B . 
E 3 HOH 6  115 115 HOH WAT B . 
E 3 HOH 7  117 117 HOH WAT B . 
E 3 HOH 8  119 119 HOH WAT B . 
E 3 HOH 9  120 120 HOH WAT B . 
# 
_struct_site_keywords.site_id   1 
_struct_site_keywords.text      INTERCALATION 
# 
_pdbx_struct_assembly.id                   1 
_pdbx_struct_assembly.details              author_defined_assembly 
_pdbx_struct_assembly.method_details       ? 
_pdbx_struct_assembly.oligomeric_details   dimeric 
_pdbx_struct_assembly.oligomeric_count     2 
# 
_pdbx_struct_assembly_gen.assembly_id       1 
_pdbx_struct_assembly_gen.oper_expression   1 
_pdbx_struct_assembly_gen.asym_id_list      A,B,C,D,E 
# 
_pdbx_struct_oper_list.id                   1 
_pdbx_struct_oper_list.type                 'identity operation' 
_pdbx_struct_oper_list.name                 1_555 
_pdbx_struct_oper_list.symmetry_operation   x,y,z 
_pdbx_struct_oper_list.matrix[1][1]         1.0000000000 
_pdbx_struct_oper_list.matrix[1][2]         0.0000000000 
_pdbx_struct_oper_list.matrix[1][3]         0.0000000000 
_pdbx_struct_oper_list.vector[1]            0.0000000000 
_pdbx_struct_oper_list.matrix[2][1]         0.0000000000 
_pdbx_struct_oper_list.matrix[2][2]         1.0000000000 
_pdbx_struct_oper_list.matrix[2][3]         0.0000000000 
_pdbx_struct_oper_list.vector[2]            0.0000000000 
_pdbx_struct_oper_list.matrix[3][1]         0.0000000000 
_pdbx_struct_oper_list.matrix[3][2]         0.0000000000 
_pdbx_struct_oper_list.matrix[3][3]         1.0000000000 
_pdbx_struct_oper_list.vector[3]            0.0000000000 
# 
loop_
_pdbx_audit_revision_history.ordinal 
_pdbx_audit_revision_history.data_content_type 
_pdbx_audit_revision_history.major_revision 
_pdbx_audit_revision_history.minor_revision 
_pdbx_audit_revision_history.revision_date 
1 'Structure model' 1 0 2005-12-13 
2 'Structure model' 1 1 2008-05-01 
3 'Structure model' 1 2 2011-07-13 
4 'Structure model' 2 0 2020-07-29 
5 'Structure model' 2 1 2023-08-23 
# 
loop_
_pdbx_audit_revision_details.ordinal 
_pdbx_audit_revision_details.revision_ordinal 
_pdbx_audit_revision_details.data_content_type 
_pdbx_audit_revision_details.provider 
_pdbx_audit_revision_details.type 
_pdbx_audit_revision_details.description 
_pdbx_audit_revision_details.details 
1 1 'Structure model' repository 'Initial release' ?                          ? 
2 4 'Structure model' repository Remediation       'Carbohydrate remediation' ? 
# 
loop_
_pdbx_audit_revision_group.ordinal 
_pdbx_audit_revision_group.revision_ordinal 
_pdbx_audit_revision_group.data_content_type 
_pdbx_audit_revision_group.group 
1 2 'Structure model' 'Version format compliance' 
2 3 'Structure model' 'Version format compliance' 
3 4 'Structure model' 'Atomic model'              
4 4 'Structure model' 'Derived calculations'      
5 4 'Structure model' 'Structure summary'         
6 5 'Structure model' 'Data collection'           
7 5 'Structure model' 'Database references'       
8 5 'Structure model' 'Refinement description'    
9 5 'Structure model' 'Structure summary'         
# 
loop_
_pdbx_audit_revision_category.ordinal 
_pdbx_audit_revision_category.revision_ordinal 
_pdbx_audit_revision_category.data_content_type 
_pdbx_audit_revision_category.category 
1  4 'Structure model' atom_site                     
2  4 'Structure model' chem_comp                     
3  4 'Structure model' entity                        
4  4 'Structure model' pdbx_entity_nonpoly           
5  4 'Structure model' struct_site                   
6  4 'Structure model' struct_site_gen               
7  5 'Structure model' chem_comp                     
8  5 'Structure model' chem_comp_atom                
9  5 'Structure model' chem_comp_bond                
10 5 'Structure model' database_2                    
11 5 'Structure model' pdbx_initial_refinement_model 
# 
loop_
_pdbx_audit_revision_item.ordinal 
_pdbx_audit_revision_item.revision_ordinal 
_pdbx_audit_revision_item.data_content_type 
_pdbx_audit_revision_item.item 
1  4 'Structure model' '_atom_site.auth_atom_id'             
2  4 'Structure model' '_atom_site.label_atom_id'            
3  4 'Structure model' '_chem_comp.name'                     
4  4 'Structure model' '_chem_comp.pdbx_synonyms'            
5  4 'Structure model' '_chem_comp.type'                     
6  4 'Structure model' '_entity.pdbx_description'            
7  4 'Structure model' '_pdbx_entity_nonpoly.name'           
8  5 'Structure model' '_chem_comp.pdbx_synonyms'            
9  5 'Structure model' '_database_2.pdbx_DOI'                
10 5 'Structure model' '_database_2.pdbx_database_accession' 
# 
loop_
_software.name 
_software.classification 
_software.version 
_software.citation_id 
_software.pdbx_ordinal 
HKL-2000  'data collection' .   ? 1 
SCALEPACK 'data scaling'    .   ? 2 
AMoRE     phasing           .   ? 3 
CNS       refinement        1.1 ? 4 
HKL-2000  'data reduction'  .   ? 5 
# 
loop_
_pdbx_unobs_or_zero_occ_residues.id 
_pdbx_unobs_or_zero_occ_residues.PDB_model_num 
_pdbx_unobs_or_zero_occ_residues.polymer_flag 
_pdbx_unobs_or_zero_occ_residues.occupancy_flag 
_pdbx_unobs_or_zero_occ_residues.auth_asym_id 
_pdbx_unobs_or_zero_occ_residues.auth_comp_id 
_pdbx_unobs_or_zero_occ_residues.auth_seq_id 
_pdbx_unobs_or_zero_occ_residues.PDB_ins_code 
_pdbx_unobs_or_zero_occ_residues.label_asym_id 
_pdbx_unobs_or_zero_occ_residues.label_comp_id 
_pdbx_unobs_or_zero_occ_residues.label_seq_id 
1 1 Y 1 A C 1  ? A C 1 
2 1 Y 1 B C 24 ? B C 1 
# 
loop_
_chem_comp_atom.comp_id 
_chem_comp_atom.atom_id 
_chem_comp_atom.type_symbol 
_chem_comp_atom.pdbx_aromatic_flag 
_chem_comp_atom.pdbx_stereo_config 
_chem_comp_atom.pdbx_ordinal 
A   OP3    O N N 1   
A   P      P N N 2   
A   OP1    O N N 3   
A   OP2    O N N 4   
A   "O5'"  O N N 5   
A   "C5'"  C N N 6   
A   "C4'"  C N R 7   
A   "O4'"  O N N 8   
A   "C3'"  C N S 9   
A   "O3'"  O N N 10  
A   "C2'"  C N R 11  
A   "O2'"  O N N 12  
A   "C1'"  C N R 13  
A   N9     N Y N 14  
A   C8     C Y N 15  
A   N7     N Y N 16  
A   C5     C Y N 17  
A   C6     C Y N 18  
A   N6     N N N 19  
A   N1     N Y N 20  
A   C2     C Y N 21  
A   N3     N Y N 22  
A   C4     C Y N 23  
A   HOP3   H N N 24  
A   HOP2   H N N 25  
A   "H5'"  H N N 26  
A   "H5''" H N N 27  
A   "H4'"  H N N 28  
A   "H3'"  H N N 29  
A   "HO3'" H N N 30  
A   "H2'"  H N N 31  
A   "HO2'" H N N 32  
A   "H1'"  H N N 33  
A   H8     H N N 34  
A   H61    H N N 35  
A   H62    H N N 36  
A   H2     H N N 37  
C   OP3    O N N 38  
C   P      P N N 39  
C   OP1    O N N 40  
C   OP2    O N N 41  
C   "O5'"  O N N 42  
C   "C5'"  C N N 43  
C   "C4'"  C N R 44  
C   "O4'"  O N N 45  
C   "C3'"  C N S 46  
C   "O3'"  O N N 47  
C   "C2'"  C N R 48  
C   "O2'"  O N N 49  
C   "C1'"  C N R 50  
C   N1     N N N 51  
C   C2     C N N 52  
C   O2     O N N 53  
C   N3     N N N 54  
C   C4     C N N 55  
C   N4     N N N 56  
C   C5     C N N 57  
C   C6     C N N 58  
C   HOP3   H N N 59  
C   HOP2   H N N 60  
C   "H5'"  H N N 61  
C   "H5''" H N N 62  
C   "H4'"  H N N 63  
C   "H3'"  H N N 64  
C   "HO3'" H N N 65  
C   "H2'"  H N N 66  
C   "HO2'" H N N 67  
C   "H1'"  H N N 68  
C   H41    H N N 69  
C   H42    H N N 70  
C   H5     H N N 71  
C   H6     H N N 72  
G   OP3    O N N 73  
G   P      P N N 74  
G   OP1    O N N 75  
G   OP2    O N N 76  
G   "O5'"  O N N 77  
G   "C5'"  C N N 78  
G   "C4'"  C N R 79  
G   "O4'"  O N N 80  
G   "C3'"  C N S 81  
G   "O3'"  O N N 82  
G   "C2'"  C N R 83  
G   "O2'"  O N N 84  
G   "C1'"  C N R 85  
G   N9     N Y N 86  
G   C8     C Y N 87  
G   N7     N Y N 88  
G   C5     C Y N 89  
G   C6     C N N 90  
G   O6     O N N 91  
G   N1     N N N 92  
G   C2     C N N 93  
G   N2     N N N 94  
G   N3     N N N 95  
G   C4     C Y N 96  
G   HOP3   H N N 97  
G   HOP2   H N N 98  
G   "H5'"  H N N 99  
G   "H5''" H N N 100 
G   "H4'"  H N N 101 
G   "H3'"  H N N 102 
G   "HO3'" H N N 103 
G   "H2'"  H N N 104 
G   "HO2'" H N N 105 
G   "H1'"  H N N 106 
G   H8     H N N 107 
G   H1     H N N 108 
G   H21    H N N 109 
G   H22    H N N 110 
HOH O      O N N 111 
HOH H1     H N N 112 
HOH H2     H N N 113 
U   OP3    O N N 114 
U   P      P N N 115 
U   OP1    O N N 116 
U   OP2    O N N 117 
U   "O5'"  O N N 118 
U   "C5'"  C N N 119 
U   "C4'"  C N R 120 
U   "O4'"  O N N 121 
U   "C3'"  C N S 122 
U   "O3'"  O N N 123 
U   "C2'"  C N R 124 
U   "O2'"  O N N 125 
U   "C1'"  C N R 126 
U   N1     N N N 127 
U   C2     C N N 128 
U   O2     O N N 129 
U   N3     N N N 130 
U   C4     C N N 131 
U   O4     O N N 132 
U   C5     C N N 133 
U   C6     C N N 134 
U   HOP3   H N N 135 
U   HOP2   H N N 136 
U   "H5'"  H N N 137 
U   "H5''" H N N 138 
U   "H4'"  H N N 139 
U   "H3'"  H N N 140 
U   "HO3'" H N N 141 
U   "H2'"  H N N 142 
U   "HO2'" H N N 143 
U   "H1'"  H N N 144 
U   H3     H N N 145 
U   H5     H N N 146 
U   H6     H N N 147 
XXX O3A    O N N 148 
XXX C4A    C N R 149 
XXX C5A    C N S 150 
XXX O4A    O N N 151 
XXX C6A    C N R 152 
XXX N1     N N N 153 
XXX C7     C N N 154 
XXX C8     C N S 155 
XXX N2     N N N 156 
XXX C9     C N R 157 
XXX O1     O N N 158 
XXX C1     C N R 159 
XXX O5     O N N 160 
XXX C5     C N R 161 
XXX C6     C N N 162 
XXX N3     N N N 163 
XXX C4     C N S 164 
XXX O4     O N N 165 
XXX C3     C N R 166 
XXX O3     O N N 167 
XXX C2     C N R 168 
XXX N4     N N N 169 
XXX HO3A   H N N 170 
XXX H4A    H N N 171 
XXX H5A    H N N 172 
XXX HO4A   H N N 173 
XXX H6     H N N 174 
XXX HN11   H N N 175 
XXX HN12   H N N 176 
XXX H71    H N N 177 
XXX H72    H N N 178 
XXX H8     H N N 179 
XXX HN21   H N N 180 
XXX HN22   H N N 181 
XXX H9     H N N 182 
XXX H1     H N N 183 
XXX H5     H N N 184 
XXX H61    H N N 185 
XXX H62    H N N 186 
XXX HN31   H N N 187 
XXX HN32   H N N 188 
XXX H4     H N N 189 
XXX HO4    H N N 190 
XXX H3     H N N 191 
XXX HO3    H N N 192 
XXX H2     H N N 193 
XXX HN41   H N N 194 
XXX HN42   H N N 195 
# 
loop_
_chem_comp_bond.comp_id 
_chem_comp_bond.atom_id_1 
_chem_comp_bond.atom_id_2 
_chem_comp_bond.value_order 
_chem_comp_bond.pdbx_aromatic_flag 
_chem_comp_bond.pdbx_stereo_config 
_chem_comp_bond.pdbx_ordinal 
A   OP3   P      sing N N 1   
A   OP3   HOP3   sing N N 2   
A   P     OP1    doub N N 3   
A   P     OP2    sing N N 4   
A   P     "O5'"  sing N N 5   
A   OP2   HOP2   sing N N 6   
A   "O5'" "C5'"  sing N N 7   
A   "C5'" "C4'"  sing N N 8   
A   "C5'" "H5'"  sing N N 9   
A   "C5'" "H5''" sing N N 10  
A   "C4'" "O4'"  sing N N 11  
A   "C4'" "C3'"  sing N N 12  
A   "C4'" "H4'"  sing N N 13  
A   "O4'" "C1'"  sing N N 14  
A   "C3'" "O3'"  sing N N 15  
A   "C3'" "C2'"  sing N N 16  
A   "C3'" "H3'"  sing N N 17  
A   "O3'" "HO3'" sing N N 18  
A   "C2'" "O2'"  sing N N 19  
A   "C2'" "C1'"  sing N N 20  
A   "C2'" "H2'"  sing N N 21  
A   "O2'" "HO2'" sing N N 22  
A   "C1'" N9     sing N N 23  
A   "C1'" "H1'"  sing N N 24  
A   N9    C8     sing Y N 25  
A   N9    C4     sing Y N 26  
A   C8    N7     doub Y N 27  
A   C8    H8     sing N N 28  
A   N7    C5     sing Y N 29  
A   C5    C6     sing Y N 30  
A   C5    C4     doub Y N 31  
A   C6    N6     sing N N 32  
A   C6    N1     doub Y N 33  
A   N6    H61    sing N N 34  
A   N6    H62    sing N N 35  
A   N1    C2     sing Y N 36  
A   C2    N3     doub Y N 37  
A   C2    H2     sing N N 38  
A   N3    C4     sing Y N 39  
C   OP3   P      sing N N 40  
C   OP3   HOP3   sing N N 41  
C   P     OP1    doub N N 42  
C   P     OP2    sing N N 43  
C   P     "O5'"  sing N N 44  
C   OP2   HOP2   sing N N 45  
C   "O5'" "C5'"  sing N N 46  
C   "C5'" "C4'"  sing N N 47  
C   "C5'" "H5'"  sing N N 48  
C   "C5'" "H5''" sing N N 49  
C   "C4'" "O4'"  sing N N 50  
C   "C4'" "C3'"  sing N N 51  
C   "C4'" "H4'"  sing N N 52  
C   "O4'" "C1'"  sing N N 53  
C   "C3'" "O3'"  sing N N 54  
C   "C3'" "C2'"  sing N N 55  
C   "C3'" "H3'"  sing N N 56  
C   "O3'" "HO3'" sing N N 57  
C   "C2'" "O2'"  sing N N 58  
C   "C2'" "C1'"  sing N N 59  
C   "C2'" "H2'"  sing N N 60  
C   "O2'" "HO2'" sing N N 61  
C   "C1'" N1     sing N N 62  
C   "C1'" "H1'"  sing N N 63  
C   N1    C2     sing N N 64  
C   N1    C6     sing N N 65  
C   C2    O2     doub N N 66  
C   C2    N3     sing N N 67  
C   N3    C4     doub N N 68  
C   C4    N4     sing N N 69  
C   C4    C5     sing N N 70  
C   N4    H41    sing N N 71  
C   N4    H42    sing N N 72  
C   C5    C6     doub N N 73  
C   C5    H5     sing N N 74  
C   C6    H6     sing N N 75  
G   OP3   P      sing N N 76  
G   OP3   HOP3   sing N N 77  
G   P     OP1    doub N N 78  
G   P     OP2    sing N N 79  
G   P     "O5'"  sing N N 80  
G   OP2   HOP2   sing N N 81  
G   "O5'" "C5'"  sing N N 82  
G   "C5'" "C4'"  sing N N 83  
G   "C5'" "H5'"  sing N N 84  
G   "C5'" "H5''" sing N N 85  
G   "C4'" "O4'"  sing N N 86  
G   "C4'" "C3'"  sing N N 87  
G   "C4'" "H4'"  sing N N 88  
G   "O4'" "C1'"  sing N N 89  
G   "C3'" "O3'"  sing N N 90  
G   "C3'" "C2'"  sing N N 91  
G   "C3'" "H3'"  sing N N 92  
G   "O3'" "HO3'" sing N N 93  
G   "C2'" "O2'"  sing N N 94  
G   "C2'" "C1'"  sing N N 95  
G   "C2'" "H2'"  sing N N 96  
G   "O2'" "HO2'" sing N N 97  
G   "C1'" N9     sing N N 98  
G   "C1'" "H1'"  sing N N 99  
G   N9    C8     sing Y N 100 
G   N9    C4     sing Y N 101 
G   C8    N7     doub Y N 102 
G   C8    H8     sing N N 103 
G   N7    C5     sing Y N 104 
G   C5    C6     sing N N 105 
G   C5    C4     doub Y N 106 
G   C6    O6     doub N N 107 
G   C6    N1     sing N N 108 
G   N1    C2     sing N N 109 
G   N1    H1     sing N N 110 
G   C2    N2     sing N N 111 
G   C2    N3     doub N N 112 
G   N2    H21    sing N N 113 
G   N2    H22    sing N N 114 
G   N3    C4     sing N N 115 
HOH O     H1     sing N N 116 
HOH O     H2     sing N N 117 
U   OP3   P      sing N N 118 
U   OP3   HOP3   sing N N 119 
U   P     OP1    doub N N 120 
U   P     OP2    sing N N 121 
U   P     "O5'"  sing N N 122 
U   OP2   HOP2   sing N N 123 
U   "O5'" "C5'"  sing N N 124 
U   "C5'" "C4'"  sing N N 125 
U   "C5'" "H5'"  sing N N 126 
U   "C5'" "H5''" sing N N 127 
U   "C4'" "O4'"  sing N N 128 
U   "C4'" "C3'"  sing N N 129 
U   "C4'" "H4'"  sing N N 130 
U   "O4'" "C1'"  sing N N 131 
U   "C3'" "O3'"  sing N N 132 
U   "C3'" "C2'"  sing N N 133 
U   "C3'" "H3'"  sing N N 134 
U   "O3'" "HO3'" sing N N 135 
U   "C2'" "O2'"  sing N N 136 
U   "C2'" "C1'"  sing N N 137 
U   "C2'" "H2'"  sing N N 138 
U   "O2'" "HO2'" sing N N 139 
U   "C1'" N1     sing N N 140 
U   "C1'" "H1'"  sing N N 141 
U   N1    C2     sing N N 142 
U   N1    C6     sing N N 143 
U   C2    O2     doub N N 144 
U   C2    N3     sing N N 145 
U   N3    C4     sing N N 146 
U   N3    H3     sing N N 147 
U   C4    O4     doub N N 148 
U   C4    C5     sing N N 149 
U   C5    C6     doub N N 150 
U   C5    H5     sing N N 151 
U   C6    H6     sing N N 152 
XXX O3A   C4A    sing N N 153 
XXX O3A   HO3A   sing N N 154 
XXX C4A   C5A    sing N N 155 
XXX C4A   C9     sing N N 156 
XXX C4A   H4A    sing N N 157 
XXX C5A   O4A    sing N N 158 
XXX C5A   C6A    sing N N 159 
XXX C5A   H5A    sing N N 160 
XXX O4A   HO4A   sing N N 161 
XXX C6A   N1     sing N N 162 
XXX C6A   C7     sing N N 163 
XXX C6A   H6     sing N N 164 
XXX N1    HN11   sing N N 165 
XXX N1    HN12   sing N N 166 
XXX C7    C8     sing N N 167 
XXX C7    H71    sing N N 168 
XXX C7    H72    sing N N 169 
XXX C8    N2     sing N N 170 
XXX C8    C9     sing N N 171 
XXX C8    H8     sing N N 172 
XXX N2    HN21   sing N N 173 
XXX N2    HN22   sing N N 174 
XXX C9    O1     sing N N 175 
XXX C9    H9     sing N N 176 
XXX O1    C1     sing N N 177 
XXX C1    O5     sing N N 178 
XXX C1    C2     sing N N 179 
XXX C1    H1     sing N N 180 
XXX O5    C5     sing N N 181 
XXX C5    C6     sing N N 182 
XXX C5    C4     sing N N 183 
XXX C5    H5     sing N N 184 
XXX C6    N3     sing N N 185 
XXX C6    H61    sing N N 186 
XXX C6    H62    sing N N 187 
XXX N3    HN31   sing N N 188 
XXX N3    HN32   sing N N 189 
XXX C4    O4     sing N N 190 
XXX C4    C3     sing N N 191 
XXX C4    H4     sing N N 192 
XXX O4    HO4    sing N N 193 
XXX C3    O3     sing N N 194 
XXX C3    C2     sing N N 195 
XXX C3    H3     sing N N 196 
XXX O3    HO3    sing N N 197 
XXX C2    N4     sing N N 198 
XXX C2    H2     sing N N 199 
XXX N4    HN41   sing N N 200 
XXX N4    HN42   sing N N 201 
# 
loop_
_ndb_struct_conf_na.entry_id 
_ndb_struct_conf_na.feature 
2ET8 'double helix'         
2ET8 'a-form double helix'  
2ET8 'mismatched base pair' 
2ET8 'internal loop'        
# 
loop_
_ndb_struct_na_base_pair.model_number 
_ndb_struct_na_base_pair.i_label_asym_id 
_ndb_struct_na_base_pair.i_label_comp_id 
_ndb_struct_na_base_pair.i_label_seq_id 
_ndb_struct_na_base_pair.i_symmetry 
_ndb_struct_na_base_pair.j_label_asym_id 
_ndb_struct_na_base_pair.j_label_comp_id 
_ndb_struct_na_base_pair.j_label_seq_id 
_ndb_struct_na_base_pair.j_symmetry 
_ndb_struct_na_base_pair.shear 
_ndb_struct_na_base_pair.stretch 
_ndb_struct_na_base_pair.stagger 
_ndb_struct_na_base_pair.buckle 
_ndb_struct_na_base_pair.propeller 
_ndb_struct_na_base_pair.opening 
_ndb_struct_na_base_pair.pair_number 
_ndb_struct_na_base_pair.pair_name 
_ndb_struct_na_base_pair.i_auth_asym_id 
_ndb_struct_na_base_pair.i_auth_seq_id 
_ndb_struct_na_base_pair.i_PDB_ins_code 
_ndb_struct_na_base_pair.j_auth_asym_id 
_ndb_struct_na_base_pair.j_auth_seq_id 
_ndb_struct_na_base_pair.j_PDB_ins_code 
_ndb_struct_na_base_pair.hbond_type_28 
_ndb_struct_na_base_pair.hbond_type_12 
1 A G 2  1_555 B C 22 1_555 -0.839 -0.436 -0.473 -13.994 -0.689  -0.820 1  A_G2:C45_B  A 2  ? B 45 ? 19 1 
1 A C 3  1_555 B G 21 1_555 -0.399 0.027  -0.166 7.505   -7.389  -3.738 2  A_C3:G44_B  A 3  ? B 44 ? 19 1 
1 A G 4  1_555 B C 20 1_555 0.500  -0.388 0.152  0.086   -8.460  1.870  3  A_G4:C43_B  A 4  ? B 43 ? 19 1 
1 A C 6  1_555 B G 18 1_555 0.012  -0.232 -0.163 -1.425  1.108   -1.071 4  A_C6:G41_B  A 6  ? B 41 ? 19 1 
1 A C 8  1_555 B G 15 1_555 0.478  -0.225 -0.276 11.654  -21.139 1.084  5  A_C8:G38_B  A 8  ? B 38 ? 19 1 
1 A A 9  1_555 B U 14 1_555 0.229  -0.004 0.266  4.463   -23.606 0.808  6  A_A9:U37_B  A 9  ? B 37 ? 20 1 
1 A C 10 1_555 B G 13 1_555 0.154  -0.085 0.031  8.607   -19.197 3.247  7  A_C10:G36_B A 10 ? B 36 ? 19 1 
1 A C 11 1_555 B G 12 1_555 -0.167 -0.202 0.113  8.364   -13.062 -0.222 8  A_C11:G35_B A 11 ? B 35 ? 19 1 
1 A G 12 1_555 B C 11 1_555 -0.630 0.074  0.051  4.519   -11.925 5.021  9  A_G12:C34_B A 12 ? B 34 ? 19 1 
1 A G 13 1_555 B C 10 1_555 -0.004 -0.114 0.086  -2.032  -11.965 -2.784 10 A_G13:C33_B A 13 ? B 33 ? 19 1 
1 A U 14 1_555 B A 9  1_555 0.396  -0.444 0.368  -10.194 -17.061 0.687  11 A_U14:A32_B A 14 ? B 32 ? 20 1 
1 A G 15 1_555 B C 8  1_555 -0.195 -0.201 1.181  2.087   -14.124 0.533  12 A_G15:C31_B A 15 ? B 31 ? 19 1 
1 A A 17 1_555 B A 7  1_555 -2.292 -3.050 0.797  -14.946 -20.890 81.810 13 A_A17:A30_B A 17 ? B 30 ? ?  ? 
1 A G 18 1_555 B C 6  1_555 1.294  0.123  0.355  14.785  2.718   -3.467 14 A_G18:C29_B A 18 ? B 29 ? 19 1 
1 A U 19 1_555 B U 5  1_555 -2.307 -2.019 0.067  8.644   -22.544 0.157  15 A_U19:U28_B A 19 ? B 28 ? 16 1 
1 A C 20 1_555 B G 4  1_555 0.721  -0.228 -0.137 6.488   -20.328 9.616  16 A_C20:G27_B A 20 ? B 27 ? 19 1 
1 A G 21 1_555 B C 3  1_555 -0.547 -0.294 -0.249 -3.215  -5.816  4.230  17 A_G21:C26_B A 21 ? B 26 ? 19 1 
1 A C 22 1_555 B G 2  1_555 1.229  -0.475 -0.266 -1.690  2.462   -3.071 18 A_C22:G25_B A 22 ? B 25 ? 19 1 
# 
loop_
_ndb_struct_na_base_pair_step.model_number 
_ndb_struct_na_base_pair_step.i_label_asym_id_1 
_ndb_struct_na_base_pair_step.i_label_comp_id_1 
_ndb_struct_na_base_pair_step.i_label_seq_id_1 
_ndb_struct_na_base_pair_step.i_symmetry_1 
_ndb_struct_na_base_pair_step.j_label_asym_id_1 
_ndb_struct_na_base_pair_step.j_label_comp_id_1 
_ndb_struct_na_base_pair_step.j_label_seq_id_1 
_ndb_struct_na_base_pair_step.j_symmetry_1 
_ndb_struct_na_base_pair_step.i_label_asym_id_2 
_ndb_struct_na_base_pair_step.i_label_comp_id_2 
_ndb_struct_na_base_pair_step.i_label_seq_id_2 
_ndb_struct_na_base_pair_step.i_symmetry_2 
_ndb_struct_na_base_pair_step.j_label_asym_id_2 
_ndb_struct_na_base_pair_step.j_label_comp_id_2 
_ndb_struct_na_base_pair_step.j_label_seq_id_2 
_ndb_struct_na_base_pair_step.j_symmetry_2 
_ndb_struct_na_base_pair_step.shift 
_ndb_struct_na_base_pair_step.slide 
_ndb_struct_na_base_pair_step.rise 
_ndb_struct_na_base_pair_step.tilt 
_ndb_struct_na_base_pair_step.roll 
_ndb_struct_na_base_pair_step.twist 
_ndb_struct_na_base_pair_step.x_displacement 
_ndb_struct_na_base_pair_step.y_displacement 
_ndb_struct_na_base_pair_step.helical_rise 
_ndb_struct_na_base_pair_step.inclination 
_ndb_struct_na_base_pair_step.tip 
_ndb_struct_na_base_pair_step.helical_twist 
_ndb_struct_na_base_pair_step.step_number 
_ndb_struct_na_base_pair_step.step_name 
_ndb_struct_na_base_pair_step.i_auth_asym_id_1 
_ndb_struct_na_base_pair_step.i_auth_seq_id_1 
_ndb_struct_na_base_pair_step.i_PDB_ins_code_1 
_ndb_struct_na_base_pair_step.j_auth_asym_id_1 
_ndb_struct_na_base_pair_step.j_auth_seq_id_1 
_ndb_struct_na_base_pair_step.j_PDB_ins_code_1 
_ndb_struct_na_base_pair_step.i_auth_asym_id_2 
_ndb_struct_na_base_pair_step.i_auth_seq_id_2 
_ndb_struct_na_base_pair_step.i_PDB_ins_code_2 
_ndb_struct_na_base_pair_step.j_auth_asym_id_2 
_ndb_struct_na_base_pair_step.j_auth_seq_id_2 
_ndb_struct_na_base_pair_step.j_PDB_ins_code_2 
1 A G 2  1_555 B C 22 1_555 A C 3  1_555 B G 21 1_555 -0.334 -1.618 2.931  -0.478  -4.160   32.098   -2.221 0.522  3.115 -7.484 
0.860  32.363   1  AA_G2C3:G44C45_BB   A 2  ? B 45 ? A 3  ? B 44 ? 
1 A C 3  1_555 B G 21 1_555 A G 4  1_555 B C 20 1_555 0.375  -2.241 3.432  -0.649  12.053   32.014   -5.589 -0.734 2.445 20.947 
1.127  34.159   2  AA_C3G4:C43G44_BB   A 3  ? B 44 ? A 4  ? B 43 ? 
1 A G 4  1_555 B C 20 1_555 A C 6  1_555 B G 18 1_555 0.724  -2.571 6.540  4.824   7.750    63.537   -3.076 -0.274 6.257 7.320  
-4.557 64.121   3  AA_G4C6:G41C43_BB   A 4  ? B 43 ? A 6  ? B 41 ? 
1 A C 6  1_555 B G 18 1_555 A C 8  1_555 B G 15 1_555 1.654  -3.224 6.229  -3.085  13.914   83.151   -3.010 -1.368 5.683 10.416 
2.310  84.144   4  AA_C6C8:G38G41_BB   A 6  ? B 41 ? A 8  ? B 38 ? 
1 A C 8  1_555 B G 15 1_555 A A 9  1_555 B U 14 1_555 -0.291 -1.592 3.266  -2.000  17.855   30.197   -5.002 0.219  2.050 31.060 
3.478  35.031   5  AA_C8A9:U37G38_BB   A 8  ? B 38 ? A 9  ? B 37 ? 
1 A A 9  1_555 B U 14 1_555 A C 10 1_555 B G 13 1_555 0.908  -1.758 3.056  3.165   2.941    29.918   -3.923 -1.149 2.952 5.659  
-6.091 30.221   6  AA_A9C10:G36U37_BB  A 9  ? B 37 ? A 10 ? B 36 ? 
1 A C 10 1_555 B G 13 1_555 A C 11 1_555 B G 12 1_555 -0.625 -1.968 3.366  -1.233  4.189    29.344   -4.720 0.963  3.084 8.211  
2.417  29.660   7  AA_C10C11:G35G36_BB A 10 ? B 36 ? A 11 ? B 35 ? 
1 A C 11 1_555 B G 12 1_555 A G 12 1_555 B C 11 1_555 -0.046 -1.734 3.263  -0.910  9.448    24.807   -6.030 -0.117 2.448 21.035 
2.025  26.534   8  AA_C11G12:C34G35_BB A 11 ? B 35 ? A 12 ? B 34 ? 
1 A G 12 1_555 B C 11 1_555 A G 13 1_555 B C 10 1_555 -0.045 -1.326 3.542  -0.777  3.329    37.525   -2.513 -0.038 3.417 5.162  
1.204  37.675   9  AA_G12G13:C33C34_BB A 12 ? B 34 ? A 13 ? B 33 ? 
1 A G 13 1_555 B C 10 1_555 A U 14 1_555 B A 9  1_555 0.435  -1.330 3.202  2.628   12.671   32.140   -4.021 -0.362 2.539 21.815 
-4.525 34.584   10 AA_G13U14:A32C33_BB A 13 ? B 33 ? A 14 ? B 32 ? 
1 A U 14 1_555 B A 9  1_555 A G 15 1_555 B C 8  1_555 0.365  -1.754 2.710  -1.477  6.008    29.645   -4.299 -0.929 2.297 11.583 
2.847  30.269   11 AA_U14G15:C31A32_BB A 14 ? B 32 ? A 15 ? B 31 ? 
1 A G 15 1_555 B C 8  1_555 A A 17 1_555 B A 7  1_555 -0.570 2.562  1.866  156.061 1.986    -145.036 -1.287 0.002  1.941 -1.000 
78.568 -172.860 12 AA_G15A17:A30C31_BB A 15 ? B 31 ? A 17 ? B 30 ? 
1 A A 17 1_555 B A 7  1_555 A G 18 1_555 B C 6  1_555 -4.831 -0.008 -0.947 128.792 -111.207 -136.769 -0.026 -2.452 0.460 55.829 
64.657 -176.379 13 AA_A17G18:C29A30_BB A 17 ? B 30 ? A 18 ? B 29 ? 
1 A G 18 1_555 B C 6  1_555 A U 19 1_555 B U 5  1_555 -0.149 -2.367 3.100  -1.304  6.483    21.450   -8.109 -0.024 2.298 16.907 
3.400  22.435   14 AA_G18U19:U28C29_BB A 18 ? B 29 ? A 19 ? B 28 ? 
1 A U 19 1_555 B U 5  1_555 A C 20 1_555 B G 4  1_555 0.146  -0.861 3.369  1.112   -0.322   47.548   -1.040 -0.089 3.376 -0.399 
-1.379 47.561   15 AA_U19C20:G27U28_BB A 19 ? B 28 ? A 20 ? B 27 ? 
1 A C 20 1_555 B G 4  1_555 A G 21 1_555 B C 3  1_555 -0.736 -2.079 3.575  -0.710  13.415   19.465   -9.131 1.585  1.807 34.814 
1.842  23.614   16 AA_C20G21:C26G27_BB A 20 ? B 27 ? A 21 ? B 26 ? 
1 A G 21 1_555 B C 3  1_555 A C 22 1_555 B G 2  1_555 0.045  -1.273 3.614  -0.310  -3.968   38.347   -1.376 -0.111 3.722 -6.021 
0.470  38.545   17 AA_G21C22:G25C26_BB A 21 ? B 26 ? A 22 ? B 25 ? 
# 
loop_
_pdbx_entity_nonpoly.entity_id 
_pdbx_entity_nonpoly.name 
_pdbx_entity_nonpoly.comp_id 
2 '(1R,2R,3S,4R,6S)-4,6-diamino-2,3-dihydroxycyclohexyl 2,6-diamino-2,6-dideoxy-alpha-D-glucopyranoside' XXX 
3 water                                                                                                  HOH 
# 
_pdbx_initial_refinement_model.id               1 
_pdbx_initial_refinement_model.entity_id_list   ? 
_pdbx_initial_refinement_model.type             'experimental model' 
_pdbx_initial_refinement_model.source_name      PDB 
_pdbx_initial_refinement_model.accession_code   1J7T 
_pdbx_initial_refinement_model.details          'PDB Entry: 1J7T' 
# 
